data_1LIC
# 
_entry.id   1LIC 
# 
_audit_conform.dict_name       mmcif_pdbx.dic 
_audit_conform.dict_version    5.403 
_audit_conform.dict_location   http://mmcif.pdb.org/dictionaries/ascii/mmcif_pdbx.dic 
# 
loop_
_database_2.database_id 
_database_2.database_code 
_database_2.pdbx_database_accession 
_database_2.pdbx_DOI 
PDB   1LIC         pdb_00001lic 10.2210/pdb1lic/pdb 
WWPDB D_1000174730 ?            ?                   
# 
loop_
_pdbx_audit_revision_history.ordinal 
_pdbx_audit_revision_history.data_content_type 
_pdbx_audit_revision_history.major_revision 
_pdbx_audit_revision_history.minor_revision 
_pdbx_audit_revision_history.revision_date 
_pdbx_audit_revision_history.part_number 
1 'Structure model' 1 0 1994-04-30 ? 
2 'Structure model' 1 1 2008-03-24 ? 
3 'Structure model' 1 2 2011-07-13 ? 
4 'Structure model' 1 3 2017-11-29 ? 
5 'Structure model' 1 4 2025-03-26 ? 
# 
_pdbx_audit_revision_details.ordinal             1 
_pdbx_audit_revision_details.revision_ordinal    1 
_pdbx_audit_revision_details.data_content_type   'Structure model' 
_pdbx_audit_revision_details.provider            repository 
_pdbx_audit_revision_details.type                'Initial release' 
_pdbx_audit_revision_details.description         ? 
_pdbx_audit_revision_details.details             ? 
# 
loop_
_pdbx_audit_revision_group.ordinal 
_pdbx_audit_revision_group.revision_ordinal 
_pdbx_audit_revision_group.data_content_type 
_pdbx_audit_revision_group.group 
1  2 'Structure model' 'Version format compliance' 
2  3 'Structure model' 'Version format compliance' 
3  4 'Structure model' Advisory                    
4  4 'Structure model' 'Derived calculations'      
5  4 'Structure model' Other                       
6  4 'Structure model' 'Structure summary'         
7  5 'Structure model' Advisory                    
8  5 'Structure model' 'Data collection'           
9  5 'Structure model' 'Database references'       
10 5 'Structure model' 'Derived calculations'      
11 5 'Structure model' 'Structure summary'         
# 
loop_
_pdbx_audit_revision_category.ordinal 
_pdbx_audit_revision_category.revision_ordinal 
_pdbx_audit_revision_category.data_content_type 
_pdbx_audit_revision_category.category 
1  4 'Structure model' pdbx_database_status         
2  4 'Structure model' pdbx_unobs_or_zero_occ_atoms 
3  4 'Structure model' struct_conf                  
4  4 'Structure model' struct_conf_type             
5  4 'Structure model' struct_keywords              
6  5 'Structure model' chem_comp_atom               
7  5 'Structure model' chem_comp_bond               
8  5 'Structure model' database_2                   
9  5 'Structure model' pdbx_entry_details           
10 5 'Structure model' pdbx_modification_feature    
11 5 'Structure model' pdbx_struct_special_symmetry 
12 5 'Structure model' pdbx_unobs_or_zero_occ_atoms 
13 5 'Structure model' struct_conn                  
14 5 'Structure model' struct_site                  
# 
loop_
_pdbx_audit_revision_item.ordinal 
_pdbx_audit_revision_item.revision_ordinal 
_pdbx_audit_revision_item.data_content_type 
_pdbx_audit_revision_item.item 
1 4 'Structure model' '_pdbx_database_status.process_site'  
2 4 'Structure model' '_struct_keywords.text'               
3 5 'Structure model' '_database_2.pdbx_DOI'                
4 5 'Structure model' '_database_2.pdbx_database_accession' 
5 5 'Structure model' '_struct_conn.pdbx_leaving_atom_flag' 
6 5 'Structure model' '_struct_site.pdbx_auth_asym_id'      
7 5 'Structure model' '_struct_site.pdbx_auth_comp_id'      
8 5 'Structure model' '_struct_site.pdbx_auth_seq_id'       
# 
_pdbx_database_status.status_code                     REL 
_pdbx_database_status.entry_id                        1LIC 
_pdbx_database_status.recvd_initial_deposition_date   1993-12-21 
_pdbx_database_status.deposit_site                    ? 
_pdbx_database_status.process_site                    BNL 
_pdbx_database_status.SG_entry                        . 
_pdbx_database_status.pdb_format_compatible           Y 
_pdbx_database_status.status_code_mr                  ? 
_pdbx_database_status.status_code_sf                  ? 
_pdbx_database_status.status_code_cs                  ? 
_pdbx_database_status.methods_development_category    ? 
_pdbx_database_status.status_code_nmr_data            ? 
# 
loop_
_audit_author.name 
_audit_author.pdbx_ordinal 
'Lalonde, J.M.'  1 
'Bernlohr, D.A.' 2 
'Banaszak, L.J.' 3 
# 
_citation.id                        primary 
_citation.title                     
;X-ray crystallographic structures of adipocyte lipid-binding protein complexed with palmitate and hexadecanesulfonic acid. Properties of cavity binding sites.
;
_citation.journal_abbrev            Biochemistry 
_citation.journal_volume            33 
_citation.page_first                4885 
_citation.page_last                 4895 
_citation.year                      1994 
_citation.journal_id_ASTM           BICHAW 
_citation.country                   US 
_citation.journal_id_ISSN           0006-2960 
_citation.journal_id_CSD            0033 
_citation.book_publisher            ? 
_citation.pdbx_database_id_PubMed   8161548 
_citation.pdbx_database_id_DOI      10.1021/bi00182a017 
# 
loop_
_citation_author.citation_id 
_citation_author.name 
_citation_author.ordinal 
_citation_author.identifier_ORCID 
primary 'LaLonde, J.M.'  1 ? 
primary 'Bernlohr, D.A.' 2 ? 
primary 'Banaszak, L.J.' 3 ? 
# 
loop_
_entity.id 
_entity.type 
_entity.src_method 
_entity.pdbx_description 
_entity.formula_weight 
_entity.pdbx_number_of_molecules 
_entity.pdbx_ec 
_entity.pdbx_mutation 
_entity.pdbx_fragment 
_entity.details 
1 polymer     man 'ADIPOCYTE LIPID-BINDING PROTEIN' 14587.687 1  ? ? ? ? 
2 non-polymer syn '1-HEXADECANOSULFONIC ACID'       306.504   1  ? ? ? ? 
3 non-polymer syn 'PROPANOIC ACID'                  74.079    1  ? ? ? ? 
4 water       nat water                             18.015    68 ? ? ? ? 
# 
_entity_poly.entity_id                      1 
_entity_poly.type                           'polypeptide(L)' 
_entity_poly.nstd_linkage                   no 
_entity_poly.nstd_monomer                   yes 
_entity_poly.pdbx_seq_one_letter_code       
;CDAFVGTWKLVSSENFDDYMKEVGVGFATRKVAGMAKPNMIISVNGDLVTIRSESTFKNTEISFKLGVEFDEITADDRKV
KSIITLDGGALVQVQKWDGKSTTIKRKRDGDKLVVE(OCS)VMKGVTSTRVYERA
;
_entity_poly.pdbx_seq_one_letter_code_can   
;CDAFVGTWKLVSSENFDDYMKEVGVGFATRKVAGMAKPNMIISVNGDLVTIRSESTFKNTEISFKLGVEFDEITADDRKV
KSIITLDGGALVQVQKWDGKSTTIKRKRDGDKLVVECVMKGVTSTRVYERA
;
_entity_poly.pdbx_strand_id                 A 
_entity_poly.pdbx_target_identifier         ? 
# 
loop_
_pdbx_entity_nonpoly.entity_id 
_pdbx_entity_nonpoly.name 
_pdbx_entity_nonpoly.comp_id 
2 '1-HEXADECANOSULFONIC ACID' HDS 
3 'PROPANOIC ACID'            PPI 
4 water                       HOH 
# 
loop_
_entity_poly_seq.entity_id 
_entity_poly_seq.num 
_entity_poly_seq.mon_id 
_entity_poly_seq.hetero 
1 1   CYS n 
1 2   ASP n 
1 3   ALA n 
1 4   PHE n 
1 5   VAL n 
1 6   GLY n 
1 7   THR n 
1 8   TRP n 
1 9   LYS n 
1 10  LEU n 
1 11  VAL n 
1 12  SER n 
1 13  SER n 
1 14  GLU n 
1 15  ASN n 
1 16  PHE n 
1 17  ASP n 
1 18  ASP n 
1 19  TYR n 
1 20  MET n 
1 21  LYS n 
1 22  GLU n 
1 23  VAL n 
1 24  GLY n 
1 25  VAL n 
1 26  GLY n 
1 27  PHE n 
1 28  ALA n 
1 29  THR n 
1 30  ARG n 
1 31  LYS n 
1 32  VAL n 
1 33  ALA n 
1 34  GLY n 
1 35  MET n 
1 36  ALA n 
1 37  LYS n 
1 38  PRO n 
1 39  ASN n 
1 40  MET n 
1 41  ILE n 
1 42  ILE n 
1 43  SER n 
1 44  VAL n 
1 45  ASN n 
1 46  GLY n 
1 47  ASP n 
1 48  LEU n 
1 49  VAL n 
1 50  THR n 
1 51  ILE n 
1 52  ARG n 
1 53  SER n 
1 54  GLU n 
1 55  SER n 
1 56  THR n 
1 57  PHE n 
1 58  LYS n 
1 59  ASN n 
1 60  THR n 
1 61  GLU n 
1 62  ILE n 
1 63  SER n 
1 64  PHE n 
1 65  LYS n 
1 66  LEU n 
1 67  GLY n 
1 68  VAL n 
1 69  GLU n 
1 70  PHE n 
1 71  ASP n 
1 72  GLU n 
1 73  ILE n 
1 74  THR n 
1 75  ALA n 
1 76  ASP n 
1 77  ASP n 
1 78  ARG n 
1 79  LYS n 
1 80  VAL n 
1 81  LYS n 
1 82  SER n 
1 83  ILE n 
1 84  ILE n 
1 85  THR n 
1 86  LEU n 
1 87  ASP n 
1 88  GLY n 
1 89  GLY n 
1 90  ALA n 
1 91  LEU n 
1 92  VAL n 
1 93  GLN n 
1 94  VAL n 
1 95  GLN n 
1 96  LYS n 
1 97  TRP n 
1 98  ASP n 
1 99  GLY n 
1 100 LYS n 
1 101 SER n 
1 102 THR n 
1 103 THR n 
1 104 ILE n 
1 105 LYS n 
1 106 ARG n 
1 107 LYS n 
1 108 ARG n 
1 109 ASP n 
1 110 GLY n 
1 111 ASP n 
1 112 LYS n 
1 113 LEU n 
1 114 VAL n 
1 115 VAL n 
1 116 GLU n 
1 117 OCS n 
1 118 VAL n 
1 119 MET n 
1 120 LYS n 
1 121 GLY n 
1 122 VAL n 
1 123 THR n 
1 124 SER n 
1 125 THR n 
1 126 ARG n 
1 127 VAL n 
1 128 TYR n 
1 129 GLU n 
1 130 ARG n 
1 131 ALA n 
# 
_entity_src_gen.entity_id                          1 
_entity_src_gen.pdbx_src_id                        1 
_entity_src_gen.pdbx_alt_source_flag               sample 
_entity_src_gen.pdbx_seq_type                      ? 
_entity_src_gen.pdbx_beg_seq_num                   ? 
_entity_src_gen.pdbx_end_seq_num                   ? 
_entity_src_gen.gene_src_common_name               'house mouse' 
_entity_src_gen.gene_src_genus                     Mus 
_entity_src_gen.pdbx_gene_src_gene                 ? 
_entity_src_gen.gene_src_species                   ? 
_entity_src_gen.gene_src_strain                    ? 
_entity_src_gen.gene_src_tissue                    ? 
_entity_src_gen.gene_src_tissue_fraction           ? 
_entity_src_gen.gene_src_details                   ? 
_entity_src_gen.pdbx_gene_src_fragment             ? 
_entity_src_gen.pdbx_gene_src_scientific_name      'Mus musculus' 
_entity_src_gen.pdbx_gene_src_ncbi_taxonomy_id     10090 
_entity_src_gen.pdbx_gene_src_variant              ? 
_entity_src_gen.pdbx_gene_src_cell_line            ? 
_entity_src_gen.pdbx_gene_src_atcc                 ? 
_entity_src_gen.pdbx_gene_src_organ                ? 
_entity_src_gen.pdbx_gene_src_organelle            ? 
_entity_src_gen.pdbx_gene_src_cell                 ? 
_entity_src_gen.pdbx_gene_src_cellular_location    ? 
_entity_src_gen.host_org_common_name               ? 
_entity_src_gen.pdbx_host_org_scientific_name      ? 
_entity_src_gen.pdbx_host_org_ncbi_taxonomy_id     ? 
_entity_src_gen.host_org_genus                     ? 
_entity_src_gen.pdbx_host_org_gene                 ? 
_entity_src_gen.pdbx_host_org_organ                ? 
_entity_src_gen.host_org_species                   ? 
_entity_src_gen.pdbx_host_org_tissue               ? 
_entity_src_gen.pdbx_host_org_tissue_fraction      ? 
_entity_src_gen.pdbx_host_org_strain               ? 
_entity_src_gen.pdbx_host_org_variant              ? 
_entity_src_gen.pdbx_host_org_cell_line            ? 
_entity_src_gen.pdbx_host_org_atcc                 ? 
_entity_src_gen.pdbx_host_org_culture_collection   ? 
_entity_src_gen.pdbx_host_org_cell                 ? 
_entity_src_gen.pdbx_host_org_organelle            ? 
_entity_src_gen.pdbx_host_org_cellular_location    ? 
_entity_src_gen.pdbx_host_org_vector_type          ? 
_entity_src_gen.pdbx_host_org_vector               ? 
_entity_src_gen.host_org_details                   ? 
_entity_src_gen.expression_system_id               ? 
_entity_src_gen.plasmid_name                       ? 
_entity_src_gen.plasmid_details                    ? 
_entity_src_gen.pdbx_description                   ? 
# 
loop_
_chem_comp.id 
_chem_comp.type 
_chem_comp.mon_nstd_flag 
_chem_comp.name 
_chem_comp.pdbx_synonyms 
_chem_comp.formula 
_chem_comp.formula_weight 
ALA 'L-peptide linking' y ALANINE                     ? 'C3 H7 N O2'     89.093  
ARG 'L-peptide linking' y ARGININE                    ? 'C6 H15 N4 O2 1' 175.209 
ASN 'L-peptide linking' y ASPARAGINE                  ? 'C4 H8 N2 O3'    132.118 
ASP 'L-peptide linking' y 'ASPARTIC ACID'             ? 'C4 H7 N O4'     133.103 
CYS 'L-peptide linking' y CYSTEINE                    ? 'C3 H7 N O2 S'   121.158 
GLN 'L-peptide linking' y GLUTAMINE                   ? 'C5 H10 N2 O3'   146.144 
GLU 'L-peptide linking' y 'GLUTAMIC ACID'             ? 'C5 H9 N O4'     147.129 
GLY 'peptide linking'   y GLYCINE                     ? 'C2 H5 N O2'     75.067  
HDS non-polymer         . '1-HEXADECANOSULFONIC ACID' ? 'C16 H34 O3 S'   306.504 
HOH non-polymer         . WATER                       ? 'H2 O'           18.015  
ILE 'L-peptide linking' y ISOLEUCINE                  ? 'C6 H13 N O2'    131.173 
LEU 'L-peptide linking' y LEUCINE                     ? 'C6 H13 N O2'    131.173 
LYS 'L-peptide linking' y LYSINE                      ? 'C6 H15 N2 O2 1' 147.195 
MET 'L-peptide linking' y METHIONINE                  ? 'C5 H11 N O2 S'  149.211 
OCS 'L-peptide linking' n 'CYSTEINESULFONIC ACID'     ? 'C3 H7 N O5 S'   169.156 
PHE 'L-peptide linking' y PHENYLALANINE               ? 'C9 H11 N O2'    165.189 
PPI non-polymer         . 'PROPANOIC ACID'            ? 'C3 H6 O2'       74.079  
PRO 'L-peptide linking' y PROLINE                     ? 'C5 H9 N O2'     115.130 
SER 'L-peptide linking' y SERINE                      ? 'C3 H7 N O3'     105.093 
THR 'L-peptide linking' y THREONINE                   ? 'C4 H9 N O3'     119.119 
TRP 'L-peptide linking' y TRYPTOPHAN                  ? 'C11 H12 N2 O2'  204.225 
TYR 'L-peptide linking' y TYROSINE                    ? 'C9 H11 N O3'    181.189 
VAL 'L-peptide linking' y VALINE                      ? 'C5 H11 N O2'    117.146 
# 
loop_
_pdbx_poly_seq_scheme.asym_id 
_pdbx_poly_seq_scheme.entity_id 
_pdbx_poly_seq_scheme.seq_id 
_pdbx_poly_seq_scheme.mon_id 
_pdbx_poly_seq_scheme.ndb_seq_num 
_pdbx_poly_seq_scheme.pdb_seq_num 
_pdbx_poly_seq_scheme.auth_seq_num 
_pdbx_poly_seq_scheme.pdb_mon_id 
_pdbx_poly_seq_scheme.auth_mon_id 
_pdbx_poly_seq_scheme.pdb_strand_id 
_pdbx_poly_seq_scheme.pdb_ins_code 
_pdbx_poly_seq_scheme.hetero 
A 1 1   CYS 1   1   1   CYS CYS A . n 
A 1 2   ASP 2   2   2   ASP ASP A . n 
A 1 3   ALA 3   3   3   ALA ALA A . n 
A 1 4   PHE 4   4   4   PHE PHE A . n 
A 1 5   VAL 5   5   5   VAL VAL A . n 
A 1 6   GLY 6   6   6   GLY GLY A . n 
A 1 7   THR 7   7   7   THR THR A . n 
A 1 8   TRP 8   8   8   TRP TRP A . n 
A 1 9   LYS 9   9   9   LYS LYS A . n 
A 1 10  LEU 10  10  10  LEU LEU A . n 
A 1 11  VAL 11  11  11  VAL VAL A . n 
A 1 12  SER 12  12  12  SER SER A . n 
A 1 13  SER 13  13  13  SER SER A . n 
A 1 14  GLU 14  14  14  GLU GLU A . n 
A 1 15  ASN 15  15  15  ASN ASN A . n 
A 1 16  PHE 16  16  16  PHE PHE A . n 
A 1 17  ASP 17  17  17  ASP ASP A . n 
A 1 18  ASP 18  18  18  ASP ASP A . n 
A 1 19  TYR 19  19  19  TYR TYR A . n 
A 1 20  MET 20  20  20  MET MET A . n 
A 1 21  LYS 21  21  21  LYS LYS A . n 
A 1 22  GLU 22  22  22  GLU GLU A . n 
A 1 23  VAL 23  23  23  VAL VAL A . n 
A 1 24  GLY 24  24  24  GLY GLY A . n 
A 1 25  VAL 25  25  25  VAL VAL A . n 
A 1 26  GLY 26  26  26  GLY GLY A . n 
A 1 27  PHE 27  27  27  PHE PHE A . n 
A 1 28  ALA 28  28  28  ALA ALA A . n 
A 1 29  THR 29  29  29  THR THR A . n 
A 1 30  ARG 30  30  30  ARG ARG A . n 
A 1 31  LYS 31  31  31  LYS LYS A . n 
A 1 32  VAL 32  32  32  VAL VAL A . n 
A 1 33  ALA 33  33  33  ALA ALA A . n 
A 1 34  GLY 34  34  34  GLY GLY A . n 
A 1 35  MET 35  35  35  MET MET A . n 
A 1 36  ALA 36  36  36  ALA ALA A . n 
A 1 37  LYS 37  37  37  LYS LYS A . n 
A 1 38  PRO 38  38  38  PRO PRO A . n 
A 1 39  ASN 39  39  39  ASN ASN A . n 
A 1 40  MET 40  40  40  MET MET A . n 
A 1 41  ILE 41  41  41  ILE ILE A . n 
A 1 42  ILE 42  42  42  ILE ILE A . n 
A 1 43  SER 43  43  43  SER SER A . n 
A 1 44  VAL 44  44  44  VAL VAL A . n 
A 1 45  ASN 45  45  45  ASN ASN A . n 
A 1 46  GLY 46  46  46  GLY GLY A . n 
A 1 47  ASP 47  47  47  ASP ASP A . n 
A 1 48  LEU 48  48  48  LEU LEU A . n 
A 1 49  VAL 49  49  49  VAL VAL A . n 
A 1 50  THR 50  50  50  THR THR A . n 
A 1 51  ILE 51  51  51  ILE ILE A . n 
A 1 52  ARG 52  52  52  ARG ARG A . n 
A 1 53  SER 53  53  53  SER SER A . n 
A 1 54  GLU 54  54  54  GLU GLU A . n 
A 1 55  SER 55  55  55  SER SER A . n 
A 1 56  THR 56  56  56  THR THR A . n 
A 1 57  PHE 57  57  57  PHE PHE A . n 
A 1 58  LYS 58  58  58  LYS LYS A . n 
A 1 59  ASN 59  59  59  ASN ASN A . n 
A 1 60  THR 60  60  60  THR THR A . n 
A 1 61  GLU 61  61  61  GLU GLU A . n 
A 1 62  ILE 62  62  62  ILE ILE A . n 
A 1 63  SER 63  63  63  SER SER A . n 
A 1 64  PHE 64  64  64  PHE PHE A . n 
A 1 65  LYS 65  65  65  LYS LYS A . n 
A 1 66  LEU 66  66  66  LEU LEU A . n 
A 1 67  GLY 67  67  67  GLY GLY A . n 
A 1 68  VAL 68  68  68  VAL VAL A . n 
A 1 69  GLU 69  69  69  GLU GLU A . n 
A 1 70  PHE 70  70  70  PHE PHE A . n 
A 1 71  ASP 71  71  71  ASP ASP A . n 
A 1 72  GLU 72  72  72  GLU GLU A . n 
A 1 73  ILE 73  73  73  ILE ILE A . n 
A 1 74  THR 74  74  74  THR THR A . n 
A 1 75  ALA 75  75  75  ALA ALA A . n 
A 1 76  ASP 76  76  76  ASP ASP A . n 
A 1 77  ASP 77  77  77  ASP ASP A . n 
A 1 78  ARG 78  78  78  ARG ARG A . n 
A 1 79  LYS 79  79  79  LYS LYS A . n 
A 1 80  VAL 80  80  80  VAL VAL A . n 
A 1 81  LYS 81  81  81  LYS LYS A . n 
A 1 82  SER 82  82  82  SER SER A . n 
A 1 83  ILE 83  83  83  ILE ILE A . n 
A 1 84  ILE 84  84  84  ILE ILE A . n 
A 1 85  THR 85  85  85  THR THR A . n 
A 1 86  LEU 86  86  86  LEU LEU A . n 
A 1 87  ASP 87  87  87  ASP ASP A . n 
A 1 88  GLY 88  88  88  GLY GLY A . n 
A 1 89  GLY 89  89  89  GLY GLY A . n 
A 1 90  ALA 90  90  90  ALA ALA A . n 
A 1 91  LEU 91  91  91  LEU LEU A . n 
A 1 92  VAL 92  92  92  VAL VAL A . n 
A 1 93  GLN 93  93  93  GLN GLN A . n 
A 1 94  VAL 94  94  94  VAL VAL A . n 
A 1 95  GLN 95  95  95  GLN GLN A . n 
A 1 96  LYS 96  96  96  LYS LYS A . n 
A 1 97  TRP 97  97  97  TRP TRP A . n 
A 1 98  ASP 98  98  98  ASP ASP A . n 
A 1 99  GLY 99  99  99  GLY GLY A . n 
A 1 100 LYS 100 100 100 LYS LYS A . n 
A 1 101 SER 101 101 101 SER SER A . n 
A 1 102 THR 102 102 102 THR THR A . n 
A 1 103 THR 103 103 103 THR THR A . n 
A 1 104 ILE 104 104 104 ILE ILE A . n 
A 1 105 LYS 105 105 105 LYS LYS A . n 
A 1 106 ARG 106 106 106 ARG ARG A . n 
A 1 107 LYS 107 107 107 LYS LYS A . n 
A 1 108 ARG 108 108 108 ARG ARG A . n 
A 1 109 ASP 109 109 109 ASP ASP A . n 
A 1 110 GLY 110 110 110 GLY GLY A . n 
A 1 111 ASP 111 111 111 ASP ASP A . n 
A 1 112 LYS 112 112 112 LYS LYS A . n 
A 1 113 LEU 113 113 113 LEU LEU A . n 
A 1 114 VAL 114 114 114 VAL VAL A . n 
A 1 115 VAL 115 115 115 VAL VAL A . n 
A 1 116 GLU 116 116 116 GLU GLU A . n 
A 1 117 OCS 117 117 117 OCS OCS A . n 
A 1 118 VAL 118 118 118 VAL VAL A . n 
A 1 119 MET 119 119 119 MET MET A . n 
A 1 120 LYS 120 120 120 LYS LYS A . n 
A 1 121 GLY 121 121 121 GLY GLY A . n 
A 1 122 VAL 122 122 122 VAL VAL A . n 
A 1 123 THR 123 123 123 THR THR A . n 
A 1 124 SER 124 124 124 SER SER A . n 
A 1 125 THR 125 125 125 THR THR A . n 
A 1 126 ARG 126 126 126 ARG ARG A . n 
A 1 127 VAL 127 127 127 VAL VAL A . n 
A 1 128 TYR 128 128 128 TYR TYR A . n 
A 1 129 GLU 129 129 129 GLU GLU A . n 
A 1 130 ARG 130 130 130 ARG ARG A . n 
A 1 131 ALA 131 131 131 ALA ALA A . n 
# 
loop_
_pdbx_nonpoly_scheme.asym_id 
_pdbx_nonpoly_scheme.entity_id 
_pdbx_nonpoly_scheme.mon_id 
_pdbx_nonpoly_scheme.ndb_seq_num 
_pdbx_nonpoly_scheme.pdb_seq_num 
_pdbx_nonpoly_scheme.auth_seq_num 
_pdbx_nonpoly_scheme.pdb_mon_id 
_pdbx_nonpoly_scheme.auth_mon_id 
_pdbx_nonpoly_scheme.pdb_strand_id 
_pdbx_nonpoly_scheme.pdb_ins_code 
B 2 HDS 1  133  133  HDS HDS A . 
C 3 PPI 1  134  134  PPI PPI A . 
D 4 HOH 1  1003 1003 HOH HOH A . 
D 4 HOH 2  1007 1007 HOH HOH A . 
D 4 HOH 3  1014 1014 HOH HOH A . 
D 4 HOH 4  1015 1015 HOH HOH A . 
D 4 HOH 5  1017 1017 HOH HOH A . 
D 4 HOH 6  1018 1018 HOH HOH A . 
D 4 HOH 7  1030 1030 HOH HOH A . 
D 4 HOH 8  1039 1039 HOH HOH A . 
D 4 HOH 9  1041 1041 HOH HOH A . 
D 4 HOH 10 1042 1042 HOH HOH A . 
D 4 HOH 11 1043 1043 HOH HOH A . 
D 4 HOH 12 1044 1044 HOH HOH A . 
D 4 HOH 13 1045 1045 HOH HOH A . 
D 4 HOH 14 1047 1047 HOH HOH A . 
D 4 HOH 15 1048 1048 HOH HOH A . 
D 4 HOH 16 1053 1053 HOH HOH A . 
D 4 HOH 17 1054 1054 HOH HOH A . 
D 4 HOH 18 1055 1055 HOH HOH A . 
D 4 HOH 19 1060 1060 HOH HOH A . 
D 4 HOH 20 1061 1061 HOH HOH A . 
D 4 HOH 21 1063 1063 HOH HOH A . 
D 4 HOH 22 1065 1065 HOH HOH A . 
D 4 HOH 23 1068 1068 HOH HOH A . 
D 4 HOH 24 1071 1071 HOH HOH A . 
D 4 HOH 25 1072 1072 HOH HOH A . 
D 4 HOH 26 1073 1073 HOH HOH A . 
D 4 HOH 27 1075 1075 HOH HOH A . 
D 4 HOH 28 1079 1079 HOH HOH A . 
D 4 HOH 29 1081 1081 HOH HOH A . 
D 4 HOH 30 1085 1085 HOH HOH A . 
D 4 HOH 31 1088 1088 HOH HOH A . 
D 4 HOH 32 1089 1089 HOH HOH A . 
D 4 HOH 33 1095 1095 HOH HOH A . 
D 4 HOH 34 1100 1100 HOH HOH A . 
D 4 HOH 35 1101 1101 HOH HOH A . 
D 4 HOH 36 1103 1103 HOH HOH A . 
D 4 HOH 37 1106 1106 HOH HOH A . 
D 4 HOH 38 1109 1109 HOH HOH A . 
D 4 HOH 39 1111 1111 HOH HOH A . 
D 4 HOH 40 1116 1116 HOH HOH A . 
D 4 HOH 41 1123 1123 HOH HOH A . 
D 4 HOH 42 1125 1125 HOH HOH A . 
D 4 HOH 43 1128 1128 HOH HOH A . 
D 4 HOH 44 1130 1130 HOH HOH A . 
D 4 HOH 45 2007 2007 HOH HOH A . 
D 4 HOH 46 2018 2018 HOH HOH A . 
D 4 HOH 47 2044 2044 HOH HOH A . 
D 4 HOH 48 2060 2060 HOH HOH A . 
D 4 HOH 49 2061 2061 HOH HOH A . 
D 4 HOH 50 2063 2063 HOH HOH A . 
D 4 HOH 51 2071 2071 HOH HOH A . 
D 4 HOH 52 2072 2072 HOH HOH A . 
D 4 HOH 53 2087 2087 HOH HOH A . 
D 4 HOH 54 2089 2089 HOH HOH A . 
D 4 HOH 55 2095 2095 HOH HOH A . 
D 4 HOH 56 2101 2101 HOH HOH A . 
D 4 HOH 57 2103 2103 HOH HOH A . 
D 4 HOH 58 2106 2106 HOH HOH A . 
D 4 HOH 59 2111 2111 HOH HOH A . 
D 4 HOH 60 2123 2123 HOH HOH A . 
D 4 HOH 61 2130 2130 HOH HOH A . 
D 4 HOH 62 3089 3089 HOH HOH A . 
D 4 HOH 63 4071 4071 HOH HOH A . 
D 4 HOH 64 8003 8003 HOH HOH A . 
D 4 HOH 65 9003 9003 HOH HOH A . 
D 4 HOH 66 9015 9015 HOH HOH A . 
D 4 HOH 67 9065 9065 HOH HOH A . 
D 4 HOH 68 9071 9071 HOH HOH A . 
# 
loop_
_pdbx_unobs_or_zero_occ_atoms.id 
_pdbx_unobs_or_zero_occ_atoms.PDB_model_num 
_pdbx_unobs_or_zero_occ_atoms.polymer_flag 
_pdbx_unobs_or_zero_occ_atoms.occupancy_flag 
_pdbx_unobs_or_zero_occ_atoms.auth_asym_id 
_pdbx_unobs_or_zero_occ_atoms.auth_comp_id 
_pdbx_unobs_or_zero_occ_atoms.auth_seq_id 
_pdbx_unobs_or_zero_occ_atoms.PDB_ins_code 
_pdbx_unobs_or_zero_occ_atoms.auth_atom_id 
_pdbx_unobs_or_zero_occ_atoms.label_alt_id 
_pdbx_unobs_or_zero_occ_atoms.label_asym_id 
_pdbx_unobs_or_zero_occ_atoms.label_comp_id 
_pdbx_unobs_or_zero_occ_atoms.label_seq_id 
_pdbx_unobs_or_zero_occ_atoms.label_atom_id 
1  1 Y 0 A LYS 9   ? NZ  ? A LYS 9   NZ  
2  1 Y 0 A MET 35  ? CE  ? A MET 35  CE  
3  1 Y 0 A LYS 37  ? CG  ? A LYS 37  CG  
4  1 Y 0 A LYS 37  ? CD  ? A LYS 37  CD  
5  1 Y 0 A LYS 37  ? CE  ? A LYS 37  CE  
6  1 Y 0 A LYS 37  ? NZ  ? A LYS 37  NZ  
7  1 Y 0 A LYS 79  ? CD  ? A LYS 79  CD  
8  1 Y 0 A LYS 79  ? CE  ? A LYS 79  CE  
9  1 Y 0 A LYS 79  ? NZ  ? A LYS 79  NZ  
10 1 Y 0 A LYS 105 ? NZ  ? A LYS 105 NZ  
11 1 Y 1 A OCS 117 ? OD3 ? A OCS 117 OD3 
12 1 Y 0 A LYS 120 ? CD  ? A LYS 120 CD  
13 1 Y 0 A LYS 120 ? CE  ? A LYS 120 CE  
14 1 Y 0 A LYS 120 ? NZ  ? A LYS 120 NZ  
# 
loop_
_software.name 
_software.classification 
_software.version 
_software.citation_id 
_software.pdbx_ordinal 
X-PLOR 'model building' . ? 1 
X-PLOR refinement       . ? 2 
X-PLOR phasing          . ? 3 
# 
_cell.entry_id           1LIC 
_cell.length_a           120.800 
_cell.length_b           37.760 
_cell.length_c           28.600 
_cell.angle_alpha        90.00 
_cell.angle_beta         92.20 
_cell.angle_gamma        90.00 
_cell.Z_PDB              4 
_cell.pdbx_unique_axis   ? 
# 
_symmetry.entry_id                         1LIC 
_symmetry.space_group_name_H-M             'C 1 2 1' 
_symmetry.pdbx_full_space_group_name_H-M   ? 
_symmetry.cell_setting                     ? 
_symmetry.Int_Tables_number                5 
# 
_exptl.entry_id          1LIC 
_exptl.method            'X-RAY DIFFRACTION' 
_exptl.crystals_number   ? 
# 
_exptl_crystal.id                    1 
_exptl_crystal.density_meas          ? 
_exptl_crystal.density_Matthews      2.24 
_exptl_crystal.density_percent_sol   45.12 
_exptl_crystal.description           ? 
# 
_diffrn.id                     1 
_diffrn.ambient_temp           ? 
_diffrn.ambient_temp_details   ? 
_diffrn.crystal_id             1 
# 
_diffrn_radiation.diffrn_id                        1 
_diffrn_radiation.wavelength_id                    1 
_diffrn_radiation.pdbx_monochromatic_or_laue_m_l   ? 
_diffrn_radiation.monochromator                    ? 
_diffrn_radiation.pdbx_diffrn_protocol             ? 
_diffrn_radiation.pdbx_scattering_type             x-ray 
# 
_diffrn_radiation_wavelength.id           1 
_diffrn_radiation_wavelength.wavelength   . 
_diffrn_radiation_wavelength.wt           1.0 
# 
_refine.entry_id                                 1LIC 
_refine.ls_number_reflns_obs                     16785 
_refine.ls_number_reflns_all                     ? 
_refine.pdbx_ls_sigma_I                          ? 
_refine.pdbx_ls_sigma_F                          ? 
_refine.pdbx_data_cutoff_high_absF               ? 
_refine.pdbx_data_cutoff_low_absF                ? 
_refine.pdbx_data_cutoff_high_rms_absF           ? 
_refine.ls_d_res_low                             10. 
_refine.ls_d_res_high                            1.6 
_refine.ls_percent_reflns_obs                    ? 
_refine.ls_R_factor_obs                          0.1950000 
_refine.ls_R_factor_all                          ? 
_refine.ls_R_factor_R_work                       0.1950000 
_refine.ls_R_factor_R_free                       0.2250000 
_refine.ls_R_factor_R_free_error                 ? 
_refine.ls_R_factor_R_free_error_details         ? 
_refine.ls_percent_reflns_R_free                 ? 
_refine.ls_number_reflns_R_free                  ? 
_refine.ls_number_parameters                     ? 
_refine.ls_number_restraints                     ? 
_refine.occupancy_min                            ? 
_refine.occupancy_max                            ? 
_refine.B_iso_mean                               ? 
_refine.aniso_B[1][1]                            ? 
_refine.aniso_B[2][2]                            ? 
_refine.aniso_B[3][3]                            ? 
_refine.aniso_B[1][2]                            ? 
_refine.aniso_B[1][3]                            ? 
_refine.aniso_B[2][3]                            ? 
_refine.solvent_model_details                    ? 
_refine.solvent_model_param_ksol                 ? 
_refine.solvent_model_param_bsol                 ? 
_refine.pdbx_ls_cross_valid_method               ? 
_refine.details                                  ? 
_refine.pdbx_starting_model                      ? 
_refine.pdbx_method_to_determine_struct          ? 
_refine.pdbx_isotropic_thermal_model             ? 
_refine.pdbx_stereochemistry_target_values       ? 
_refine.pdbx_stereochem_target_val_spec_case     ? 
_refine.pdbx_R_Free_selection_details            ? 
_refine.pdbx_overall_ESU_R                       ? 
_refine.pdbx_overall_ESU_R_Free                  ? 
_refine.overall_SU_ML                            ? 
_refine.overall_SU_B                             ? 
_refine.pdbx_refine_id                           'X-RAY DIFFRACTION' 
_refine.pdbx_diffrn_id                           1 
_refine.pdbx_TLS_residual_ADP_flag               ? 
_refine.correlation_coeff_Fo_to_Fc               ? 
_refine.correlation_coeff_Fo_to_Fc_free          ? 
_refine.pdbx_solvent_vdw_probe_radii             ? 
_refine.pdbx_solvent_ion_probe_radii             ? 
_refine.pdbx_solvent_shrinkage_radii             ? 
_refine.pdbx_overall_phase_error                 ? 
_refine.overall_SU_R_Cruickshank_DPI             ? 
_refine.pdbx_overall_SU_R_free_Cruickshank_DPI   ? 
_refine.pdbx_overall_SU_R_Blow_DPI               ? 
_refine.pdbx_overall_SU_R_free_Blow_DPI          ? 
# 
_refine_hist.pdbx_refine_id                   'X-RAY DIFFRACTION' 
_refine_hist.cycle_id                         LAST 
_refine_hist.pdbx_number_atoms_protein        1023 
_refine_hist.pdbx_number_atoms_nucleic_acid   0 
_refine_hist.pdbx_number_atoms_ligand         25 
_refine_hist.number_atoms_solvent             68 
_refine_hist.number_atoms_total               1116 
_refine_hist.d_res_high                       1.6 
_refine_hist.d_res_low                        10. 
# 
loop_
_refine_ls_restr.type 
_refine_ls_restr.dev_ideal 
_refine_ls_restr.dev_ideal_target 
_refine_ls_restr.weight 
_refine_ls_restr.number 
_refine_ls_restr.pdbx_refine_id 
_refine_ls_restr.pdbx_restraint_function 
x_bond_d                0.021 ? ? ? 'X-RAY DIFFRACTION' ? 
x_bond_d_na             ?     ? ? ? 'X-RAY DIFFRACTION' ? 
x_bond_d_prot           ?     ? ? ? 'X-RAY DIFFRACTION' ? 
x_angle_d               ?     ? ? ? 'X-RAY DIFFRACTION' ? 
x_angle_d_na            ?     ? ? ? 'X-RAY DIFFRACTION' ? 
x_angle_d_prot          ?     ? ? ? 'X-RAY DIFFRACTION' ? 
x_angle_deg             1.47  ? ? ? 'X-RAY DIFFRACTION' ? 
x_angle_deg_na          ?     ? ? ? 'X-RAY DIFFRACTION' ? 
x_angle_deg_prot        ?     ? ? ? 'X-RAY DIFFRACTION' ? 
x_dihedral_angle_d      ?     ? ? ? 'X-RAY DIFFRACTION' ? 
x_dihedral_angle_d_na   ?     ? ? ? 'X-RAY DIFFRACTION' ? 
x_dihedral_angle_d_prot ?     ? ? ? 'X-RAY DIFFRACTION' ? 
x_improper_angle_d      ?     ? ? ? 'X-RAY DIFFRACTION' ? 
x_improper_angle_d_na   ?     ? ? ? 'X-RAY DIFFRACTION' ? 
x_improper_angle_d_prot ?     ? ? ? 'X-RAY DIFFRACTION' ? 
x_mcbond_it             ?     ? ? ? 'X-RAY DIFFRACTION' ? 
x_mcangle_it            ?     ? ? ? 'X-RAY DIFFRACTION' ? 
x_scbond_it             ?     ? ? ? 'X-RAY DIFFRACTION' ? 
x_scangle_it            ?     ? ? ? 'X-RAY DIFFRACTION' ? 
# 
_struct.entry_id                  1LIC 
_struct.title                     
;X-RAY CRYSTALLOGRAPHIC STRUCTURES OF ADIPOCYTE LIPID BINDING PROTEIN COMPLEXED WITH PALMITATE AND HEXADECANESULFONIC ACID. PROPERTIES OF CAVITY BINDING SITES.
;
_struct.pdbx_model_details        ? 
_struct.pdbx_CASP_flag            ? 
_struct.pdbx_model_type_details   ? 
# 
_struct_keywords.entry_id        1LIC 
_struct_keywords.pdbx_keywords   'LIPID BINDING PROTEIN' 
_struct_keywords.text            'LIPID-BINDING PROTEIN, LIPID BINDING PROTEIN' 
# 
loop_
_struct_asym.id 
_struct_asym.pdbx_blank_PDB_chainid_flag 
_struct_asym.pdbx_modified 
_struct_asym.entity_id 
_struct_asym.details 
A N N 1 ? 
B N N 2 ? 
C N N 3 ? 
D N N 4 ? 
# 
_struct_ref.id                         1 
_struct_ref.db_name                    UNP 
_struct_ref.db_code                    FABPA_MOUSE 
_struct_ref.entity_id                  1 
_struct_ref.pdbx_db_accession          P04117 
_struct_ref.pdbx_align_begin           1 
_struct_ref.pdbx_seq_one_letter_code   
;CDAFVGTWKLVSSENFDDYMKEVGVGFATRKVAGMAKPNMIISVNGDLVTIRSESTFKNTEISFKLGVEFDEITADDRKV
KSIITLDGGALVQVQKWDGKSTTIKRKRDGDKLVVECVMKGVTSTRVYERA
;
_struct_ref.pdbx_db_isoform            ? 
# 
_struct_ref_seq.align_id                      1 
_struct_ref_seq.ref_id                        1 
_struct_ref_seq.pdbx_PDB_id_code              1LIC 
_struct_ref_seq.pdbx_strand_id                A 
_struct_ref_seq.seq_align_beg                 1 
_struct_ref_seq.pdbx_seq_align_beg_ins_code   ? 
_struct_ref_seq.seq_align_end                 131 
_struct_ref_seq.pdbx_seq_align_end_ins_code   ? 
_struct_ref_seq.pdbx_db_accession             P04117 
_struct_ref_seq.db_align_beg                  1 
_struct_ref_seq.pdbx_db_align_beg_ins_code    ? 
_struct_ref_seq.db_align_end                  131 
_struct_ref_seq.pdbx_db_align_end_ins_code    ? 
_struct_ref_seq.pdbx_auth_seq_align_beg       1 
_struct_ref_seq.pdbx_auth_seq_align_end       131 
# 
_pdbx_struct_assembly.id                   1 
_pdbx_struct_assembly.details              author_defined_assembly 
_pdbx_struct_assembly.method_details       ? 
_pdbx_struct_assembly.oligomeric_details   dimeric 
_pdbx_struct_assembly.oligomeric_count     2 
# 
_pdbx_struct_assembly_gen.assembly_id       1 
_pdbx_struct_assembly_gen.oper_expression   1,2 
_pdbx_struct_assembly_gen.asym_id_list      A,B,C,D 
# 
loop_
_pdbx_struct_oper_list.id 
_pdbx_struct_oper_list.type 
_pdbx_struct_oper_list.name 
_pdbx_struct_oper_list.symmetry_operation 
_pdbx_struct_oper_list.matrix[1][1] 
_pdbx_struct_oper_list.matrix[1][2] 
_pdbx_struct_oper_list.matrix[1][3] 
_pdbx_struct_oper_list.vector[1] 
_pdbx_struct_oper_list.matrix[2][1] 
_pdbx_struct_oper_list.matrix[2][2] 
_pdbx_struct_oper_list.matrix[2][3] 
_pdbx_struct_oper_list.vector[2] 
_pdbx_struct_oper_list.matrix[3][1] 
_pdbx_struct_oper_list.matrix[3][2] 
_pdbx_struct_oper_list.matrix[3][3] 
_pdbx_struct_oper_list.vector[3] 
1 'identity operation'         1_555 x,y,z     1.0000000000  0.0000000000  0.0000000000  0.0000000000 0.0000000000  1.0000000000 0.0000000000 0.0000000000  0.0000000000  0.0000000000 1.0000000000  0.0000000000   
2 'crystal symmetry operation' 2_455 -x-1,y,-z -0.4438942552 -0.8596474356 -0.2529114009 8.5105920573 -0.8596474356 0.3288726477 0.3909591642 15.4200790595 -0.2529114009 0.3909591642 -0.8849783925 -33.6997156127 
# 
_struct_biol.id   1 
# 
loop_
_struct_conf.conf_type_id 
_struct_conf.id 
_struct_conf.pdbx_PDB_helix_id 
_struct_conf.beg_label_comp_id 
_struct_conf.beg_label_asym_id 
_struct_conf.beg_label_seq_id 
_struct_conf.pdbx_beg_PDB_ins_code 
_struct_conf.end_label_comp_id 
_struct_conf.end_label_asym_id 
_struct_conf.end_label_seq_id 
_struct_conf.pdbx_end_PDB_ins_code 
_struct_conf.beg_auth_comp_id 
_struct_conf.beg_auth_asym_id 
_struct_conf.beg_auth_seq_id 
_struct_conf.end_auth_comp_id 
_struct_conf.end_auth_asym_id 
_struct_conf.end_auth_seq_id 
_struct_conf.pdbx_PDB_helix_class 
_struct_conf.details 
_struct_conf.pdbx_PDB_helix_length 
HELX_P HELX_P1 H1 PHE A 16 ? VAL A 23 ? PHE A 16 VAL A 23 1 ? 8 
HELX_P HELX_P2 H2 PHE A 27 ? MET A 35 ? PHE A 27 MET A 35 1 ? 9 
# 
_struct_conf_type.id          HELX_P 
_struct_conf_type.criteria    ? 
_struct_conf_type.reference   ? 
# 
loop_
_struct_conn.id 
_struct_conn.conn_type_id 
_struct_conn.pdbx_leaving_atom_flag 
_struct_conn.pdbx_PDB_id 
_struct_conn.ptnr1_label_asym_id 
_struct_conn.ptnr1_label_comp_id 
_struct_conn.ptnr1_label_seq_id 
_struct_conn.ptnr1_label_atom_id 
_struct_conn.pdbx_ptnr1_label_alt_id 
_struct_conn.pdbx_ptnr1_PDB_ins_code 
_struct_conn.pdbx_ptnr1_standard_comp_id 
_struct_conn.ptnr1_symmetry 
_struct_conn.ptnr2_label_asym_id 
_struct_conn.ptnr2_label_comp_id 
_struct_conn.ptnr2_label_seq_id 
_struct_conn.ptnr2_label_atom_id 
_struct_conn.pdbx_ptnr2_label_alt_id 
_struct_conn.pdbx_ptnr2_PDB_ins_code 
_struct_conn.ptnr1_auth_asym_id 
_struct_conn.ptnr1_auth_comp_id 
_struct_conn.ptnr1_auth_seq_id 
_struct_conn.ptnr2_auth_asym_id 
_struct_conn.ptnr2_auth_comp_id 
_struct_conn.ptnr2_auth_seq_id 
_struct_conn.ptnr2_symmetry 
_struct_conn.pdbx_ptnr3_label_atom_id 
_struct_conn.pdbx_ptnr3_label_seq_id 
_struct_conn.pdbx_ptnr3_label_comp_id 
_struct_conn.pdbx_ptnr3_label_asym_id 
_struct_conn.pdbx_ptnr3_label_alt_id 
_struct_conn.pdbx_ptnr3_PDB_ins_code 
_struct_conn.details 
_struct_conn.pdbx_dist_value 
_struct_conn.pdbx_value_order 
_struct_conn.pdbx_role 
covale1 covale both ? A GLU 116 C ? ? ? 1_555 A OCS 117 N ? ? A GLU 116 A OCS 117 1_555 ? ? ? ? ? ? ? 1.325 ? ? 
covale2 covale both ? A OCS 117 C ? ? ? 1_555 A VAL 118 N ? ? A OCS 117 A VAL 118 1_555 ? ? ? ? ? ? ? 1.329 ? ? 
# 
_struct_conn_type.id          covale 
_struct_conn_type.criteria    ? 
_struct_conn_type.reference   ? 
# 
loop_
_pdbx_modification_feature.ordinal 
_pdbx_modification_feature.label_comp_id 
_pdbx_modification_feature.label_asym_id 
_pdbx_modification_feature.label_seq_id 
_pdbx_modification_feature.label_alt_id 
_pdbx_modification_feature.modified_residue_label_comp_id 
_pdbx_modification_feature.modified_residue_label_asym_id 
_pdbx_modification_feature.modified_residue_label_seq_id 
_pdbx_modification_feature.modified_residue_label_alt_id 
_pdbx_modification_feature.auth_comp_id 
_pdbx_modification_feature.auth_asym_id 
_pdbx_modification_feature.auth_seq_id 
_pdbx_modification_feature.PDB_ins_code 
_pdbx_modification_feature.symmetry 
_pdbx_modification_feature.modified_residue_auth_comp_id 
_pdbx_modification_feature.modified_residue_auth_asym_id 
_pdbx_modification_feature.modified_residue_auth_seq_id 
_pdbx_modification_feature.modified_residue_PDB_ins_code 
_pdbx_modification_feature.modified_residue_symmetry 
_pdbx_modification_feature.comp_id_linking_atom 
_pdbx_modification_feature.modified_residue_id_linking_atom 
_pdbx_modification_feature.modified_residue_id 
_pdbx_modification_feature.ref_pcm_id 
_pdbx_modification_feature.ref_comp_id 
_pdbx_modification_feature.type 
_pdbx_modification_feature.category 
1 OCS A 117 ? . . . . OCS A 117 ? 1_555 . . . . . . . CYS 1 OCS Oxidation     'Named protein modification' 
2 OCS A 117 ? . . . . OCS A 117 ? 1_555 . . . . . . . CYS 2 OCS Hydroxylation 'Named protein modification' 
# 
_struct_sheet.id               S1 
_struct_sheet.type             ? 
_struct_sheet.number_strands   11 
_struct_sheet.details          ? 
# 
loop_
_struct_sheet_order.sheet_id 
_struct_sheet_order.range_id_1 
_struct_sheet_order.range_id_2 
_struct_sheet_order.offset 
_struct_sheet_order.sense 
S1 1  2  ? parallel 
S1 2  3  ? parallel 
S1 3  4  ? parallel 
S1 4  5  ? parallel 
S1 5  6  ? parallel 
S1 6  7  ? parallel 
S1 7  8  ? parallel 
S1 8  9  ? parallel 
S1 9  10 ? parallel 
S1 10 11 ? parallel 
# 
loop_
_struct_sheet_range.sheet_id 
_struct_sheet_range.id 
_struct_sheet_range.beg_label_comp_id 
_struct_sheet_range.beg_label_asym_id 
_struct_sheet_range.beg_label_seq_id 
_struct_sheet_range.pdbx_beg_PDB_ins_code 
_struct_sheet_range.end_label_comp_id 
_struct_sheet_range.end_label_asym_id 
_struct_sheet_range.end_label_seq_id 
_struct_sheet_range.pdbx_end_PDB_ins_code 
_struct_sheet_range.beg_auth_comp_id 
_struct_sheet_range.beg_auth_asym_id 
_struct_sheet_range.beg_auth_seq_id 
_struct_sheet_range.end_auth_comp_id 
_struct_sheet_range.end_auth_asym_id 
_struct_sheet_range.end_auth_seq_id 
S1 1  GLY A 6   ? GLU A 14  ? GLY A 6   GLU A 14  
S1 2  ASN A 39  ? ASN A 45  ? ASN A 39  ASN A 45  
S1 3  LEU A 48  ? GLU A 54  ? LEU A 48  GLU A 54  
S1 4  ASN A 59  ? PHE A 64  ? ASN A 59  PHE A 64  
S1 5  PHE A 70  ? ILE A 73  ? PHE A 70  ILE A 73  
S1 6  LYS A 79  ? ASP A 87  ? LYS A 79  ASP A 87  
S1 7  ALA A 90  ? TRP A 97  ? ALA A 90  TRP A 97  
S1 8  LYS A 100 ? ASP A 109 ? LYS A 100 ASP A 109 
S1 9  LYS A 112 ? MET A 119 ? LYS A 112 MET A 119 
S1 10 VAL A 122 ? ARG A 130 ? VAL A 122 ARG A 130 
S1 11 GLY A 6   ? GLU A 14  ? GLY A 6   GLU A 14  
# 
loop_
_struct_site.id 
_struct_site.pdbx_evidence_code 
_struct_site.pdbx_auth_asym_id 
_struct_site.pdbx_auth_comp_id 
_struct_site.pdbx_auth_seq_id 
_struct_site.pdbx_auth_ins_code 
_struct_site.pdbx_num_residues 
_struct_site.details 
AC1 Software A HDS 133 ? 9 'BINDING SITE FOR RESIDUE HDS A 133' 
AC2 Software A PPI 134 ? 5 'BINDING SITE FOR RESIDUE PPI A 134' 
# 
loop_
_struct_site_gen.id 
_struct_site_gen.site_id 
_struct_site_gen.pdbx_num_res 
_struct_site_gen.label_comp_id 
_struct_site_gen.label_asym_id 
_struct_site_gen.label_seq_id 
_struct_site_gen.pdbx_auth_ins_code 
_struct_site_gen.auth_comp_id 
_struct_site_gen.auth_asym_id 
_struct_site_gen.auth_seq_id 
_struct_site_gen.label_atom_id 
_struct_site_gen.label_alt_id 
_struct_site_gen.symmetry 
_struct_site_gen.details 
1  AC1 9 ALA A 33  ? ALA A 33   . ? 1_555 ? 
2  AC1 9 MET A 40  ? MET A 40   . ? 1_555 ? 
3  AC1 9 ALA A 75  ? ALA A 75   . ? 1_555 ? 
4  AC1 9 ASP A 76  ? ASP A 76   . ? 1_555 ? 
5  AC1 9 OCS A 117 ? OCS A 117  . ? 1_555 ? 
6  AC1 9 ARG A 126 ? ARG A 126  . ? 1_555 ? 
7  AC1 9 TYR A 128 ? TYR A 128  . ? 1_555 ? 
8  AC1 9 HOH D .   ? HOH A 1095 . ? 1_555 ? 
9  AC1 9 HOH D .   ? HOH A 1106 . ? 1_555 ? 
10 AC2 5 SER A 13  ? SER A 13   . ? 1_555 ? 
11 AC2 5 GLU A 14  ? GLU A 14   . ? 1_555 ? 
12 AC2 5 ASN A 15  ? ASN A 15   . ? 1_555 ? 
13 AC2 5 PHE A 16  ? PHE A 16   . ? 1_555 ? 
14 AC2 5 ASP A 17  ? ASP A 17   . ? 1_555 ? 
# 
_pdbx_entry_details.entry_id                   1LIC 
_pdbx_entry_details.compound_details           ? 
_pdbx_entry_details.source_details             ? 
_pdbx_entry_details.nonpolymer_details         ? 
_pdbx_entry_details.sequence_details           ? 
_pdbx_entry_details.has_ligand_of_interest     ? 
_pdbx_entry_details.has_protein_modification   Y 
# 
_pdbx_validate_torsion.id              1 
_pdbx_validate_torsion.PDB_model_num   1 
_pdbx_validate_torsion.auth_comp_id    LYS 
_pdbx_validate_torsion.auth_asym_id    A 
_pdbx_validate_torsion.auth_seq_id     37 
_pdbx_validate_torsion.PDB_ins_code    ? 
_pdbx_validate_torsion.label_alt_id    ? 
_pdbx_validate_torsion.phi             -116.97 
_pdbx_validate_torsion.psi             78.15 
# 
_pdbx_struct_mod_residue.id               1 
_pdbx_struct_mod_residue.label_asym_id    A 
_pdbx_struct_mod_residue.label_comp_id    OCS 
_pdbx_struct_mod_residue.label_seq_id     117 
_pdbx_struct_mod_residue.auth_asym_id     A 
_pdbx_struct_mod_residue.auth_comp_id     OCS 
_pdbx_struct_mod_residue.auth_seq_id      117 
_pdbx_struct_mod_residue.PDB_ins_code     ? 
_pdbx_struct_mod_residue.parent_comp_id   CYS 
_pdbx_struct_mod_residue.details          'CYSTEINESULFONIC ACID' 
# 
_pdbx_struct_special_symmetry.id              1 
_pdbx_struct_special_symmetry.PDB_model_num   1 
_pdbx_struct_special_symmetry.auth_asym_id    A 
_pdbx_struct_special_symmetry.auth_comp_id    LYS 
_pdbx_struct_special_symmetry.auth_seq_id     21 
_pdbx_struct_special_symmetry.PDB_ins_code    ? 
_pdbx_struct_special_symmetry.label_asym_id   A 
_pdbx_struct_special_symmetry.label_comp_id   LYS 
_pdbx_struct_special_symmetry.label_seq_id    21 
# 
loop_
_chem_comp_atom.comp_id 
_chem_comp_atom.atom_id 
_chem_comp_atom.type_symbol 
_chem_comp_atom.pdbx_aromatic_flag 
_chem_comp_atom.pdbx_stereo_config 
_chem_comp_atom.pdbx_ordinal 
ALA N    N N N 1   
ALA CA   C N S 2   
ALA C    C N N 3   
ALA O    O N N 4   
ALA CB   C N N 5   
ALA OXT  O N N 6   
ALA H    H N N 7   
ALA H2   H N N 8   
ALA HA   H N N 9   
ALA HB1  H N N 10  
ALA HB2  H N N 11  
ALA HB3  H N N 12  
ALA HXT  H N N 13  
ARG N    N N N 14  
ARG CA   C N S 15  
ARG C    C N N 16  
ARG O    O N N 17  
ARG CB   C N N 18  
ARG CG   C N N 19  
ARG CD   C N N 20  
ARG NE   N N N 21  
ARG CZ   C N N 22  
ARG NH1  N N N 23  
ARG NH2  N N N 24  
ARG OXT  O N N 25  
ARG H    H N N 26  
ARG H2   H N N 27  
ARG HA   H N N 28  
ARG HB2  H N N 29  
ARG HB3  H N N 30  
ARG HG2  H N N 31  
ARG HG3  H N N 32  
ARG HD2  H N N 33  
ARG HD3  H N N 34  
ARG HE   H N N 35  
ARG HH11 H N N 36  
ARG HH12 H N N 37  
ARG HH21 H N N 38  
ARG HH22 H N N 39  
ARG HXT  H N N 40  
ASN N    N N N 41  
ASN CA   C N S 42  
ASN C    C N N 43  
ASN O    O N N 44  
ASN CB   C N N 45  
ASN CG   C N N 46  
ASN OD1  O N N 47  
ASN ND2  N N N 48  
ASN OXT  O N N 49  
ASN H    H N N 50  
ASN H2   H N N 51  
ASN HA   H N N 52  
ASN HB2  H N N 53  
ASN HB3  H N N 54  
ASN HD21 H N N 55  
ASN HD22 H N N 56  
ASN HXT  H N N 57  
ASP N    N N N 58  
ASP CA   C N S 59  
ASP C    C N N 60  
ASP O    O N N 61  
ASP CB   C N N 62  
ASP CG   C N N 63  
ASP OD1  O N N 64  
ASP OD2  O N N 65  
ASP OXT  O N N 66  
ASP H    H N N 67  
ASP H2   H N N 68  
ASP HA   H N N 69  
ASP HB2  H N N 70  
ASP HB3  H N N 71  
ASP HD2  H N N 72  
ASP HXT  H N N 73  
CYS N    N N N 74  
CYS CA   C N R 75  
CYS C    C N N 76  
CYS O    O N N 77  
CYS CB   C N N 78  
CYS SG   S N N 79  
CYS OXT  O N N 80  
CYS H    H N N 81  
CYS H2   H N N 82  
CYS HA   H N N 83  
CYS HB2  H N N 84  
CYS HB3  H N N 85  
CYS HG   H N N 86  
CYS HXT  H N N 87  
GLN N    N N N 88  
GLN CA   C N S 89  
GLN C    C N N 90  
GLN O    O N N 91  
GLN CB   C N N 92  
GLN CG   C N N 93  
GLN CD   C N N 94  
GLN OE1  O N N 95  
GLN NE2  N N N 96  
GLN OXT  O N N 97  
GLN H    H N N 98  
GLN H2   H N N 99  
GLN HA   H N N 100 
GLN HB2  H N N 101 
GLN HB3  H N N 102 
GLN HG2  H N N 103 
GLN HG3  H N N 104 
GLN HE21 H N N 105 
GLN HE22 H N N 106 
GLN HXT  H N N 107 
GLU N    N N N 108 
GLU CA   C N S 109 
GLU C    C N N 110 
GLU O    O N N 111 
GLU CB   C N N 112 
GLU CG   C N N 113 
GLU CD   C N N 114 
GLU OE1  O N N 115 
GLU OE2  O N N 116 
GLU OXT  O N N 117 
GLU H    H N N 118 
GLU H2   H N N 119 
GLU HA   H N N 120 
GLU HB2  H N N 121 
GLU HB3  H N N 122 
GLU HG2  H N N 123 
GLU HG3  H N N 124 
GLU HE2  H N N 125 
GLU HXT  H N N 126 
GLY N    N N N 127 
GLY CA   C N N 128 
GLY C    C N N 129 
GLY O    O N N 130 
GLY OXT  O N N 131 
GLY H    H N N 132 
GLY H2   H N N 133 
GLY HA2  H N N 134 
GLY HA3  H N N 135 
GLY HXT  H N N 136 
HDS C1   C N N 137 
HDS C2   C N N 138 
HDS C3   C N N 139 
HDS C4   C N N 140 
HDS C5   C N N 141 
HDS C6   C N N 142 
HDS C7   C N N 143 
HDS C8   C N N 144 
HDS C9   C N N 145 
HDS C10  C N N 146 
HDS C11  C N N 147 
HDS C12  C N N 148 
HDS C13  C N N 149 
HDS C14  C N N 150 
HDS C15  C N N 151 
HDS C16  C N N 152 
HDS S1   S N N 153 
HDS O1S  O N N 154 
HDS O2S  O N N 155 
HDS O3S  O N N 156 
HDS H11  H N N 157 
HDS H12  H N N 158 
HDS H21  H N N 159 
HDS H22  H N N 160 
HDS H31  H N N 161 
HDS H32  H N N 162 
HDS H41  H N N 163 
HDS H42  H N N 164 
HDS H51  H N N 165 
HDS H52  H N N 166 
HDS H61  H N N 167 
HDS H62  H N N 168 
HDS H71  H N N 169 
HDS H72  H N N 170 
HDS H81  H N N 171 
HDS H82  H N N 172 
HDS H91  H N N 173 
HDS H92  H N N 174 
HDS H101 H N N 175 
HDS H102 H N N 176 
HDS H111 H N N 177 
HDS H112 H N N 178 
HDS H121 H N N 179 
HDS H122 H N N 180 
HDS H131 H N N 181 
HDS H132 H N N 182 
HDS H141 H N N 183 
HDS H142 H N N 184 
HDS H151 H N N 185 
HDS H152 H N N 186 
HDS H161 H N N 187 
HDS H162 H N N 188 
HDS H163 H N N 189 
HDS HOS3 H N N 190 
HOH O    O N N 191 
HOH H1   H N N 192 
HOH H2   H N N 193 
ILE N    N N N 194 
ILE CA   C N S 195 
ILE C    C N N 196 
ILE O    O N N 197 
ILE CB   C N S 198 
ILE CG1  C N N 199 
ILE CG2  C N N 200 
ILE CD1  C N N 201 
ILE OXT  O N N 202 
ILE H    H N N 203 
ILE H2   H N N 204 
ILE HA   H N N 205 
ILE HB   H N N 206 
ILE HG12 H N N 207 
ILE HG13 H N N 208 
ILE HG21 H N N 209 
ILE HG22 H N N 210 
ILE HG23 H N N 211 
ILE HD11 H N N 212 
ILE HD12 H N N 213 
ILE HD13 H N N 214 
ILE HXT  H N N 215 
LEU N    N N N 216 
LEU CA   C N S 217 
LEU C    C N N 218 
LEU O    O N N 219 
LEU CB   C N N 220 
LEU CG   C N N 221 
LEU CD1  C N N 222 
LEU CD2  C N N 223 
LEU OXT  O N N 224 
LEU H    H N N 225 
LEU H2   H N N 226 
LEU HA   H N N 227 
LEU HB2  H N N 228 
LEU HB3  H N N 229 
LEU HG   H N N 230 
LEU HD11 H N N 231 
LEU HD12 H N N 232 
LEU HD13 H N N 233 
LEU HD21 H N N 234 
LEU HD22 H N N 235 
LEU HD23 H N N 236 
LEU HXT  H N N 237 
LYS N    N N N 238 
LYS CA   C N S 239 
LYS C    C N N 240 
LYS O    O N N 241 
LYS CB   C N N 242 
LYS CG   C N N 243 
LYS CD   C N N 244 
LYS CE   C N N 245 
LYS NZ   N N N 246 
LYS OXT  O N N 247 
LYS H    H N N 248 
LYS H2   H N N 249 
LYS HA   H N N 250 
LYS HB2  H N N 251 
LYS HB3  H N N 252 
LYS HG2  H N N 253 
LYS HG3  H N N 254 
LYS HD2  H N N 255 
LYS HD3  H N N 256 
LYS HE2  H N N 257 
LYS HE3  H N N 258 
LYS HZ1  H N N 259 
LYS HZ2  H N N 260 
LYS HZ3  H N N 261 
LYS HXT  H N N 262 
MET N    N N N 263 
MET CA   C N S 264 
MET C    C N N 265 
MET O    O N N 266 
MET CB   C N N 267 
MET CG   C N N 268 
MET SD   S N N 269 
MET CE   C N N 270 
MET OXT  O N N 271 
MET H    H N N 272 
MET H2   H N N 273 
MET HA   H N N 274 
MET HB2  H N N 275 
MET HB3  H N N 276 
MET HG2  H N N 277 
MET HG3  H N N 278 
MET HE1  H N N 279 
MET HE2  H N N 280 
MET HE3  H N N 281 
MET HXT  H N N 282 
OCS N    N N N 283 
OCS CA   C N R 284 
OCS CB   C N N 285 
OCS SG   S N N 286 
OCS C    C N N 287 
OCS O    O N N 288 
OCS OXT  O N N 289 
OCS OD1  O N N 290 
OCS OD2  O N N 291 
OCS OD3  O N N 292 
OCS H    H N N 293 
OCS H2   H N N 294 
OCS HA   H N N 295 
OCS HB2  H N N 296 
OCS HB3  H N N 297 
OCS HXT  H N N 298 
OCS HD2  H N N 299 
PHE N    N N N 300 
PHE CA   C N S 301 
PHE C    C N N 302 
PHE O    O N N 303 
PHE CB   C N N 304 
PHE CG   C Y N 305 
PHE CD1  C Y N 306 
PHE CD2  C Y N 307 
PHE CE1  C Y N 308 
PHE CE2  C Y N 309 
PHE CZ   C Y N 310 
PHE OXT  O N N 311 
PHE H    H N N 312 
PHE H2   H N N 313 
PHE HA   H N N 314 
PHE HB2  H N N 315 
PHE HB3  H N N 316 
PHE HD1  H N N 317 
PHE HD2  H N N 318 
PHE HE1  H N N 319 
PHE HE2  H N N 320 
PHE HZ   H N N 321 
PHE HXT  H N N 322 
PPI C1   C N N 323 
PPI C2   C N N 324 
PPI C3   C N N 325 
PPI O1   O N N 326 
PPI O2   O N N 327 
PPI H21  H N N 328 
PPI H22  H N N 329 
PPI H31  H N N 330 
PPI H32  H N N 331 
PPI H33  H N N 332 
PPI HO2  H N N 333 
PRO N    N N N 334 
PRO CA   C N S 335 
PRO C    C N N 336 
PRO O    O N N 337 
PRO CB   C N N 338 
PRO CG   C N N 339 
PRO CD   C N N 340 
PRO OXT  O N N 341 
PRO H    H N N 342 
PRO HA   H N N 343 
PRO HB2  H N N 344 
PRO HB3  H N N 345 
PRO HG2  H N N 346 
PRO HG3  H N N 347 
PRO HD2  H N N 348 
PRO HD3  H N N 349 
PRO HXT  H N N 350 
SER N    N N N 351 
SER CA   C N S 352 
SER C    C N N 353 
SER O    O N N 354 
SER CB   C N N 355 
SER OG   O N N 356 
SER OXT  O N N 357 
SER H    H N N 358 
SER H2   H N N 359 
SER HA   H N N 360 
SER HB2  H N N 361 
SER HB3  H N N 362 
SER HG   H N N 363 
SER HXT  H N N 364 
THR N    N N N 365 
THR CA   C N S 366 
THR C    C N N 367 
THR O    O N N 368 
THR CB   C N R 369 
THR OG1  O N N 370 
THR CG2  C N N 371 
THR OXT  O N N 372 
THR H    H N N 373 
THR H2   H N N 374 
THR HA   H N N 375 
THR HB   H N N 376 
THR HG1  H N N 377 
THR HG21 H N N 378 
THR HG22 H N N 379 
THR HG23 H N N 380 
THR HXT  H N N 381 
TRP N    N N N 382 
TRP CA   C N S 383 
TRP C    C N N 384 
TRP O    O N N 385 
TRP CB   C N N 386 
TRP CG   C Y N 387 
TRP CD1  C Y N 388 
TRP CD2  C Y N 389 
TRP NE1  N Y N 390 
TRP CE2  C Y N 391 
TRP CE3  C Y N 392 
TRP CZ2  C Y N 393 
TRP CZ3  C Y N 394 
TRP CH2  C Y N 395 
TRP OXT  O N N 396 
TRP H    H N N 397 
TRP H2   H N N 398 
TRP HA   H N N 399 
TRP HB2  H N N 400 
TRP HB3  H N N 401 
TRP HD1  H N N 402 
TRP HE1  H N N 403 
TRP HE3  H N N 404 
TRP HZ2  H N N 405 
TRP HZ3  H N N 406 
TRP HH2  H N N 407 
TRP HXT  H N N 408 
TYR N    N N N 409 
TYR CA   C N S 410 
TYR C    C N N 411 
TYR O    O N N 412 
TYR CB   C N N 413 
TYR CG   C Y N 414 
TYR CD1  C Y N 415 
TYR CD2  C Y N 416 
TYR CE1  C Y N 417 
TYR CE2  C Y N 418 
TYR CZ   C Y N 419 
TYR OH   O N N 420 
TYR OXT  O N N 421 
TYR H    H N N 422 
TYR H2   H N N 423 
TYR HA   H N N 424 
TYR HB2  H N N 425 
TYR HB3  H N N 426 
TYR HD1  H N N 427 
TYR HD2  H N N 428 
TYR HE1  H N N 429 
TYR HE2  H N N 430 
TYR HH   H N N 431 
TYR HXT  H N N 432 
VAL N    N N N 433 
VAL CA   C N S 434 
VAL C    C N N 435 
VAL O    O N N 436 
VAL CB   C N N 437 
VAL CG1  C N N 438 
VAL CG2  C N N 439 
VAL OXT  O N N 440 
VAL H    H N N 441 
VAL H2   H N N 442 
VAL HA   H N N 443 
VAL HB   H N N 444 
VAL HG11 H N N 445 
VAL HG12 H N N 446 
VAL HG13 H N N 447 
VAL HG21 H N N 448 
VAL HG22 H N N 449 
VAL HG23 H N N 450 
VAL HXT  H N N 451 
# 
loop_
_chem_comp_bond.comp_id 
_chem_comp_bond.atom_id_1 
_chem_comp_bond.atom_id_2 
_chem_comp_bond.value_order 
_chem_comp_bond.pdbx_aromatic_flag 
_chem_comp_bond.pdbx_stereo_config 
_chem_comp_bond.pdbx_ordinal 
ALA N   CA   sing N N 1   
ALA N   H    sing N N 2   
ALA N   H2   sing N N 3   
ALA CA  C    sing N N 4   
ALA CA  CB   sing N N 5   
ALA CA  HA   sing N N 6   
ALA C   O    doub N N 7   
ALA C   OXT  sing N N 8   
ALA CB  HB1  sing N N 9   
ALA CB  HB2  sing N N 10  
ALA CB  HB3  sing N N 11  
ALA OXT HXT  sing N N 12  
ARG N   CA   sing N N 13  
ARG N   H    sing N N 14  
ARG N   H2   sing N N 15  
ARG CA  C    sing N N 16  
ARG CA  CB   sing N N 17  
ARG CA  HA   sing N N 18  
ARG C   O    doub N N 19  
ARG C   OXT  sing N N 20  
ARG CB  CG   sing N N 21  
ARG CB  HB2  sing N N 22  
ARG CB  HB3  sing N N 23  
ARG CG  CD   sing N N 24  
ARG CG  HG2  sing N N 25  
ARG CG  HG3  sing N N 26  
ARG CD  NE   sing N N 27  
ARG CD  HD2  sing N N 28  
ARG CD  HD3  sing N N 29  
ARG NE  CZ   sing N N 30  
ARG NE  HE   sing N N 31  
ARG CZ  NH1  sing N N 32  
ARG CZ  NH2  doub N N 33  
ARG NH1 HH11 sing N N 34  
ARG NH1 HH12 sing N N 35  
ARG NH2 HH21 sing N N 36  
ARG NH2 HH22 sing N N 37  
ARG OXT HXT  sing N N 38  
ASN N   CA   sing N N 39  
ASN N   H    sing N N 40  
ASN N   H2   sing N N 41  
ASN CA  C    sing N N 42  
ASN CA  CB   sing N N 43  
ASN CA  HA   sing N N 44  
ASN C   O    doub N N 45  
ASN C   OXT  sing N N 46  
ASN CB  CG   sing N N 47  
ASN CB  HB2  sing N N 48  
ASN CB  HB3  sing N N 49  
ASN CG  OD1  doub N N 50  
ASN CG  ND2  sing N N 51  
ASN ND2 HD21 sing N N 52  
ASN ND2 HD22 sing N N 53  
ASN OXT HXT  sing N N 54  
ASP N   CA   sing N N 55  
ASP N   H    sing N N 56  
ASP N   H2   sing N N 57  
ASP CA  C    sing N N 58  
ASP CA  CB   sing N N 59  
ASP CA  HA   sing N N 60  
ASP C   O    doub N N 61  
ASP C   OXT  sing N N 62  
ASP CB  CG   sing N N 63  
ASP CB  HB2  sing N N 64  
ASP CB  HB3  sing N N 65  
ASP CG  OD1  doub N N 66  
ASP CG  OD2  sing N N 67  
ASP OD2 HD2  sing N N 68  
ASP OXT HXT  sing N N 69  
CYS N   CA   sing N N 70  
CYS N   H    sing N N 71  
CYS N   H2   sing N N 72  
CYS CA  C    sing N N 73  
CYS CA  CB   sing N N 74  
CYS CA  HA   sing N N 75  
CYS C   O    doub N N 76  
CYS C   OXT  sing N N 77  
CYS CB  SG   sing N N 78  
CYS CB  HB2  sing N N 79  
CYS CB  HB3  sing N N 80  
CYS SG  HG   sing N N 81  
CYS OXT HXT  sing N N 82  
GLN N   CA   sing N N 83  
GLN N   H    sing N N 84  
GLN N   H2   sing N N 85  
GLN CA  C    sing N N 86  
GLN CA  CB   sing N N 87  
GLN CA  HA   sing N N 88  
GLN C   O    doub N N 89  
GLN C   OXT  sing N N 90  
GLN CB  CG   sing N N 91  
GLN CB  HB2  sing N N 92  
GLN CB  HB3  sing N N 93  
GLN CG  CD   sing N N 94  
GLN CG  HG2  sing N N 95  
GLN CG  HG3  sing N N 96  
GLN CD  OE1  doub N N 97  
GLN CD  NE2  sing N N 98  
GLN NE2 HE21 sing N N 99  
GLN NE2 HE22 sing N N 100 
GLN OXT HXT  sing N N 101 
GLU N   CA   sing N N 102 
GLU N   H    sing N N 103 
GLU N   H2   sing N N 104 
GLU CA  C    sing N N 105 
GLU CA  CB   sing N N 106 
GLU CA  HA   sing N N 107 
GLU C   O    doub N N 108 
GLU C   OXT  sing N N 109 
GLU CB  CG   sing N N 110 
GLU CB  HB2  sing N N 111 
GLU CB  HB3  sing N N 112 
GLU CG  CD   sing N N 113 
GLU CG  HG2  sing N N 114 
GLU CG  HG3  sing N N 115 
GLU CD  OE1  doub N N 116 
GLU CD  OE2  sing N N 117 
GLU OE2 HE2  sing N N 118 
GLU OXT HXT  sing N N 119 
GLY N   CA   sing N N 120 
GLY N   H    sing N N 121 
GLY N   H2   sing N N 122 
GLY CA  C    sing N N 123 
GLY CA  HA2  sing N N 124 
GLY CA  HA3  sing N N 125 
GLY C   O    doub N N 126 
GLY C   OXT  sing N N 127 
GLY OXT HXT  sing N N 128 
HDS C1  C2   sing N N 129 
HDS C1  S1   sing N N 130 
HDS C1  H11  sing N N 131 
HDS C1  H12  sing N N 132 
HDS C2  C3   sing N N 133 
HDS C2  H21  sing N N 134 
HDS C2  H22  sing N N 135 
HDS C3  C4   sing N N 136 
HDS C3  H31  sing N N 137 
HDS C3  H32  sing N N 138 
HDS C4  C5   sing N N 139 
HDS C4  H41  sing N N 140 
HDS C4  H42  sing N N 141 
HDS C5  C6   sing N N 142 
HDS C5  H51  sing N N 143 
HDS C5  H52  sing N N 144 
HDS C6  C7   sing N N 145 
HDS C6  H61  sing N N 146 
HDS C6  H62  sing N N 147 
HDS C7  C8   sing N N 148 
HDS C7  H71  sing N N 149 
HDS C7  H72  sing N N 150 
HDS C8  C9   sing N N 151 
HDS C8  H81  sing N N 152 
HDS C8  H82  sing N N 153 
HDS C9  C10  sing N N 154 
HDS C9  H91  sing N N 155 
HDS C9  H92  sing N N 156 
HDS C10 C11  sing N N 157 
HDS C10 H101 sing N N 158 
HDS C10 H102 sing N N 159 
HDS C11 C12  sing N N 160 
HDS C11 H111 sing N N 161 
HDS C11 H112 sing N N 162 
HDS C12 C13  sing N N 163 
HDS C12 H121 sing N N 164 
HDS C12 H122 sing N N 165 
HDS C13 C14  sing N N 166 
HDS C13 H131 sing N N 167 
HDS C13 H132 sing N N 168 
HDS C14 C15  sing N N 169 
HDS C14 H141 sing N N 170 
HDS C14 H142 sing N N 171 
HDS C15 C16  sing N N 172 
HDS C15 H151 sing N N 173 
HDS C15 H152 sing N N 174 
HDS C16 H161 sing N N 175 
HDS C16 H162 sing N N 176 
HDS C16 H163 sing N N 177 
HDS S1  O1S  doub N N 178 
HDS S1  O2S  doub N N 179 
HDS S1  O3S  sing N N 180 
HDS O3S HOS3 sing N N 181 
HOH O   H1   sing N N 182 
HOH O   H2   sing N N 183 
ILE N   CA   sing N N 184 
ILE N   H    sing N N 185 
ILE N   H2   sing N N 186 
ILE CA  C    sing N N 187 
ILE CA  CB   sing N N 188 
ILE CA  HA   sing N N 189 
ILE C   O    doub N N 190 
ILE C   OXT  sing N N 191 
ILE CB  CG1  sing N N 192 
ILE CB  CG2  sing N N 193 
ILE CB  HB   sing N N 194 
ILE CG1 CD1  sing N N 195 
ILE CG1 HG12 sing N N 196 
ILE CG1 HG13 sing N N 197 
ILE CG2 HG21 sing N N 198 
ILE CG2 HG22 sing N N 199 
ILE CG2 HG23 sing N N 200 
ILE CD1 HD11 sing N N 201 
ILE CD1 HD12 sing N N 202 
ILE CD1 HD13 sing N N 203 
ILE OXT HXT  sing N N 204 
LEU N   CA   sing N N 205 
LEU N   H    sing N N 206 
LEU N   H2   sing N N 207 
LEU CA  C    sing N N 208 
LEU CA  CB   sing N N 209 
LEU CA  HA   sing N N 210 
LEU C   O    doub N N 211 
LEU C   OXT  sing N N 212 
LEU CB  CG   sing N N 213 
LEU CB  HB2  sing N N 214 
LEU CB  HB3  sing N N 215 
LEU CG  CD1  sing N N 216 
LEU CG  CD2  sing N N 217 
LEU CG  HG   sing N N 218 
LEU CD1 HD11 sing N N 219 
LEU CD1 HD12 sing N N 220 
LEU CD1 HD13 sing N N 221 
LEU CD2 HD21 sing N N 222 
LEU CD2 HD22 sing N N 223 
LEU CD2 HD23 sing N N 224 
LEU OXT HXT  sing N N 225 
LYS N   CA   sing N N 226 
LYS N   H    sing N N 227 
LYS N   H2   sing N N 228 
LYS CA  C    sing N N 229 
LYS CA  CB   sing N N 230 
LYS CA  HA   sing N N 231 
LYS C   O    doub N N 232 
LYS C   OXT  sing N N 233 
LYS CB  CG   sing N N 234 
LYS CB  HB2  sing N N 235 
LYS CB  HB3  sing N N 236 
LYS CG  CD   sing N N 237 
LYS CG  HG2  sing N N 238 
LYS CG  HG3  sing N N 239 
LYS CD  CE   sing N N 240 
LYS CD  HD2  sing N N 241 
LYS CD  HD3  sing N N 242 
LYS CE  NZ   sing N N 243 
LYS CE  HE2  sing N N 244 
LYS CE  HE3  sing N N 245 
LYS NZ  HZ1  sing N N 246 
LYS NZ  HZ2  sing N N 247 
LYS NZ  HZ3  sing N N 248 
LYS OXT HXT  sing N N 249 
MET N   CA   sing N N 250 
MET N   H    sing N N 251 
MET N   H2   sing N N 252 
MET CA  C    sing N N 253 
MET CA  CB   sing N N 254 
MET CA  HA   sing N N 255 
MET C   O    doub N N 256 
MET C   OXT  sing N N 257 
MET CB  CG   sing N N 258 
MET CB  HB2  sing N N 259 
MET CB  HB3  sing N N 260 
MET CG  SD   sing N N 261 
MET CG  HG2  sing N N 262 
MET CG  HG3  sing N N 263 
MET SD  CE   sing N N 264 
MET CE  HE1  sing N N 265 
MET CE  HE2  sing N N 266 
MET CE  HE3  sing N N 267 
MET OXT HXT  sing N N 268 
OCS N   CA   sing N N 269 
OCS N   H    sing N N 270 
OCS N   H2   sing N N 271 
OCS CA  CB   sing N N 272 
OCS CA  C    sing N N 273 
OCS CA  HA   sing N N 274 
OCS CB  SG   sing N N 275 
OCS CB  HB2  sing N N 276 
OCS CB  HB3  sing N N 277 
OCS SG  OD1  doub N N 278 
OCS SG  OD2  sing N N 279 
OCS SG  OD3  doub N N 280 
OCS C   O    doub N N 281 
OCS C   OXT  sing N N 282 
OCS OXT HXT  sing N N 283 
OCS OD2 HD2  sing N N 284 
PHE N   CA   sing N N 285 
PHE N   H    sing N N 286 
PHE N   H2   sing N N 287 
PHE CA  C    sing N N 288 
PHE CA  CB   sing N N 289 
PHE CA  HA   sing N N 290 
PHE C   O    doub N N 291 
PHE C   OXT  sing N N 292 
PHE CB  CG   sing N N 293 
PHE CB  HB2  sing N N 294 
PHE CB  HB3  sing N N 295 
PHE CG  CD1  doub Y N 296 
PHE CG  CD2  sing Y N 297 
PHE CD1 CE1  sing Y N 298 
PHE CD1 HD1  sing N N 299 
PHE CD2 CE2  doub Y N 300 
PHE CD2 HD2  sing N N 301 
PHE CE1 CZ   doub Y N 302 
PHE CE1 HE1  sing N N 303 
PHE CE2 CZ   sing Y N 304 
PHE CE2 HE2  sing N N 305 
PHE CZ  HZ   sing N N 306 
PHE OXT HXT  sing N N 307 
PPI C1  C2   sing N N 308 
PPI C1  O1   doub N N 309 
PPI C1  O2   sing N N 310 
PPI C2  C3   sing N N 311 
PPI C2  H21  sing N N 312 
PPI C2  H22  sing N N 313 
PPI C3  H31  sing N N 314 
PPI C3  H32  sing N N 315 
PPI C3  H33  sing N N 316 
PPI O2  HO2  sing N N 317 
PRO N   CA   sing N N 318 
PRO N   CD   sing N N 319 
PRO N   H    sing N N 320 
PRO CA  C    sing N N 321 
PRO CA  CB   sing N N 322 
PRO CA  HA   sing N N 323 
PRO C   O    doub N N 324 
PRO C   OXT  sing N N 325 
PRO CB  CG   sing N N 326 
PRO CB  HB2  sing N N 327 
PRO CB  HB3  sing N N 328 
PRO CG  CD   sing N N 329 
PRO CG  HG2  sing N N 330 
PRO CG  HG3  sing N N 331 
PRO CD  HD2  sing N N 332 
PRO CD  HD3  sing N N 333 
PRO OXT HXT  sing N N 334 
SER N   CA   sing N N 335 
SER N   H    sing N N 336 
SER N   H2   sing N N 337 
SER CA  C    sing N N 338 
SER CA  CB   sing N N 339 
SER CA  HA   sing N N 340 
SER C   O    doub N N 341 
SER C   OXT  sing N N 342 
SER CB  OG   sing N N 343 
SER CB  HB2  sing N N 344 
SER CB  HB3  sing N N 345 
SER OG  HG   sing N N 346 
SER OXT HXT  sing N N 347 
THR N   CA   sing N N 348 
THR N   H    sing N N 349 
THR N   H2   sing N N 350 
THR CA  C    sing N N 351 
THR CA  CB   sing N N 352 
THR CA  HA   sing N N 353 
THR C   O    doub N N 354 
THR C   OXT  sing N N 355 
THR CB  OG1  sing N N 356 
THR CB  CG2  sing N N 357 
THR CB  HB   sing N N 358 
THR OG1 HG1  sing N N 359 
THR CG2 HG21 sing N N 360 
THR CG2 HG22 sing N N 361 
THR CG2 HG23 sing N N 362 
THR OXT HXT  sing N N 363 
TRP N   CA   sing N N 364 
TRP N   H    sing N N 365 
TRP N   H2   sing N N 366 
TRP CA  C    sing N N 367 
TRP CA  CB   sing N N 368 
TRP CA  HA   sing N N 369 
TRP C   O    doub N N 370 
TRP C   OXT  sing N N 371 
TRP CB  CG   sing N N 372 
TRP CB  HB2  sing N N 373 
TRP CB  HB3  sing N N 374 
TRP CG  CD1  doub Y N 375 
TRP CG  CD2  sing Y N 376 
TRP CD1 NE1  sing Y N 377 
TRP CD1 HD1  sing N N 378 
TRP CD2 CE2  doub Y N 379 
TRP CD2 CE3  sing Y N 380 
TRP NE1 CE2  sing Y N 381 
TRP NE1 HE1  sing N N 382 
TRP CE2 CZ2  sing Y N 383 
TRP CE3 CZ3  doub Y N 384 
TRP CE3 HE3  sing N N 385 
TRP CZ2 CH2  doub Y N 386 
TRP CZ2 HZ2  sing N N 387 
TRP CZ3 CH2  sing Y N 388 
TRP CZ3 HZ3  sing N N 389 
TRP CH2 HH2  sing N N 390 
TRP OXT HXT  sing N N 391 
TYR N   CA   sing N N 392 
TYR N   H    sing N N 393 
TYR N   H2   sing N N 394 
TYR CA  C    sing N N 395 
TYR CA  CB   sing N N 396 
TYR CA  HA   sing N N 397 
TYR C   O    doub N N 398 
TYR C   OXT  sing N N 399 
TYR CB  CG   sing N N 400 
TYR CB  HB2  sing N N 401 
TYR CB  HB3  sing N N 402 
TYR CG  CD1  doub Y N 403 
TYR CG  CD2  sing Y N 404 
TYR CD1 CE1  sing Y N 405 
TYR CD1 HD1  sing N N 406 
TYR CD2 CE2  doub Y N 407 
TYR CD2 HD2  sing N N 408 
TYR CE1 CZ   doub Y N 409 
TYR CE1 HE1  sing N N 410 
TYR CE2 CZ   sing Y N 411 
TYR CE2 HE2  sing N N 412 
TYR CZ  OH   sing N N 413 
TYR OH  HH   sing N N 414 
TYR OXT HXT  sing N N 415 
VAL N   CA   sing N N 416 
VAL N   H    sing N N 417 
VAL N   H2   sing N N 418 
VAL CA  C    sing N N 419 
VAL CA  CB   sing N N 420 
VAL CA  HA   sing N N 421 
VAL C   O    doub N N 422 
VAL C   OXT  sing N N 423 
VAL CB  CG1  sing N N 424 
VAL CB  CG2  sing N N 425 
VAL CB  HB   sing N N 426 
VAL CG1 HG11 sing N N 427 
VAL CG1 HG12 sing N N 428 
VAL CG1 HG13 sing N N 429 
VAL CG2 HG21 sing N N 430 
VAL CG2 HG22 sing N N 431 
VAL CG2 HG23 sing N N 432 
VAL OXT HXT  sing N N 433 
# 
_atom_sites.entry_id                    1LIC 
_atom_sites.fract_transf_matrix[1][1]   0.00066546 
_atom_sites.fract_transf_matrix[1][2]   -0.00193146 
_atom_sites.fract_transf_matrix[1][3]   0.00802826 
_atom_sites.fract_transf_matrix[2][1]   0.01396468 
_atom_sites.fract_transf_matrix[2][2]   -0.02158708 
_atom_sites.fract_transf_matrix[2][3]   -0.00635100 
_atom_sites.fract_transf_matrix[3][1]   0.02968388 
_atom_sites.fract_transf_matrix[3][2]   0.01822840 
_atom_sites.fract_transf_matrix[3][3]   0.00331096 
_atom_sites.fract_transf_vector[1]      -0.352656 
_atom_sites.fract_transf_vector[2]      1.844326 
_atom_sites.fract_transf_vector[3]      -0.211066 
# 
loop_
_atom_type.symbol 
C 
N 
O 
S 
# 
loop_
_atom_site.group_PDB 
_atom_site.id 
_atom_site.type_symbol 
_atom_site.label_atom_id 
_atom_site.label_alt_id 
_atom_site.label_comp_id 
_atom_site.label_asym_id 
_atom_site.label_entity_id 
_atom_site.label_seq_id 
_atom_site.pdbx_PDB_ins_code 
_atom_site.Cartn_x 
_atom_site.Cartn_y 
_atom_site.Cartn_z 
_atom_site.occupancy 
_atom_site.B_iso_or_equiv 
_atom_site.pdbx_formal_charge 
_atom_site.auth_seq_id 
_atom_site.auth_comp_id 
_atom_site.auth_asym_id 
_atom_site.auth_atom_id 
_atom_site.pdbx_PDB_model_num 
ATOM   1    N N   . CYS A 1 1   ? -1.074  -0.482  16.433  1.00 28.29 ? 1    CYS A N   1 
ATOM   2    C CA  . CYS A 1 1   ? -1.083  0.623   15.431  1.00 27.37 ? 1    CYS A CA  1 
ATOM   3    C C   . CYS A 1 1   ? -2.413  1.386   15.438  1.00 24.46 ? 1    CYS A C   1 
ATOM   4    O O   . CYS A 1 1   ? -3.032  1.599   14.397  1.00 23.47 ? 1    CYS A O   1 
ATOM   5    C CB  . CYS A 1 1   ? -0.804  0.039   14.051  1.00 28.84 ? 1    CYS A CB  1 
ATOM   6    S SG  . CYS A 1 1   ? -0.838  -1.761  14.076  1.00 34.38 ? 1    CYS A SG  1 
ATOM   7    N N   . ASP A 1 2   ? -2.825  1.827   16.623  1.00 22.79 ? 2    ASP A N   1 
ATOM   8    C CA  . ASP A 1 2   ? -4.073  2.567   16.801  1.00 22.42 ? 2    ASP A CA  1 
ATOM   9    C C   . ASP A 1 2   ? -4.146  3.833   15.955  1.00 20.42 ? 2    ASP A C   1 
ATOM   10   O O   . ASP A 1 2   ? -5.221  4.226   15.513  1.00 19.96 ? 2    ASP A O   1 
ATOM   11   C CB  . ASP A 1 2   ? -4.260  2.944   18.272  1.00 27.65 ? 2    ASP A CB  1 
ATOM   12   C CG  . ASP A 1 2   ? -4.423  1.735   19.171  1.00 32.48 ? 2    ASP A CG  1 
ATOM   13   O OD1 . ASP A 1 2   ? -3.426  1.017   19.398  1.00 34.44 ? 2    ASP A OD1 1 
ATOM   14   O OD2 . ASP A 1 2   ? -5.553  1.504   19.649  1.00 37.69 ? 2    ASP A OD2 1 
ATOM   15   N N   . ALA A 1 3   ? -2.997  4.465   15.738  1.00 17.71 ? 3    ALA A N   1 
ATOM   16   C CA  . ALA A 1 3   ? -2.918  5.697   14.954  1.00 16.54 ? 3    ALA A CA  1 
ATOM   17   C C   . ALA A 1 3   ? -3.322  5.513   13.487  1.00 15.19 ? 3    ALA A C   1 
ATOM   18   O O   . ALA A 1 3   ? -3.616  6.478   12.793  1.00 15.20 ? 3    ALA A O   1 
ATOM   19   C CB  . ALA A 1 3   ? -1.504  6.269   15.038  1.00 16.70 ? 3    ALA A CB  1 
ATOM   20   N N   . PHE A 1 4   ? -3.336  4.274   13.019  1.00 13.21 ? 4    PHE A N   1 
ATOM   21   C CA  . PHE A 1 4   ? -3.683  3.994   11.634  1.00 11.37 ? 4    PHE A CA  1 
ATOM   22   C C   . PHE A 1 4   ? -5.133  3.589   11.415  1.00 11.64 ? 4    PHE A C   1 
ATOM   23   O O   . PHE A 1 4   ? -5.637  3.674   10.295  1.00 11.25 ? 4    PHE A O   1 
ATOM   24   C CB  . PHE A 1 4   ? -2.769  2.900   11.083  1.00 9.72  ? 4    PHE A CB  1 
ATOM   25   C CG  . PHE A 1 4   ? -1.342  3.315   10.967  1.00 12.00 ? 4    PHE A CG  1 
ATOM   26   C CD1 . PHE A 1 4   ? -0.906  4.034   9.861   1.00 12.54 ? 4    PHE A CD1 1 
ATOM   27   C CD2 . PHE A 1 4   ? -0.428  3.007   11.968  1.00 13.06 ? 4    PHE A CD2 1 
ATOM   28   C CE1 . PHE A 1 4   ? 0.415   4.441   9.756   1.00 12.66 ? 4    PHE A CE1 1 
ATOM   29   C CE2 . PHE A 1 4   ? 0.901   3.413   11.871  1.00 11.55 ? 4    PHE A CE2 1 
ATOM   30   C CZ  . PHE A 1 4   ? 1.322   4.130   10.765  1.00 12.12 ? 4    PHE A CZ  1 
ATOM   31   N N   . VAL A 1 5   ? -5.806  3.160   12.476  1.00 10.65 ? 5    VAL A N   1 
ATOM   32   C CA  . VAL A 1 5   ? -7.182  2.696   12.358  1.00 11.59 ? 5    VAL A CA  1 
ATOM   33   C C   . VAL A 1 5   ? -8.171  3.735   11.825  1.00 12.27 ? 5    VAL A C   1 
ATOM   34   O O   . VAL A 1 5   ? -8.165  4.890   12.242  1.00 12.99 ? 5    VAL A O   1 
ATOM   35   C CB  . VAL A 1 5   ? -7.680  2.096   13.697  1.00 12.60 ? 5    VAL A CB  1 
ATOM   36   C CG1 . VAL A 1 5   ? -9.139  1.666   13.590  1.00 13.81 ? 5    VAL A CG1 1 
ATOM   37   C CG2 . VAL A 1 5   ? -6.814  0.896   14.071  1.00 12.99 ? 5    VAL A CG2 1 
ATOM   38   N N   . GLY A 1 6   ? -8.991  3.312   10.868  1.00 12.01 ? 6    GLY A N   1 
ATOM   39   C CA  . GLY A 1 6   ? -9.987  4.197   10.294  1.00 12.04 ? 6    GLY A CA  1 
ATOM   40   C C   . GLY A 1 6   ? -10.093 4.067   8.788   1.00 12.42 ? 6    GLY A C   1 
ATOM   41   O O   . GLY A 1 6   ? -9.507  3.160   8.189   1.00 12.26 ? 6    GLY A O   1 
ATOM   42   N N   . THR A 1 7   ? -10.899 4.940   8.190   1.00 10.95 ? 7    THR A N   1 
ATOM   43   C CA  . THR A 1 7   ? -11.095 4.978   6.751   1.00 11.56 ? 7    THR A CA  1 
ATOM   44   C C   . THR A 1 7   ? -10.417 6.246   6.247   1.00 11.83 ? 7    THR A C   1 
ATOM   45   O O   . THR A 1 7   ? -10.619 7.329   6.801   1.00 12.12 ? 7    THR A O   1 
ATOM   46   C CB  . THR A 1 7   ? -12.577 4.995   6.398   1.00 12.06 ? 7    THR A CB  1 
ATOM   47   O OG1 . THR A 1 7   ? -13.184 3.796   6.895   1.00 14.29 ? 7    THR A OG1 1 
ATOM   48   C CG2 . THR A 1 7   ? -12.773 5.071   4.885   1.00 13.35 ? 7    THR A CG2 1 
ATOM   49   N N   . TRP A 1 8   ? -9.606  6.097   5.209   1.00 9.25  ? 8    TRP A N   1 
ATOM   50   C CA  . TRP A 1 8   ? -8.846  7.197   4.644   1.00 8.85  ? 8    TRP A CA  1 
ATOM   51   C C   . TRP A 1 8   ? -9.138  7.335   3.153   1.00 9.69  ? 8    TRP A C   1 
ATOM   52   O O   . TRP A 1 8   ? -9.337  6.335   2.463   1.00 12.23 ? 8    TRP A O   1 
ATOM   53   C CB  . TRP A 1 8   ? -7.351  6.922   4.835   1.00 9.41  ? 8    TRP A CB  1 
ATOM   54   C CG  . TRP A 1 8   ? -6.949  6.638   6.254   1.00 10.32 ? 8    TRP A CG  1 
ATOM   55   C CD1 . TRP A 1 8   ? -7.037  5.441   6.914   1.00 9.58  ? 8    TRP A CD1 1 
ATOM   56   C CD2 . TRP A 1 8   ? -6.389  7.572   7.189   1.00 9.97  ? 8    TRP A CD2 1 
ATOM   57   N NE1 . TRP A 1 8   ? -6.566  5.576   8.199   1.00 11.51 ? 8    TRP A NE1 1 
ATOM   58   C CE2 . TRP A 1 8   ? -6.160  6.868   8.393   1.00 11.22 ? 8    TRP A CE2 1 
ATOM   59   C CE3 . TRP A 1 8   ? -6.053  8.933   7.120   1.00 10.24 ? 8    TRP A CE3 1 
ATOM   60   C CZ2 . TRP A 1 8   ? -5.608  7.486   9.526   1.00 11.59 ? 8    TRP A CZ2 1 
ATOM   61   C CZ3 . TRP A 1 8   ? -5.504  9.544   8.245   1.00 10.64 ? 8    TRP A CZ3 1 
ATOM   62   C CH2 . TRP A 1 8   ? -5.289  8.817   9.431   1.00 10.90 ? 8    TRP A CH2 1 
ATOM   63   N N   . LYS A 1 9   ? -9.186  8.570   2.664   1.00 8.88  ? 9    LYS A N   1 
ATOM   64   C CA  . LYS A 1 9   ? -9.441  8.828   1.246   1.00 9.99  ? 9    LYS A CA  1 
ATOM   65   C C   . LYS A 1 9   ? -8.245  9.542   0.620   1.00 8.85  ? 9    LYS A C   1 
ATOM   66   O O   . LYS A 1 9   ? -7.623  10.403  1.245   1.00 8.26  ? 9    LYS A O   1 
ATOM   67   C CB  . LYS A 1 9   ? -10.728 9.638   1.042   1.00 13.36 ? 9    LYS A CB  1 
ATOM   68   C CG  . LYS A 1 9   ? -10.820 10.893  1.886   1.00 21.15 ? 9    LYS A CG  1 
ATOM   69   C CD  . LYS A 1 9   ? -12.130 11.637  1.651   1.00 24.67 ? 9    LYS A CD  1 
ATOM   70   C CE  . LYS A 1 9   ? -12.278 12.813  2.612   1.00 29.47 ? 9    LYS A CE  1 
ATOM   71   N NZ  . LYS A 1 9   ? -13.530 13.559  2.418   0.00 0.00  ? 9    LYS A NZ  1 
ATOM   72   N N   . LEU A 1 10  ? -7.908  9.152   -0.603  1.00 9.91  ? 10   LEU A N   1 
ATOM   73   C CA  . LEU A 1 10  ? -6.772  9.727   -1.308  1.00 11.54 ? 10   LEU A CA  1 
ATOM   74   C C   . LEU A 1 10  ? -6.960  11.213  -1.581  1.00 12.04 ? 10   LEU A C   1 
ATOM   75   O O   . LEU A 1 10  ? -8.013  11.634  -2.045  1.00 15.13 ? 10   LEU A O   1 
ATOM   76   C CB  . LEU A 1 10  ? -6.536  8.966   -2.610  1.00 10.97 ? 10   LEU A CB  1 
ATOM   77   C CG  . LEU A 1 10  ? -5.311  9.365   -3.421  1.00 9.90  ? 10   LEU A CG  1 
ATOM   78   C CD1 . LEU A 1 10  ? -4.028  9.041   -2.668  1.00 10.29 ? 10   LEU A CD1 1 
ATOM   79   C CD2 . LEU A 1 10  ? -5.367  8.625   -4.739  1.00 12.08 ? 10   LEU A CD2 1 
ATOM   80   N N   . VAL A 1 11  ? -5.931  11.996  -1.281  1.00 12.33 ? 11   VAL A N   1 
ATOM   81   C CA  . VAL A 1 11  ? -5.956  13.442  -1.474  1.00 14.46 ? 11   VAL A CA  1 
ATOM   82   C C   . VAL A 1 11  ? -4.989  13.876  -2.572  1.00 15.68 ? 11   VAL A C   1 
ATOM   83   O O   . VAL A 1 11  ? -5.305  14.774  -3.354  1.00 17.69 ? 11   VAL A O   1 
ATOM   84   C CB  . VAL A 1 11  ? -5.644  14.182  -0.151  1.00 16.53 ? 11   VAL A CB  1 
ATOM   85   C CG1 . VAL A 1 11  ? -5.378  15.653  -0.397  1.00 20.87 ? 11   VAL A CG1 1 
ATOM   86   C CG2 . VAL A 1 11  ? -6.807  14.027  0.785   1.00 18.45 ? 11   VAL A CG2 1 
ATOM   87   N N   . SER A 1 12  ? -3.813  13.259  -2.636  1.00 12.94 ? 12   SER A N   1 
ATOM   88   C CA  . SER A 1 12  ? -2.849  13.610  -3.672  1.00 13.57 ? 12   SER A CA  1 
ATOM   89   C C   . SER A 1 12  ? -1.919  12.457  -3.980  1.00 12.53 ? 12   SER A C   1 
ATOM   90   O O   . SER A 1 12  ? -1.703  11.580  -3.145  1.00 12.38 ? 12   SER A O   1 
ATOM   91   C CB  . SER A 1 12  ? -2.044  14.852  -3.282  1.00 14.93 ? 12   SER A CB  1 
ATOM   92   O OG  . SER A 1 12  ? -1.243  14.605  -2.150  1.00 18.36 ? 12   SER A OG  1 
ATOM   93   N N   . SER A 1 13  ? -1.375  12.465  -5.190  1.00 12.11 ? 13   SER A N   1 
ATOM   94   C CA  . SER A 1 13  ? -0.473  11.419  -5.637  1.00 13.98 ? 13   SER A CA  1 
ATOM   95   C C   . SER A 1 13  ? 0.701   12.068  -6.360  1.00 14.33 ? 13   SER A C   1 
ATOM   96   O O   . SER A 1 13  ? 0.545   13.109  -7.006  1.00 17.05 ? 13   SER A O   1 
ATOM   97   C CB  . SER A 1 13  ? -1.223  10.465  -6.577  1.00 14.57 ? 13   SER A CB  1 
ATOM   98   O OG  . SER A 1 13  ? -0.453  9.322   -6.904  1.00 15.91 ? 13   SER A OG  1 
ATOM   99   N N   . GLU A 1 14  ? 1.885   11.486  -6.210  1.00 11.62 ? 14   GLU A N   1 
ATOM   100  C CA  . GLU A 1 14  ? 3.078   12.007  -6.861  1.00 13.56 ? 14   GLU A CA  1 
ATOM   101  C C   . GLU A 1 14  ? 3.925   10.841  -7.383  1.00 13.65 ? 14   GLU A C   1 
ATOM   102  O O   . GLU A 1 14  ? 4.253   9.928   -6.624  1.00 12.40 ? 14   GLU A O   1 
ATOM   103  C CB  . GLU A 1 14  ? 3.878   12.845  -5.862  1.00 18.86 ? 14   GLU A CB  1 
ATOM   104  C CG  . GLU A 1 14  ? 5.117   13.519  -6.422  1.00 27.78 ? 14   GLU A CG  1 
ATOM   105  C CD  . GLU A 1 14  ? 5.885   14.297  -5.354  1.00 32.83 ? 14   GLU A CD  1 
ATOM   106  O OE1 . GLU A 1 14  ? 5.448   15.418  -5.016  1.00 38.28 ? 14   GLU A OE1 1 
ATOM   107  O OE2 . GLU A 1 14  ? 6.919   13.790  -4.853  1.00 31.62 ? 14   GLU A OE2 1 
ATOM   108  N N   . ASN A 1 15  ? 4.214   10.851  -8.686  1.00 12.37 ? 15   ASN A N   1 
ATOM   109  C CA  . ASN A 1 15  ? 5.032   9.827   -9.355  1.00 11.53 ? 15   ASN A CA  1 
ATOM   110  C C   . ASN A 1 15  ? 4.491   8.408   -9.298  1.00 10.33 ? 15   ASN A C   1 
ATOM   111  O O   . ASN A 1 15  ? 5.249   7.448   -9.469  1.00 10.71 ? 15   ASN A O   1 
ATOM   112  C CB  . ASN A 1 15  ? 6.464   9.813   -8.804  1.00 14.16 ? 15   ASN A CB  1 
ATOM   113  C CG  . ASN A 1 15  ? 7.167   11.136  -8.958  1.00 17.25 ? 15   ASN A CG  1 
ATOM   114  O OD1 . ASN A 1 15  ? 6.948   11.870  -9.919  1.00 18.65 ? 15   ASN A OD1 1 
ATOM   115  N ND2 . ASN A 1 15  ? 8.022   11.454  -8.004  1.00 19.55 ? 15   ASN A ND2 1 
ATOM   116  N N   . PHE A 1 16  ? 3.187   8.262   -9.103  1.00 11.04 ? 16   PHE A N   1 
ATOM   117  C CA  . PHE A 1 16  ? 2.593   6.936   -9.009  1.00 10.10 ? 16   PHE A CA  1 
ATOM   118  C C   . PHE A 1 16  ? 2.702   6.140   -10.304 1.00 10.84 ? 16   PHE A C   1 
ATOM   119  O O   . PHE A 1 16  ? 3.021   4.947   -10.277 1.00 9.88  ? 16   PHE A O   1 
ATOM   120  C CB  . PHE A 1 16  ? 1.136   7.026   -8.557  1.00 11.95 ? 16   PHE A CB  1 
ATOM   121  C CG  . PHE A 1 16  ? 0.531   5.700   -8.224  1.00 12.66 ? 16   PHE A CG  1 
ATOM   122  C CD1 . PHE A 1 16  ? 1.170   4.840   -7.341  1.00 15.93 ? 16   PHE A CD1 1 
ATOM   123  C CD2 . PHE A 1 16  ? -0.657  5.299   -8.816  1.00 15.25 ? 16   PHE A CD2 1 
ATOM   124  C CE1 . PHE A 1 16  ? 0.632   3.585   -7.053  1.00 20.75 ? 16   PHE A CE1 1 
ATOM   125  C CE2 . PHE A 1 16  ? -1.206  4.052   -8.539  1.00 20.00 ? 16   PHE A CE2 1 
ATOM   126  C CZ  . PHE A 1 16  ? -0.561  3.192   -7.655  1.00 19.78 ? 16   PHE A CZ  1 
ATOM   127  N N   . ASP A 1 17  ? 2.455   6.790   -11.439 1.00 11.34 ? 17   ASP A N   1 
ATOM   128  C CA  . ASP A 1 17  ? 2.550   6.093   -12.714 1.00 10.36 ? 17   ASP A CA  1 
ATOM   129  C C   . ASP A 1 17  ? 3.977   5.619   -12.968 1.00 10.36 ? 17   ASP A C   1 
ATOM   130  O O   . ASP A 1 17  ? 4.185   4.527   -13.489 1.00 11.73 ? 17   ASP A O   1 
ATOM   131  C CB  . ASP A 1 17  ? 2.078   6.969   -13.873 1.00 14.56 ? 17   ASP A CB  1 
ATOM   132  C CG  . ASP A 1 17  ? 1.886   6.176   -15.157 1.00 16.67 ? 17   ASP A CG  1 
ATOM   133  O OD1 . ASP A 1 17  ? 0.807   5.568   -15.324 1.00 19.10 ? 17   ASP A OD1 1 
ATOM   134  O OD2 . ASP A 1 17  ? 2.816   6.150   -15.993 1.00 21.51 ? 17   ASP A OD2 1 
ATOM   135  N N   . ASP A 1 18  ? 4.960   6.419   -12.560 1.00 9.59  ? 18   ASP A N   1 
ATOM   136  C CA  . ASP A 1 18  ? 6.363   6.052   -12.748 1.00 10.62 ? 18   ASP A CA  1 
ATOM   137  C C   . ASP A 1 18  ? 6.720   4.847   -11.890 1.00 9.48  ? 18   ASP A C   1 
ATOM   138  O O   . ASP A 1 18  ? 7.489   3.990   -12.306 1.00 10.07 ? 18   ASP A O   1 
ATOM   139  C CB  . ASP A 1 18  ? 7.287   7.222   -12.417 1.00 13.26 ? 18   ASP A CB  1 
ATOM   140  C CG  . ASP A 1 18  ? 7.186   8.350   -13.425 1.00 17.30 ? 18   ASP A CG  1 
ATOM   141  O OD1 . ASP A 1 18  ? 7.200   8.075   -14.642 1.00 17.23 ? 18   ASP A OD1 1 
ATOM   142  O OD2 . ASP A 1 18  ? 7.095   9.519   -13.001 1.00 22.55 ? 18   ASP A OD2 1 
ATOM   143  N N   . TYR A 1 19  ? 6.178   4.809   -10.678 1.00 9.85  ? 19   TYR A N   1 
ATOM   144  C CA  . TYR A 1 19  ? 6.419   3.687   -9.776  1.00 10.56 ? 19   TYR A CA  1 
ATOM   145  C C   . TYR A 1 19  ? 5.851   2.415   -10.405 1.00 9.59  ? 19   TYR A C   1 
ATOM   146  O O   . TYR A 1 19  ? 6.506   1.369   -10.422 1.00 10.56 ? 19   TYR A O   1 
ATOM   147  C CB  . TYR A 1 19  ? 5.755   3.948   -8.422  1.00 8.61  ? 19   TYR A CB  1 
ATOM   148  C CG  . TYR A 1 19  ? 5.746   2.754   -7.504  1.00 9.69  ? 19   TYR A CG  1 
ATOM   149  C CD1 . TYR A 1 19  ? 6.892   2.373   -6.811  1.00 8.24  ? 19   TYR A CD1 1 
ATOM   150  C CD2 . TYR A 1 19  ? 4.597   1.978   -7.358  1.00 10.19 ? 19   TYR A CD2 1 
ATOM   151  C CE1 . TYR A 1 19  ? 6.896   1.236   -5.998  1.00 10.26 ? 19   TYR A CE1 1 
ATOM   152  C CE2 . TYR A 1 19  ? 4.589   0.841   -6.552  1.00 11.74 ? 19   TYR A CE2 1 
ATOM   153  C CZ  . TYR A 1 19  ? 5.743   0.475   -5.875  1.00 11.19 ? 19   TYR A CZ  1 
ATOM   154  O OH  . TYR A 1 19  ? 5.743   -0.667  -5.101  1.00 12.69 ? 19   TYR A OH  1 
ATOM   155  N N   . MET A 1 20  ? 4.619   2.500   -10.895 1.00 10.03 ? 20   MET A N   1 
ATOM   156  C CA  . MET A 1 20  ? 3.978   1.352   -11.523 1.00 10.53 ? 20   MET A CA  1 
ATOM   157  C C   . MET A 1 20  ? 4.756   0.897   -12.770 1.00 10.75 ? 20   MET A C   1 
ATOM   158  O O   . MET A 1 20  ? 4.788   -0.296  -13.102 1.00 11.48 ? 20   MET A O   1 
ATOM   159  C CB  . MET A 1 20  ? 2.522   1.665   -11.867 1.00 10.58 ? 20   MET A CB  1 
ATOM   160  C CG  . MET A 1 20  ? 1.593   1.678   -10.655 1.00 13.31 ? 20   MET A CG  1 
ATOM   161  S SD  . MET A 1 20  ? -0.103  1.961   -11.108 1.00 17.49 ? 20   MET A SD  1 
ATOM   162  C CE  . MET A 1 20  ? -0.249  3.545   -11.906 1.00 16.68 ? 20   MET A CE  1 
ATOM   163  N N   . LYS A 1 21  ? 5.383   1.848   -13.445 1.00 11.59 ? 21   LYS A N   1 
ATOM   164  C CA  . LYS A 1 21  ? 6.202   1.547   -14.642 1.00 13.90 ? 21   LYS A CA  1 
ATOM   165  C C   . LYS A 1 21  ? 7.394   0.628   -14.240 1.00 14.92 ? 21   LYS A C   1 
ATOM   166  O O   . LYS A 1 21  ? 7.660   -0.393  -14.896 1.00 16.62 ? 21   LYS A O   1 
ATOM   167  C CB  . LYS A 1 21  ? 6.740   2.840   -15.264 0.50 10.11 ? 21   LYS A CB  1 
ATOM   168  C CG  . LYS A 1 21  ? 5.734   3.550   -16.172 0.50 12.05 ? 21   LYS A CG  1 
ATOM   169  C CD  . LYS A 1 21  ? 6.338   4.771   -16.869 0.50 12.30 ? 21   LYS A CD  1 
ATOM   170  C CE  . LYS A 1 21  ? 5.291   5.782   -17.329 0.50 15.02 ? 21   LYS A CE  1 
ATOM   171  N NZ  . LYS A 1 21  ? 5.325   7.038   -16.557 0.50 12.46 ? 21   LYS A NZ  1 
ATOM   172  N N   . GLU A 1 22  ? 8.089   1.018   -13.146 1.00 14.65 ? 22   GLU A N   1 
ATOM   173  C CA  . GLU A 1 22  ? 9.273   0.272   -12.591 1.00 17.16 ? 22   GLU A CA  1 
ATOM   174  C C   . GLU A 1 22  ? 8.848   -1.107  -12.106 1.00 16.82 ? 22   GLU A C   1 
ATOM   175  O O   . GLU A 1 22  ? 9.611   -2.067  -12.208 1.00 18.76 ? 22   GLU A O   1 
ATOM   176  C CB  . GLU A 1 22  ? 9.898   1.029   -11.416 1.00 18.97 ? 22   GLU A CB  1 
ATOM   177  C CG  . GLU A 1 22  ? 10.621  2.314   -11.834 1.00 27.40 ? 22   GLU A CG  1 
ATOM   178  C CD  . GLU A 1 22  ? 11.615  2.115   -12.982 1.00 30.38 ? 22   GLU A CD  1 
ATOM   179  O OE1 . GLU A 1 22  ? 12.410  1.098   -12.984 1.00 33.21 ? 22   GLU A OE1 1 
ATOM   180  O OE2 . GLU A 1 22  ? 11.659  2.968   -13.948 1.00 33.30 ? 22   GLU A OE2 1 
ATOM   181  N N   . VAL A 1 23  ? 7.654   -1.189  -11.528 1.00 15.66 ? 23   VAL A N   1 
ATOM   182  C CA  . VAL A 1 23  ? 7.141   -2.459  -11.026 1.00 17.71 ? 23   VAL A CA  1 
ATOM   183  C C   . VAL A 1 23  ? 6.786   -3.396  -12.187 1.00 19.13 ? 23   VAL A C   1 
ATOM   184  O O   . VAL A 1 23  ? 6.797   -4.617  -12.041 1.00 21.49 ? 23   VAL A O   1 
ATOM   185  C CB  . VAL A 1 23  ? 5.925   -2.229  -10.094 1.00 17.85 ? 23   VAL A CB  1 
ATOM   186  C CG1 . VAL A 1 23  ? 5.263   -3.547  -9.733  1.00 18.28 ? 23   VAL A CG1 1 
ATOM   187  C CG2 . VAL A 1 23  ? 6.388   -1.524  -8.827  1.00 16.14 ? 23   VAL A CG2 1 
ATOM   188  N N   . GLY A 1 24  ? 6.480   -2.810  -13.339 1.00 18.68 ? 24   GLY A N   1 
ATOM   189  C CA  . GLY A 1 24  ? 6.156   -3.600  -14.512 1.00 18.99 ? 24   GLY A CA  1 
ATOM   190  C C   . GLY A 1 24  ? 4.681   -3.689  -14.843 1.00 18.49 ? 24   GLY A C   1 
ATOM   191  O O   . GLY A 1 24  ? 4.269   -4.599  -15.558 1.00 20.01 ? 24   GLY A O   1 
ATOM   192  N N   . VAL A 1 25  ? 3.889   -2.742  -14.354 1.00 16.40 ? 25   VAL A N   1 
ATOM   193  C CA  . VAL A 1 25  ? 2.453   -2.745  -14.620 1.00 16.30 ? 25   VAL A CA  1 
ATOM   194  C C   . VAL A 1 25  ? 2.163   -2.278  -16.055 1.00 17.21 ? 25   VAL A C   1 
ATOM   195  O O   . VAL A 1 25  ? 2.773   -1.327  -16.548 1.00 16.42 ? 25   VAL A O   1 
ATOM   196  C CB  . VAL A 1 25  ? 1.697   -1.856  -13.599 1.00 14.42 ? 25   VAL A CB  1 
ATOM   197  C CG1 . VAL A 1 25  ? 0.199   -1.893  -13.864 1.00 12.79 ? 25   VAL A CG1 1 
ATOM   198  C CG2 . VAL A 1 25  ? 1.997   -2.327  -12.174 1.00 14.68 ? 25   VAL A CG2 1 
ATOM   199  N N   . GLY A 1 26  ? 1.231   -2.964  -16.714 1.00 19.14 ? 26   GLY A N   1 
ATOM   200  C CA  . GLY A 1 26  ? 0.869   -2.627  -18.081 1.00 19.87 ? 26   GLY A CA  1 
ATOM   201  C C   . GLY A 1 26  ? 0.131   -1.309  -18.241 1.00 19.44 ? 26   GLY A C   1 
ATOM   202  O O   . GLY A 1 26  ? -0.484  -0.815  -17.295 1.00 20.70 ? 26   GLY A O   1 
ATOM   203  N N   . PHE A 1 27  ? 0.123   -0.793  -19.467 1.00 19.84 ? 27   PHE A N   1 
ATOM   204  C CA  . PHE A 1 27  ? -0.524  0.474   -19.800 1.00 19.30 ? 27   PHE A CA  1 
ATOM   205  C C   . PHE A 1 27  ? -1.977  0.588   -19.344 1.00 18.20 ? 27   PHE A C   1 
ATOM   206  O O   . PHE A 1 27  ? -2.336  1.520   -18.626 1.00 17.86 ? 27   PHE A O   1 
ATOM   207  C CB  . PHE A 1 27  ? -0.432  0.729   -21.311 1.00 21.43 ? 27   PHE A CB  1 
ATOM   208  C CG  . PHE A 1 27  ? -0.970  2.075   -21.743 1.00 22.13 ? 27   PHE A CG  1 
ATOM   209  C CD1 . PHE A 1 27  ? -0.282  3.245   -21.440 1.00 21.76 ? 27   PHE A CD1 1 
ATOM   210  C CD2 . PHE A 1 27  ? -2.166  2.167   -22.451 1.00 23.15 ? 27   PHE A CD2 1 
ATOM   211  C CE1 . PHE A 1 27  ? -0.774  4.484   -21.834 1.00 22.03 ? 27   PHE A CE1 1 
ATOM   212  C CE2 . PHE A 1 27  ? -2.665  3.406   -22.847 1.00 23.82 ? 27   PHE A CE2 1 
ATOM   213  C CZ  . PHE A 1 27  ? -1.966  4.566   -22.537 1.00 23.28 ? 27   PHE A CZ  1 
ATOM   214  N N   . ALA A 1 28  ? -2.813  -0.354  -19.763 1.00 18.87 ? 28   ALA A N   1 
ATOM   215  C CA  . ALA A 1 28  ? -4.228  -0.323  -19.400 1.00 17.62 ? 28   ALA A CA  1 
ATOM   216  C C   . ALA A 1 28  ? -4.438  -0.312  -17.895 1.00 17.73 ? 28   ALA A C   1 
ATOM   217  O O   . ALA A 1 28  ? -5.182  0.514   -17.374 1.00 17.74 ? 28   ALA A O   1 
ATOM   218  C CB  . ALA A 1 28  ? -4.956  -1.498  -20.022 1.00 19.63 ? 28   ALA A CB  1 
ATOM   219  N N   . THR A 1 29  ? -3.767  -1.221  -17.195 1.00 17.74 ? 29   THR A N   1 
ATOM   220  C CA  . THR A 1 29  ? -3.891  -1.301  -15.747 1.00 18.61 ? 29   THR A CA  1 
ATOM   221  C C   . THR A 1 29  ? -3.411  -0.007  -15.101 1.00 18.31 ? 29   THR A C   1 
ATOM   222  O O   . THR A 1 29  ? -4.051  0.501   -14.180 1.00 18.96 ? 29   THR A O   1 
ATOM   223  C CB  . THR A 1 29  ? -3.123  -2.511  -15.186 1.00 19.63 ? 29   THR A CB  1 
ATOM   224  O OG1 . THR A 1 29  ? -3.637  -3.707  -15.786 1.00 21.82 ? 29   THR A OG1 1 
ATOM   225  C CG2 . THR A 1 29  ? -3.296  -2.607  -13.673 1.00 16.97 ? 29   THR A CG2 1 
ATOM   226  N N   . ARG A 1 30  ? -2.318  0.555   -15.608 1.00 17.63 ? 30   ARG A N   1 
ATOM   227  C CA  . ARG A 1 30  ? -1.817  1.811   -15.068 1.00 16.59 ? 30   ARG A CA  1 
ATOM   228  C C   . ARG A 1 30  ? -2.856  2.905   -15.270 1.00 16.02 ? 30   ARG A C   1 
ATOM   229  O O   . ARG A 1 30  ? -3.064  3.739   -14.391 1.00 16.51 ? 30   ARG A O   1 
ATOM   230  C CB  . ARG A 1 30  ? -0.491  2.208   -15.723 1.00 17.17 ? 30   ARG A CB  1 
ATOM   231  C CG  . ARG A 1 30  ? 0.690   1.427   -15.200 1.00 16.96 ? 30   ARG A CG  1 
ATOM   232  C CD  . ARG A 1 30  ? 2.007   2.071   -15.573 1.00 17.15 ? 30   ARG A CD  1 
ATOM   233  N NE  . ARG A 1 30  ? 2.351   1.841   -16.971 1.00 23.59 ? 30   ARG A NE  1 
ATOM   234  C CZ  . ARG A 1 30  ? 2.355   2.785   -17.902 1.00 22.35 ? 30   ARG A CZ  1 
ATOM   235  N NH1 . ARG A 1 30  ? 2.028   4.027   -17.590 1.00 24.73 ? 30   ARG A NH1 1 
ATOM   236  N NH2 . ARG A 1 30  ? 2.716   2.493   -19.139 1.00 23.57 ? 30   ARG A NH2 1 
ATOM   237  N N   . LYS A 1 31  ? -3.531  2.889   -16.416 1.00 16.49 ? 31   LYS A N   1 
ATOM   238  C CA  . LYS A 1 31  ? -4.549  3.895   -16.706 1.00 18.07 ? 31   LYS A CA  1 
ATOM   239  C C   . LYS A 1 31  ? -5.736  3.764   -15.758 1.00 18.03 ? 31   LYS A C   1 
ATOM   240  O O   . LYS A 1 31  ? -6.233  4.764   -15.242 1.00 17.67 ? 31   LYS A O   1 
ATOM   241  C CB  . LYS A 1 31  ? -5.020  3.827   -18.165 1.00 18.43 ? 31   LYS A CB  1 
ATOM   242  C CG  . LYS A 1 31  ? -3.961  4.176   -19.209 1.00 19.71 ? 31   LYS A CG  1 
ATOM   243  C CD  . LYS A 1 31  ? -3.149  5.420   -18.859 1.00 21.09 ? 31   LYS A CD  1 
ATOM   244  C CE  . LYS A 1 31  ? -1.736  5.032   -18.419 1.00 23.64 ? 31   LYS A CE  1 
ATOM   245  N NZ  . LYS A 1 31  ? -0.913  6.188   -17.956 1.00 26.36 ? 31   LYS A NZ  1 
ATOM   246  N N   . VAL A 1 32  ? -6.172  2.536   -15.502 1.00 17.31 ? 32   VAL A N   1 
ATOM   247  C CA  . VAL A 1 32  ? -7.294  2.317   -14.595 1.00 20.17 ? 32   VAL A CA  1 
ATOM   248  C C   . VAL A 1 32  ? -6.903  2.769   -13.183 1.00 22.17 ? 32   VAL A C   1 
ATOM   249  O O   . VAL A 1 32  ? -7.655  3.488   -12.526 1.00 21.04 ? 32   VAL A O   1 
ATOM   250  C CB  . VAL A 1 32  ? -7.728  0.833   -14.542 1.00 21.46 ? 32   VAL A CB  1 
ATOM   251  C CG1 . VAL A 1 32  ? -9.007  0.692   -13.738 1.00 22.29 ? 32   VAL A CG1 1 
ATOM   252  C CG2 . VAL A 1 32  ? -7.939  0.289   -15.935 1.00 23.26 ? 32   VAL A CG2 1 
ATOM   253  N N   . ALA A 1 33  ? -5.705  2.379   -12.751 1.00 22.88 ? 33   ALA A N   1 
ATOM   254  C CA  . ALA A 1 33  ? -5.180  2.723   -11.427 1.00 24.82 ? 33   ALA A CA  1 
ATOM   255  C C   . ALA A 1 33  ? -5.059  4.229   -11.212 1.00 26.91 ? 33   ALA A C   1 
ATOM   256  O O   . ALA A 1 33  ? -5.281  4.728   -10.107 1.00 26.90 ? 33   ALA A O   1 
ATOM   257  C CB  . ALA A 1 33  ? -3.819  2.065   -11.222 1.00 23.72 ? 33   ALA A CB  1 
ATOM   258  N N   . GLY A 1 34  ? -4.700  4.936   -12.277 1.00 28.27 ? 34   GLY A N   1 
ATOM   259  C CA  . GLY A 1 34  ? -4.539  6.377   -12.200 1.00 31.17 ? 34   GLY A CA  1 
ATOM   260  C C   . GLY A 1 34  ? -5.835  7.158   -12.061 1.00 33.04 ? 34   GLY A C   1 
ATOM   261  O O   . GLY A 1 34  ? -5.812  8.308   -11.622 1.00 35.84 ? 34   GLY A O   1 
ATOM   262  N N   . MET A 1 35  ? -6.949  6.581   -12.500 1.00 32.74 ? 35   MET A N   1 
ATOM   263  C CA  . MET A 1 35  ? -8.237  7.259   -12.390 1.00 34.56 ? 35   MET A CA  1 
ATOM   264  C C   . MET A 1 35  ? -8.873  6.911   -11.054 1.00 35.19 ? 35   MET A C   1 
ATOM   265  O O   . MET A 1 35  ? -9.744  7.632   -10.563 1.00 37.63 ? 35   MET A O   1 
ATOM   266  C CB  . MET A 1 35  ? -9.178  6.841   -13.512 1.00 34.27 ? 35   MET A CB  1 
ATOM   267  C CG  . MET A 1 35  ? -8.703  7.179   -14.889 1.00 36.42 ? 35   MET A CG  1 
ATOM   268  S SD  . MET A 1 35  ? -9.712  6.237   -16.020 1.00 38.21 ? 35   MET A SD  1 
ATOM   269  C CE  . MET A 1 35  ? -9.727  4.660   -15.181 0.00 0.00  ? 35   MET A CE  1 
ATOM   270  N N   . ALA A 1 36  ? -8.438  5.800   -10.471 1.00 34.13 ? 36   ALA A N   1 
ATOM   271  C CA  . ALA A 1 36  ? -8.963  5.361   -9.188  1.00 33.52 ? 36   ALA A CA  1 
ATOM   272  C C   . ALA A 1 36  ? -8.448  6.206   -8.023  1.00 32.55 ? 36   ALA A C   1 
ATOM   273  O O   . ALA A 1 36  ? -7.253  6.486   -7.894  1.00 33.22 ? 36   ALA A O   1 
ATOM   274  C CB  . ALA A 1 36  ? -8.650  3.879   -8.959  1.00 32.12 ? 36   ALA A CB  1 
ATOM   275  N N   . LYS A 1 37  ? -9.384  6.645   -7.196  1.00 32.05 ? 37   LYS A N   1 
ATOM   276  C CA  . LYS A 1 37  ? -9.074  7.416   -6.005  1.00 30.64 ? 37   LYS A CA  1 
ATOM   277  C C   . LYS A 1 37  ? -9.575  6.486   -4.902  1.00 28.32 ? 37   LYS A C   1 
ATOM   278  O O   . LYS A 1 37  ? -10.681 6.653   -4.384  1.00 27.42 ? 37   LYS A O   1 
ATOM   279  C CB  . LYS A 1 37  ? -9.854  8.722   -6.009  1.00 32.77 ? 37   LYS A CB  1 
ATOM   280  C CG  . LYS A 1 37  ? -9.575  9.589   -4.779  0.00 0.00  ? 37   LYS A CG  1 
ATOM   281  C CD  . LYS A 1 37  ? -10.360 10.902  -4.783  0.00 0.00  ? 37   LYS A CD  1 
ATOM   282  C CE  . LYS A 1 37  ? -10.082 11.768  -3.553  0.00 0.00  ? 37   LYS A CE  1 
ATOM   283  N NZ  . LYS A 1 37  ? -10.836 13.031  -3.556  0.00 0.00  ? 37   LYS A NZ  1 
ATOM   284  N N   . PRO A 1 38  ? -8.787  5.444   -4.580  1.00 26.75 ? 38   PRO A N   1 
ATOM   285  C CA  . PRO A 1 38  ? -9.146  4.462   -3.555  1.00 24.45 ? 38   PRO A CA  1 
ATOM   286  C C   . PRO A 1 38  ? -9.305  4.997   -2.143  1.00 22.99 ? 38   PRO A C   1 
ATOM   287  O O   . PRO A 1 38  ? -8.869  6.112   -1.822  1.00 24.12 ? 38   PRO A O   1 
ATOM   288  C CB  . PRO A 1 38  ? -7.995  3.457   -3.621  1.00 24.50 ? 38   PRO A CB  1 
ATOM   289  C CG  . PRO A 1 38  ? -7.406  3.659   -4.992  1.00 27.96 ? 38   PRO A CG  1 
ATOM   290  C CD  . PRO A 1 38  ? -7.455  5.148   -5.127  1.00 27.57 ? 38   PRO A CD  1 
ATOM   291  N N   . ASN A 1 39  ? -10.020 4.222   -1.340  1.00 19.18 ? 39   ASN A N   1 
ATOM   292  C CA  . ASN A 1 39  ? -10.244 4.520   0.066   1.00 18.71 ? 39   ASN A CA  1 
ATOM   293  C C   . ASN A 1 39  ? -9.502  3.413   0.792   1.00 17.99 ? 39   ASN A C   1 
ATOM   294  O O   . ASN A 1 39  ? -9.655  2.243   0.436   1.00 19.39 ? 39   ASN A O   1 
ATOM   295  C CB  . ASN A 1 39  ? -11.730 4.425   0.416   1.00 20.98 ? 39   ASN A CB  1 
ATOM   296  C CG  . ASN A 1 39  ? -12.420 5.778   0.438   1.00 25.53 ? 39   ASN A CG  1 
ATOM   297  O OD1 . ASN A 1 39  ? -13.282 6.034   1.287   1.00 29.60 ? 39   ASN A OD1 1 
ATOM   298  N ND2 . ASN A 1 39  ? -12.051 6.654   -0.491  1.00 26.89 ? 39   ASN A ND2 1 
ATOM   299  N N   . MET A 1 40  ? -8.679  3.772   1.766   1.00 15.28 ? 40   MET A N   1 
ATOM   300  C CA  . MET A 1 40  ? -7.938  2.779   2.530   1.00 13.80 ? 40   MET A CA  1 
ATOM   301  C C   . MET A 1 40  ? -8.602  2.596   3.891   1.00 13.63 ? 40   MET A C   1 
ATOM   302  O O   . MET A 1 40  ? -8.875  3.569   4.591   1.00 12.55 ? 40   MET A O   1 
ATOM   303  C CB  . MET A 1 40  ? -6.490  3.207   2.713   1.00 13.40 ? 40   MET A CB  1 
ATOM   304  C CG  . MET A 1 40  ? -5.587  2.085   3.194   1.00 17.73 ? 40   MET A CG  1 
ATOM   305  S SD  . MET A 1 40  ? -3.885  2.608   3.389   1.00 22.57 ? 40   MET A SD  1 
ATOM   306  C CE  . MET A 1 40  ? -3.470  3.071   1.697   1.00 21.67 ? 40   MET A CE  1 
ATOM   307  N N   . ILE A 1 41  ? -8.871  1.344   4.250   1.00 11.74 ? 41   ILE A N   1 
ATOM   308  C CA  . ILE A 1 41  ? -9.512  1.016   5.520   1.00 12.76 ? 41   ILE A CA  1 
ATOM   309  C C   . ILE A 1 41  ? -8.581  0.124   6.337   1.00 11.56 ? 41   ILE A C   1 
ATOM   310  O O   . ILE A 1 41  ? -8.227  -0.975  5.899   1.00 12.22 ? 41   ILE A O   1 
ATOM   311  C CB  . ILE A 1 41  ? -10.849 0.272   5.282   1.00 15.80 ? 41   ILE A CB  1 
ATOM   312  C CG1 . ILE A 1 41  ? -11.711 1.061   4.285   1.00 18.18 ? 41   ILE A CG1 1 
ATOM   313  C CG2 . ILE A 1 41  ? -11.596 0.074   6.608   1.00 16.26 ? 41   ILE A CG2 1 
ATOM   314  C CD1 . ILE A 1 41  ? -12.997 0.375   3.911   1.00 22.04 ? 41   ILE A CD1 1 
ATOM   315  N N   . ILE A 1 42  ? -8.199  0.589   7.523   1.00 9.34  ? 42   ILE A N   1 
ATOM   316  C CA  . ILE A 1 42  ? -7.299  -0.162  8.395   1.00 8.89  ? 42   ILE A CA  1 
ATOM   317  C C   . ILE A 1 42  ? -7.999  -0.489  9.705   1.00 9.68  ? 42   ILE A C   1 
ATOM   318  O O   . ILE A 1 42  ? -8.658  0.367   10.299  1.00 9.36  ? 42   ILE A O   1 
ATOM   319  C CB  . ILE A 1 42  ? -5.995  0.629   8.664   1.00 9.28  ? 42   ILE A CB  1 
ATOM   320  C CG1 . ILE A 1 42  ? -5.300  0.930   7.330   1.00 10.72 ? 42   ILE A CG1 1 
ATOM   321  C CG2 . ILE A 1 42  ? -5.048  -0.162  9.565   1.00 8.16  ? 42   ILE A CG2 1 
ATOM   322  C CD1 . ILE A 1 42  ? -4.059  1.793   7.446   1.00 14.46 ? 42   ILE A CD1 1 
ATOM   323  N N   . SER A 1 43  ? -7.897  -1.743  10.120  1.00 9.47  ? 43   SER A N   1 
ATOM   324  C CA  . SER A 1 43  ? -8.519  -2.183  11.359  1.00 9.87  ? 43   SER A CA  1 
ATOM   325  C C   . SER A 1 43  ? -7.634  -3.235  12.014  1.00 10.27 ? 43   SER A C   1 
ATOM   326  O O   . SER A 1 43  ? -6.815  -3.867  11.345  1.00 11.38 ? 43   SER A O   1 
ATOM   327  C CB  . SER A 1 43  ? -9.910  -2.748  11.074  1.00 11.64 ? 43   SER A CB  1 
ATOM   328  O OG  . SER A 1 43  ? -9.834  -3.870  10.217  1.00 14.23 ? 43   SER A OG  1 
ATOM   329  N N   . VAL A 1 44  ? -7.778  -3.405  13.322  1.00 9.86  ? 44   VAL A N   1 
ATOM   330  C CA  . VAL A 1 44  ? -6.978  -4.380  14.050  1.00 9.76  ? 44   VAL A CA  1 
ATOM   331  C C   . VAL A 1 44  ? -7.900  -5.223  14.918  1.00 10.81 ? 44   VAL A C   1 
ATOM   332  O O   . VAL A 1 44  ? -8.825  -4.704  15.547  1.00 11.37 ? 44   VAL A O   1 
ATOM   333  C CB  . VAL A 1 44  ? -5.935  -3.699  14.968  1.00 12.33 ? 44   VAL A CB  1 
ATOM   334  C CG1 . VAL A 1 44  ? -5.038  -4.763  15.613  1.00 15.98 ? 44   VAL A CG1 1 
ATOM   335  C CG2 . VAL A 1 44  ? -5.088  -2.691  14.187  1.00 15.14 ? 44   VAL A CG2 1 
ATOM   336  N N   . ASN A 1 45  ? -7.661  -6.529  14.924  1.00 10.60 ? 45   ASN A N   1 
ATOM   337  C CA  . ASN A 1 45  ? -8.447  -7.465  15.723  1.00 11.20 ? 45   ASN A CA  1 
ATOM   338  C C   . ASN A 1 45  ? -7.434  -8.422  16.342  1.00 10.51 ? 45   ASN A C   1 
ATOM   339  O O   . ASN A 1 45  ? -6.904  -9.303  15.666  1.00 9.94  ? 45   ASN A O   1 
ATOM   340  C CB  . ASN A 1 45  ? -9.437  -8.232  14.832  1.00 12.34 ? 45   ASN A CB  1 
ATOM   341  C CG  . ASN A 1 45  ? -10.487 -9.015  15.630  1.00 15.30 ? 45   ASN A CG  1 
ATOM   342  O OD1 . ASN A 1 45  ? -11.546 -9.354  15.113  1.00 17.79 ? 45   ASN A OD1 1 
ATOM   343  N ND2 . ASN A 1 45  ? -10.195 -9.310  16.873  1.00 17.69 ? 45   ASN A ND2 1 
ATOM   344  N N   . GLY A 1 46  ? -7.154  -8.232  17.624  1.00 10.77 ? 46   GLY A N   1 
ATOM   345  C CA  . GLY A 1 46  ? -6.185  -9.078  18.299  1.00 12.40 ? 46   GLY A CA  1 
ATOM   346  C C   . GLY A 1 46  ? -4.830  -8.736  17.719  1.00 13.20 ? 46   GLY A C   1 
ATOM   347  O O   . GLY A 1 46  ? -4.458  -7.564  17.674  1.00 14.08 ? 46   GLY A O   1 
ATOM   348  N N   . ASP A 1 47  ? -4.092  -9.737  17.264  1.00 14.64 ? 47   ASP A N   1 
ATOM   349  C CA  . ASP A 1 47  ? -2.790  -9.459  16.671  1.00 16.75 ? 47   ASP A CA  1 
ATOM   350  C C   . ASP A 1 47  ? -2.859  -9.455  15.139  1.00 16.14 ? 47   ASP A C   1 
ATOM   351  O O   . ASP A 1 47  ? -1.829  -9.465  14.468  1.00 17.88 ? 47   ASP A O   1 
ATOM   352  C CB  A ASP A 1 47  ? -1.699  -10.398 17.203  0.50 16.88 ? 47   ASP A CB  1 
ATOM   353  C CB  B ASP A 1 47  ? -1.764  -10.501 17.135  0.50 19.70 ? 47   ASP A CB  1 
ATOM   354  C CG  A ASP A 1 47  ? -1.978  -11.857 16.928  0.50 15.93 ? 47   ASP A CG  1 
ATOM   355  C CG  B ASP A 1 47  ? -1.544  -10.480 18.637  0.50 21.92 ? 47   ASP A CG  1 
ATOM   356  O OD1 A ASP A 1 47  ? -3.019  -12.197 16.328  0.50 16.51 ? 47   ASP A OD1 1 
ATOM   357  O OD1 B ASP A 1 47  ? -2.411  -10.998 19.370  0.50 25.05 ? 47   ASP A OD1 1 
ATOM   358  O OD2 A ASP A 1 47  ? -1.124  -12.673 17.326  0.50 18.61 ? 47   ASP A OD2 1 
ATOM   359  O OD2 B ASP A 1 47  ? -0.509  -9.942  19.084  0.50 24.58 ? 47   ASP A OD2 1 
ATOM   360  N N   . LEU A 1 48  ? -4.068  -9.460  14.591  1.00 13.84 ? 48   LEU A N   1 
ATOM   361  C CA  . LEU A 1 48  ? -4.240  -9.431  13.143  1.00 12.85 ? 48   LEU A CA  1 
ATOM   362  C C   . LEU A 1 48  ? -4.605  -8.031  12.677  1.00 11.63 ? 48   LEU A C   1 
ATOM   363  O O   . LEU A 1 48  ? -5.581  -7.437  13.146  1.00 12.99 ? 48   LEU A O   1 
ATOM   364  C CB  . LEU A 1 48  ? -5.327  -10.406 12.680  1.00 14.49 ? 48   LEU A CB  1 
ATOM   365  C CG  . LEU A 1 48  ? -4.923  -11.874 12.545  1.00 18.28 ? 48   LEU A CG  1 
ATOM   366  C CD1 . LEU A 1 48  ? -6.109  -12.700 12.075  1.00 18.35 ? 48   LEU A CD1 1 
ATOM   367  C CD2 . LEU A 1 48  ? -3.764  -12.003 11.567  1.00 19.24 ? 48   LEU A CD2 1 
ATOM   368  N N   . VAL A 1 49  ? -3.825  -7.502  11.748  1.00 10.81 ? 49   VAL A N   1 
ATOM   369  C CA  . VAL A 1 49  ? -4.090  -6.178  11.203  1.00 9.03  ? 49   VAL A CA  1 
ATOM   370  C C   . VAL A 1 49  ? -4.636  -6.382  9.796   1.00 9.60  ? 49   VAL A C   1 
ATOM   371  O O   . VAL A 1 49  ? -4.160  -7.247  9.061   1.00 9.84  ? 49   VAL A O   1 
ATOM   372  C CB  . VAL A 1 49  ? -2.798  -5.351  11.114  1.00 9.52  ? 49   VAL A CB  1 
ATOM   373  C CG1 . VAL A 1 49  ? -3.110  -3.938  10.660  1.00 11.82 ? 49   VAL A CG1 1 
ATOM   374  C CG2 . VAL A 1 49  ? -2.097  -5.325  12.454  1.00 10.34 ? 49   VAL A CG2 1 
ATOM   375  N N   . THR A 1 50  ? -5.654  -5.617  9.426   1.00 8.63  ? 50   THR A N   1 
ATOM   376  C CA  . THR A 1 50  ? -6.225  -5.735  8.092   1.00 8.33  ? 50   THR A CA  1 
ATOM   377  C C   . THR A 1 50  ? -6.152  -4.404  7.369   1.00 7.63  ? 50   THR A C   1 
ATOM   378  O O   . THR A 1 50  ? -6.475  -3.365  7.942   1.00 9.13  ? 50   THR A O   1 
ATOM   379  C CB  . THR A 1 50  ? -7.699  -6.190  8.149   1.00 9.17  ? 50   THR A CB  1 
ATOM   380  O OG1 . THR A 1 50  ? -7.769  -7.495  8.734   1.00 10.69 ? 50   THR A OG1 1 
ATOM   381  C CG2 . THR A 1 50  ? -8.307  -6.246  6.742   1.00 9.45  ? 50   THR A CG2 1 
ATOM   382  N N   . ILE A 1 51  ? -5.663  -4.433  6.136   1.00 7.05  ? 51   ILE A N   1 
ATOM   383  C CA  . ILE A 1 51  ? -5.585  -3.239  5.306   1.00 8.56  ? 51   ILE A CA  1 
ATOM   384  C C   . ILE A 1 51  ? -6.396  -3.545  4.054   1.00 9.70  ? 51   ILE A C   1 
ATOM   385  O O   . ILE A 1 51  ? -6.105  -4.488  3.321   1.00 8.61  ? 51   ILE A O   1 
ATOM   386  C CB  . ILE A 1 51  ? -4.143  -2.868  4.903   1.00 8.59  ? 51   ILE A CB  1 
ATOM   387  C CG1 . ILE A 1 51  ? -3.306  -2.544  6.143   1.00 8.89  ? 51   ILE A CG1 1 
ATOM   388  C CG2 . ILE A 1 51  ? -4.169  -1.671  3.966   1.00 9.92  ? 51   ILE A CG2 1 
ATOM   389  C CD1 . ILE A 1 51  ? -1.865  -2.192  5.833   1.00 10.45 ? 51   ILE A CD1 1 
ATOM   390  N N   . ARG A 1 52  ? -7.439  -2.765  3.847   1.00 9.47  ? 52   ARG A N   1 
ATOM   391  C CA  . ARG A 1 52  ? -8.327  -2.957  2.722   1.00 10.86 ? 52   ARG A CA  1 
ATOM   392  C C   . ARG A 1 52  ? -8.324  -1.712  1.842   1.00 11.15 ? 52   ARG A C   1 
ATOM   393  O O   . ARG A 1 52  ? -8.359  -0.594  2.343   1.00 13.06 ? 52   ARG A O   1 
ATOM   394  C CB  . ARG A 1 52  ? -9.728  -3.234  3.266   1.00 12.66 ? 52   ARG A CB  1 
ATOM   395  C CG  . ARG A 1 52  ? -10.769 -3.484  2.240   1.00 15.58 ? 52   ARG A CG  1 
ATOM   396  C CD  . ARG A 1 52  ? -12.070 -3.879  2.905   1.00 17.41 ? 52   ARG A CD  1 
ATOM   397  N NE  . ARG A 1 52  ? -13.147 -3.827  1.932   1.00 20.11 ? 52   ARG A NE  1 
ATOM   398  C CZ  . ARG A 1 52  ? -13.383 -4.757  1.019   1.00 17.10 ? 52   ARG A CZ  1 
ATOM   399  N NH1 . ARG A 1 52  ? -12.673 -5.878  1.003   1.00 22.27 ? 52   ARG A NH1 1 
ATOM   400  N NH2 . ARG A 1 52  ? -14.375 -4.588  0.161   1.00 21.99 ? 52   ARG A NH2 1 
ATOM   401  N N   . SER A 1 53  ? -8.234  -1.906  0.537   1.00 10.77 ? 53   SER A N   1 
ATOM   402  C CA  . SER A 1 53  ? -8.251  -0.792  -0.393  1.00 12.77 ? 53   SER A CA  1 
ATOM   403  C C   . SER A 1 53  ? -9.482  -0.992  -1.249  1.00 12.72 ? 53   SER A C   1 
ATOM   404  O O   . SER A 1 53  ? -9.703  -2.085  -1.780  1.00 13.48 ? 53   SER A O   1 
ATOM   405  C CB  . SER A 1 53  ? -6.997  -0.798  -1.256  1.00 14.83 ? 53   SER A CB  1 
ATOM   406  O OG  . SER A 1 53  ? -7.047  0.247   -2.213  1.00 24.15 ? 53   SER A OG  1 
ATOM   407  N N   . GLU A 1 54  ? -10.309 0.044   -1.348  1.00 11.86 ? 54   GLU A N   1 
ATOM   408  C CA  . GLU A 1 54  ? -11.542 -0.033  -2.115  1.00 13.41 ? 54   GLU A CA  1 
ATOM   409  C C   . GLU A 1 54  ? -11.615 0.970   -3.256  1.00 14.24 ? 54   GLU A C   1 
ATOM   410  O O   . GLU A 1 54  ? -11.354 2.167   -3.071  1.00 13.92 ? 54   GLU A O   1 
ATOM   411  C CB  . GLU A 1 54  ? -12.756 0.188   -1.211  1.00 15.43 ? 54   GLU A CB  1 
ATOM   412  C CG  . GLU A 1 54  ? -12.912 -0.799  -0.064  1.00 19.05 ? 54   GLU A CG  1 
ATOM   413  C CD  . GLU A 1 54  ? -14.235 -0.630  0.672   1.00 21.30 ? 54   GLU A CD  1 
ATOM   414  O OE1 . GLU A 1 54  ? -14.784 0.495   0.700   1.00 24.17 ? 54   GLU A OE1 1 
ATOM   415  O OE2 . GLU A 1 54  ? -14.735 -1.628  1.220   1.00 23.11 ? 54   GLU A OE2 1 
ATOM   416  N N   . SER A 1 55  ? -11.980 0.474   -4.432  1.00 13.19 ? 55   SER A N   1 
ATOM   417  C CA  . SER A 1 55  ? -12.135 1.315   -5.603  1.00 14.64 ? 55   SER A CA  1 
ATOM   418  C C   . SER A 1 55  ? -13.229 0.664   -6.450  1.00 17.56 ? 55   SER A C   1 
ATOM   419  O O   . SER A 1 55  ? -13.499 -0.529  -6.322  1.00 17.51 ? 55   SER A O   1 
ATOM   420  C CB  . SER A 1 55  ? -10.814 1.453   -6.380  0.50 10.63 ? 55   SER A CB  1 
ATOM   421  O OG  . SER A 1 55  ? -10.570 0.358   -7.242  0.50 9.76  ? 55   SER A OG  1 
ATOM   422  N N   . THR A 1 56  ? -13.875 1.457   -7.290  1.00 21.19 ? 56   THR A N   1 
ATOM   423  C CA  . THR A 1 56  ? -14.943 0.950   -8.142  1.00 24.71 ? 56   THR A CA  1 
ATOM   424  C C   . THR A 1 56  ? -14.463 -0.200  -9.010  1.00 24.67 ? 56   THR A C   1 
ATOM   425  O O   . THR A 1 56  ? -15.219 -1.107  -9.317  1.00 25.68 ? 56   THR A O   1 
ATOM   426  C CB  . THR A 1 56  ? -15.479 2.055   -9.070  1.00 27.05 ? 56   THR A CB  1 
ATOM   427  O OG1 . THR A 1 56  ? -14.393 2.615   -9.821  1.00 30.78 ? 56   THR A OG1 1 
ATOM   428  C CG2 . THR A 1 56  ? -16.144 3.156   -8.263  1.00 30.14 ? 56   THR A CG2 1 
ATOM   429  N N   . PHE A 1 57  ? -13.197 -0.147  -9.398  1.00 24.05 ? 57   PHE A N   1 
ATOM   430  C CA  . PHE A 1 57  ? -12.627 -1.164  -10.256 1.00 26.65 ? 57   PHE A CA  1 
ATOM   431  C C   . PHE A 1 57  ? -12.045 -2.394  -9.575  1.00 25.79 ? 57   PHE A C   1 
ATOM   432  O O   . PHE A 1 57  ? -12.142 -3.489  -10.125 1.00 24.42 ? 57   PHE A O   1 
ATOM   433  C CB  . PHE A 1 57  ? -11.617 -0.523  -11.208 1.00 32.18 ? 57   PHE A CB  1 
ATOM   434  C CG  . PHE A 1 57  ? -12.229 0.520   -12.115 1.00 37.67 ? 57   PHE A CG  1 
ATOM   435  C CD1 . PHE A 1 57  ? -13.181 0.159   -13.077 1.00 38.08 ? 57   PHE A CD1 1 
ATOM   436  C CD2 . PHE A 1 57  ? -11.889 1.866   -11.984 1.00 40.35 ? 57   PHE A CD2 1 
ATOM   437  C CE1 . PHE A 1 57  ? -13.788 1.125   -13.884 1.00 39.05 ? 57   PHE A CE1 1 
ATOM   438  C CE2 . PHE A 1 57  ? -12.491 2.840   -12.790 1.00 40.07 ? 57   PHE A CE2 1 
ATOM   439  C CZ  . PHE A 1 57  ? -13.441 2.466   -13.741 1.00 39.84 ? 57   PHE A CZ  1 
ATOM   440  N N   . LYS A 1 58  ? -11.453 -2.234  -8.390  1.00 23.57 ? 58   LYS A N   1 
ATOM   441  C CA  . LYS A 1 58  ? -10.873 -3.379  -7.693  1.00 22.39 ? 58   LYS A CA  1 
ATOM   442  C C   . LYS A 1 58  ? -10.660 -3.123  -6.204  1.00 20.03 ? 58   LYS A C   1 
ATOM   443  O O   . LYS A 1 58  ? -10.183 -2.061  -5.808  1.00 18.25 ? 58   LYS A O   1 
ATOM   444  C CB  . LYS A 1 58  ? -9.534  -3.756  -8.330  1.00 27.47 ? 58   LYS A CB  1 
ATOM   445  C CG  . LYS A 1 58  ? -9.195  -5.241  -8.285  1.00 31.14 ? 58   LYS A CG  1 
ATOM   446  C CD  . LYS A 1 58  ? -7.787  -5.471  -8.822  1.00 35.07 ? 58   LYS A CD  1 
ATOM   447  C CE  . LYS A 1 58  ? -7.503  -6.940  -9.116  1.00 37.46 ? 58   LYS A CE  1 
ATOM   448  N NZ  . LYS A 1 58  ? -8.106  -7.404  -10.402 1.00 40.45 ? 58   LYS A NZ  1 
ATOM   449  N N   . ASN A 1 59  ? -11.056 -4.091  -5.389  1.00 16.66 ? 59   ASN A N   1 
ATOM   450  C CA  . ASN A 1 59  ? -10.877 -4.003  -3.943  1.00 16.10 ? 59   ASN A CA  1 
ATOM   451  C C   . ASN A 1 59  ? -9.806  -5.030  -3.578  1.00 16.54 ? 59   ASN A C   1 
ATOM   452  O O   . ASN A 1 59  ? -9.777  -6.121  -4.154  1.00 18.54 ? 59   ASN A O   1 
ATOM   453  C CB  . ASN A 1 59  ? -12.168 -4.385  -3.195  1.00 16.34 ? 59   ASN A CB  1 
ATOM   454  C CG  . ASN A 1 59  ? -13.348 -3.482  -3.533  1.00 17.68 ? 59   ASN A CG  1 
ATOM   455  O OD1 . ASN A 1 59  ? -13.184 -2.355  -4.000  1.00 15.83 ? 59   ASN A OD1 1 
ATOM   456  N ND2 . ASN A 1 59  ? -14.552 -3.988  -3.295  1.00 19.99 ? 59   ASN A ND2 1 
ATOM   457  N N   . THR A 1 60  ? -8.886  -4.675  -2.687  1.00 14.59 ? 60   THR A N   1 
ATOM   458  C CA  . THR A 1 60  ? -7.869  -5.628  -2.243  1.00 14.08 ? 60   THR A CA  1 
ATOM   459  C C   . THR A 1 60  ? -7.958  -5.669  -0.727  1.00 12.85 ? 60   THR A C   1 
ATOM   460  O O   . THR A 1 60  ? -8.455  -4.729  -0.106  1.00 13.04 ? 60   THR A O   1 
ATOM   461  C CB  . THR A 1 60  ? -6.438  -5.229  -2.628  1.00 14.13 ? 60   THR A CB  1 
ATOM   462  O OG1 . THR A 1 60  ? -6.158  -3.927  -2.114  1.00 14.53 ? 60   THR A OG1 1 
ATOM   463  C CG2 . THR A 1 60  ? -6.245  -5.250  -4.133  1.00 16.12 ? 60   THR A CG2 1 
ATOM   464  N N   . GLU A 1 61  ? -7.509  -6.766  -0.138  1.00 12.67 ? 61   GLU A N   1 
ATOM   465  C CA  . GLU A 1 61  ? -7.548  -6.899  1.303   1.00 12.78 ? 61   GLU A CA  1 
ATOM   466  C C   . GLU A 1 61  ? -6.474  -7.866  1.762   1.00 13.45 ? 61   GLU A C   1 
ATOM   467  O O   . GLU A 1 61  ? -6.281  -8.923  1.160   1.00 14.08 ? 61   GLU A O   1 
ATOM   468  C CB  . GLU A 1 61  ? -8.923  -7.388  1.752   1.00 14.76 ? 61   GLU A CB  1 
ATOM   469  C CG  . GLU A 1 61  ? -9.091  -7.456  3.255   1.00 21.10 ? 61   GLU A CG  1 
ATOM   470  C CD  . GLU A 1 61  ? -10.440 -8.010  3.671   1.00 26.19 ? 61   GLU A CD  1 
ATOM   471  O OE1 . GLU A 1 61  ? -11.475 -7.356  3.411   1.00 29.44 ? 61   GLU A OE1 1 
ATOM   472  O OE2 . GLU A 1 61  ? -10.463 -9.108  4.261   1.00 30.15 ? 61   GLU A OE2 1 
ATOM   473  N N   . ILE A 1 62  ? -5.705  -7.447  2.757   1.00 10.53 ? 62   ILE A N   1 
ATOM   474  C CA  . ILE A 1 62  ? -4.666  -8.291  3.326   1.00 11.57 ? 62   ILE A CA  1 
ATOM   475  C C   . ILE A 1 62  ? -4.820  -8.261  4.844   1.00 10.83 ? 62   ILE A C   1 
ATOM   476  O O   . ILE A 1 62  ? -5.151  -7.217  5.420   1.00 11.16 ? 62   ILE A O   1 
ATOM   477  C CB  . ILE A 1 62  ? -3.211  -7.828  2.947   1.00 11.47 ? 62   ILE A CB  1 
ATOM   478  C CG1 . ILE A 1 62  ? -2.994  -6.352  3.286   1.00 9.58  ? 62   ILE A CG1 1 
ATOM   479  C CG2 . ILE A 1 62  ? -2.916  -8.104  1.468   1.00 12.69 ? 62   ILE A CG2 1 
ATOM   480  C CD1 . ILE A 1 62  ? -1.537  -5.889  3.157   1.00 11.84 ? 62   ILE A CD1 1 
ATOM   481  N N   . SER A 1 63  ? -4.671  -9.426  5.465   1.00 10.13 ? 63   SER A N   1 
ATOM   482  C CA  . SER A 1 63  ? -4.730  -9.567  6.918   1.00 9.99  ? 63   SER A CA  1 
ATOM   483  C C   . SER A 1 63  ? -3.413  -10.230 7.288   1.00 10.61 ? 63   SER A C   1 
ATOM   484  O O   . SER A 1 63  ? -3.016  -11.241 6.691   1.00 10.71 ? 63   SER A O   1 
ATOM   485  C CB  . SER A 1 63  ? -5.914  -10.424 7.363   1.00 11.23 ? 63   SER A CB  1 
ATOM   486  O OG  . SER A 1 63  ? -7.136  -9.746  7.136   1.00 18.39 ? 63   SER A OG  1 
ATOM   487  N N   . PHE A 1 64  ? -2.748  -9.693  8.297   1.00 9.55  ? 64   PHE A N   1 
ATOM   488  C CA  . PHE A 1 64  ? -1.442  -10.208 8.654   1.00 9.10  ? 64   PHE A CA  1 
ATOM   489  C C   . PHE A 1 64  ? -1.081  -9.936  10.099  1.00 9.40  ? 64   PHE A C   1 
ATOM   490  O O   . PHE A 1 64  ? -1.720  -9.134  10.776  1.00 10.07 ? 64   PHE A O   1 
ATOM   491  C CB  . PHE A 1 64  ? -0.397  -9.521  7.764   1.00 10.69 ? 64   PHE A CB  1 
ATOM   492  C CG  . PHE A 1 64  ? -0.473  -8.011  7.804   1.00 10.22 ? 64   PHE A CG  1 
ATOM   493  C CD1 . PHE A 1 64  ? -1.312  -7.325  6.933   1.00 11.83 ? 64   PHE A CD1 1 
ATOM   494  C CD2 . PHE A 1 64  ? 0.244   -7.284  8.750   1.00 9.20  ? 64   PHE A CD2 1 
ATOM   495  C CE1 . PHE A 1 64  ? -1.441  -5.938  7.010   1.00 10.09 ? 64   PHE A CE1 1 
ATOM   496  C CE2 . PHE A 1 64  ? 0.118   -5.903  8.830   1.00 9.24  ? 64   PHE A CE2 1 
ATOM   497  C CZ  . PHE A 1 64  ? -0.725  -5.229  7.961   1.00 9.45  ? 64   PHE A CZ  1 
ATOM   498  N N   . LYS A 1 65  ? -0.057  -10.638 10.558  1.00 10.13 ? 65   LYS A N   1 
ATOM   499  C CA  . LYS A 1 65  ? 0.468   -10.454 11.896  1.00 8.87  ? 65   LYS A CA  1 
ATOM   500  C C   . LYS A 1 65  ? 1.804   -9.767  11.613  1.00 10.15 ? 65   LYS A C   1 
ATOM   501  O O   . LYS A 1 65  ? 2.523   -10.171 10.696  1.00 10.85 ? 65   LYS A O   1 
ATOM   502  C CB  . LYS A 1 65  ? 0.718   -11.803 12.574  0.50 8.25  ? 65   LYS A CB  1 
ATOM   503  C CG  . LYS A 1 65  ? 1.179   -11.681 14.020  0.50 9.93  ? 65   LYS A CG  1 
ATOM   504  C CD  . LYS A 1 65  ? 1.429   -13.040 14.656  0.50 13.16 ? 65   LYS A CD  1 
ATOM   505  C CE  . LYS A 1 65  ? 1.887   -12.889 16.101  0.50 14.35 ? 65   LYS A CE  1 
ATOM   506  N NZ  . LYS A 1 65  ? 3.108   -12.045 16.204  0.50 19.15 ? 65   LYS A NZ  1 
ATOM   507  N N   . LEU A 1 66  ? 2.112   -8.715  12.361  1.00 9.53  ? 66   LEU A N   1 
ATOM   508  C CA  . LEU A 1 66  ? 3.357   -7.976  12.190  1.00 9.08  ? 66   LEU A CA  1 
ATOM   509  C C   . LEU A 1 66  ? 4.571   -8.865  12.457  1.00 11.30 ? 66   LEU A C   1 
ATOM   510  O O   . LEU A 1 66  ? 4.699   -9.436  13.537  1.00 12.04 ? 66   LEU A O   1 
ATOM   511  C CB  . LEU A 1 66  ? 3.370   -6.765  13.128  1.00 10.22 ? 66   LEU A CB  1 
ATOM   512  C CG  . LEU A 1 66  ? 2.339   -5.671  12.829  1.00 11.30 ? 66   LEU A CG  1 
ATOM   513  C CD1 . LEU A 1 66  ? 2.092   -4.827  14.067  1.00 12.36 ? 66   LEU A CD1 1 
ATOM   514  C CD2 . LEU A 1 66  ? 2.809   -4.810  11.656  1.00 11.32 ? 66   LEU A CD2 1 
ATOM   515  N N   . GLY A 1 67  ? 5.438   -9.003  11.457  1.00 9.49  ? 67   GLY A N   1 
ATOM   516  C CA  . GLY A 1 67  ? 6.630   -9.818  11.613  1.00 9.33  ? 67   GLY A CA  1 
ATOM   517  C C   . GLY A 1 67  ? 6.581   -11.195 10.970  1.00 10.36 ? 67   GLY A C   1 
ATOM   518  O O   . GLY A 1 67  ? 7.610   -11.871 10.875  1.00 11.62 ? 67   GLY A O   1 
ATOM   519  N N   . VAL A 1 68  ? 5.408   -11.604 10.500  1.00 10.32 ? 68   VAL A N   1 
ATOM   520  C CA  . VAL A 1 68  ? 5.243   -12.913 9.872   1.00 10.50 ? 68   VAL A CA  1 
ATOM   521  C C   . VAL A 1 68  ? 5.042   -12.771 8.362   1.00 10.46 ? 68   VAL A C   1 
ATOM   522  O O   . VAL A 1 68  ? 4.142   -12.060 7.919   1.00 12.09 ? 68   VAL A O   1 
ATOM   523  C CB  . VAL A 1 68  ? 4.035   -13.663 10.477  1.00 10.74 ? 68   VAL A CB  1 
ATOM   524  C CG1 . VAL A 1 68  ? 3.893   -15.037 9.847   1.00 12.18 ? 68   VAL A CG1 1 
ATOM   525  C CG2 . VAL A 1 68  ? 4.206   -13.787 11.986  1.00 12.00 ? 68   VAL A CG2 1 
ATOM   526  N N   . GLU A 1 69  ? 5.888   -13.436 7.582   1.00 9.86  ? 69   GLU A N   1 
ATOM   527  C CA  . GLU A 1 69  ? 5.803   -13.387 6.122   1.00 9.85  ? 69   GLU A CA  1 
ATOM   528  C C   . GLU A 1 69  ? 4.519   -14.065 5.645   1.00 9.21  ? 69   GLU A C   1 
ATOM   529  O O   . GLU A 1 69  ? 4.120   -15.097 6.172   1.00 10.66 ? 69   GLU A O   1 
ATOM   530  C CB  . GLU A 1 69  ? 7.019   -14.067 5.499   1.00 9.78  ? 69   GLU A CB  1 
ATOM   531  C CG  . GLU A 1 69  ? 7.046   -14.019 3.979   1.00 11.80 ? 69   GLU A CG  1 
ATOM   532  C CD  . GLU A 1 69  ? 8.288   -14.657 3.400   1.00 13.81 ? 69   GLU A CD  1 
ATOM   533  O OE1 . GLU A 1 69  ? 8.383   -15.899 3.400   1.00 15.30 ? 69   GLU A OE1 1 
ATOM   534  O OE2 . GLU A 1 69  ? 9.177   -13.912 2.941   1.00 18.11 ? 69   GLU A OE2 1 
ATOM   535  N N   . PHE A 1 70  ? 3.862   -13.477 4.652   1.00 9.20  ? 70   PHE A N   1 
ATOM   536  C CA  . PHE A 1 70  ? 2.617   -14.042 4.139   1.00 8.04  ? 70   PHE A CA  1 
ATOM   537  C C   . PHE A 1 70  ? 2.495   -13.851 2.627   1.00 8.43  ? 70   PHE A C   1 
ATOM   538  O O   . PHE A 1 70  ? 3.265   -13.096 2.027   1.00 8.36  ? 70   PHE A O   1 
ATOM   539  C CB  . PHE A 1 70  ? 1.408   -13.401 4.854   1.00 7.64  ? 70   PHE A CB  1 
ATOM   540  C CG  . PHE A 1 70  ? 1.285   -11.911 4.647   1.00 8.96  ? 70   PHE A CG  1 
ATOM   541  C CD1 . PHE A 1 70  ? 2.056   -11.024 5.386   1.00 8.46  ? 70   PHE A CD1 1 
ATOM   542  C CD2 . PHE A 1 70  ? 0.398   -11.395 3.699   1.00 12.95 ? 70   PHE A CD2 1 
ATOM   543  C CE1 . PHE A 1 70  ? 1.951   -9.641  5.189   1.00 12.84 ? 70   PHE A CE1 1 
ATOM   544  C CE2 . PHE A 1 70  ? 0.288   -10.014 3.495   1.00 11.05 ? 70   PHE A CE2 1 
ATOM   545  C CZ  . PHE A 1 70  ? 1.067   -9.138  4.242   1.00 11.38 ? 70   PHE A CZ  1 
ATOM   546  N N   . ASP A 1 71  ? 1.546   -14.557 2.023   1.00 7.99  ? 71   ASP A N   1 
ATOM   547  C CA  . ASP A 1 71  ? 1.288   -14.469 0.584   1.00 8.91  ? 71   ASP A CA  1 
ATOM   548  C C   . ASP A 1 71  ? 0.289   -13.362 0.289   1.00 9.42  ? 71   ASP A C   1 
ATOM   549  O O   . ASP A 1 71  ? -0.754  -13.269 0.941   1.00 10.28 ? 71   ASP A O   1 
ATOM   550  C CB  . ASP A 1 71  ? 0.696   -15.777 0.075   1.00 9.57  ? 71   ASP A CB  1 
ATOM   551  C CG  . ASP A 1 71  ? 1.631   -16.931 0.248   1.00 13.29 ? 71   ASP A CG  1 
ATOM   552  O OD1 . ASP A 1 71  ? 2.640   -16.977 -0.487  1.00 13.69 ? 71   ASP A OD1 1 
ATOM   553  O OD2 . ASP A 1 71  ? 1.361   -17.784 1.119   1.00 14.28 ? 71   ASP A OD2 1 
ATOM   554  N N   . GLU A 1 72  ? 0.589   -12.550 -0.716  1.00 10.60 ? 72   GLU A N   1 
ATOM   555  C CA  . GLU A 1 72  ? -0.286  -11.456 -1.112  1.00 10.78 ? 72   GLU A CA  1 
ATOM   556  C C   . GLU A 1 72  ? -0.434  -11.408 -2.628  1.00 12.04 ? 72   GLU A C   1 
ATOM   557  O O   . GLU A 1 72  ? 0.524   -11.661 -3.355  1.00 11.66 ? 72   GLU A O   1 
ATOM   558  C CB  . GLU A 1 72  ? 0.277   -10.113 -0.640  1.00 9.93  ? 72   GLU A CB  1 
ATOM   559  C CG  . GLU A 1 72  ? -0.459  -8.907  -1.244  1.00 10.10 ? 72   GLU A CG  1 
ATOM   560  C CD  . GLU A 1 72  ? 0.153   -7.572  -0.865  1.00 13.00 ? 72   GLU A CD  1 
ATOM   561  O OE1 . GLU A 1 72  ? 1.279   -7.541  -0.333  1.00 13.92 ? 72   GLU A OE1 1 
ATOM   562  O OE2 . GLU A 1 72  ? -0.495  -6.535  -1.107  1.00 15.25 ? 72   GLU A OE2 1 
ATOM   563  N N   . ILE A 1 73  ? -1.651  -11.136 -3.091  1.00 13.12 ? 73   ILE A N   1 
ATOM   564  C CA  . ILE A 1 73  ? -1.923  -10.992 -4.516  1.00 14.32 ? 73   ILE A CA  1 
ATOM   565  C C   . ILE A 1 73  ? -2.229  -9.510  -4.664  1.00 13.47 ? 73   ILE A C   1 
ATOM   566  O O   . ILE A 1 73  ? -3.193  -9.007  -4.082  1.00 15.58 ? 73   ILE A O   1 
ATOM   567  C CB  . ILE A 1 73  ? -3.129  -11.830 -4.971  1.00 17.12 ? 73   ILE A CB  1 
ATOM   568  C CG1 . ILE A 1 73  ? -2.794  -13.320 -4.874  1.00 18.50 ? 73   ILE A CG1 1 
ATOM   569  C CG2 . ILE A 1 73  ? -3.488  -11.487 -6.412  1.00 19.45 ? 73   ILE A CG2 1 
ATOM   570  C CD1 . ILE A 1 73  ? -3.951  -14.231 -5.221  1.00 22.96 ? 73   ILE A CD1 1 
ATOM   571  N N   . THR A 1 74  ? -1.354  -8.798  -5.368  1.00 12.90 ? 74   THR A N   1 
ATOM   572  C CA  . THR A 1 74  ? -1.502  -7.362  -5.559  1.00 12.69 ? 74   THR A CA  1 
ATOM   573  C C   . THR A 1 74  ? -2.605  -7.004  -6.556  1.00 12.63 ? 74   THR A C   1 
ATOM   574  O O   . THR A 1 74  ? -3.064  -7.848  -7.320  1.00 13.09 ? 74   THR A O   1 
ATOM   575  C CB  . THR A 1 74  ? -0.173  -6.727  -6.002  1.00 11.36 ? 74   THR A CB  1 
ATOM   576  O OG1 . THR A 1 74  ? 0.175   -7.196  -7.311  1.00 13.30 ? 74   THR A OG1 1 
ATOM   577  C CG2 . THR A 1 74  ? 0.935   -7.113  -5.036  1.00 12.02 ? 74   THR A CG2 1 
ATOM   578  N N   . ALA A 1 75  ? -3.003  -5.741  -6.551  1.00 14.40 ? 75   ALA A N   1 
ATOM   579  C CA  . ALA A 1 75  ? -4.047  -5.248  -7.442  1.00 17.27 ? 75   ALA A CA  1 
ATOM   580  C C   . ALA A 1 75  ? -3.694  -5.469  -8.910  1.00 18.19 ? 75   ALA A C   1 
ATOM   581  O O   . ALA A 1 75  ? -4.570  -5.708  -9.732  1.00 21.29 ? 75   ALA A O   1 
ATOM   582  C CB  . ALA A 1 75  ? -4.303  -3.784  -7.172  1.00 15.18 ? 75   ALA A CB  1 
ATOM   583  N N   . ASP A 1 76  ? -2.408  -5.397  -9.234  1.00 18.41 ? 76   ASP A N   1 
ATOM   584  C CA  . ASP A 1 76  ? -1.951  -5.608  -10.608 1.00 18.64 ? 76   ASP A CA  1 
ATOM   585  C C   . ASP A 1 76  ? -1.650  -7.084  -10.895 1.00 21.18 ? 76   ASP A C   1 
ATOM   586  O O   . ASP A 1 76  ? -0.979  -7.418  -11.875 1.00 22.33 ? 76   ASP A O   1 
ATOM   587  C CB  . ASP A 1 76  ? -0.741  -4.722  -10.916 1.00 16.96 ? 76   ASP A CB  1 
ATOM   588  C CG  . ASP A 1 76  ? 0.438   -4.994  -10.009 1.00 15.05 ? 76   ASP A CG  1 
ATOM   589  O OD1 . ASP A 1 76  ? 0.302   -4.864  -8.769  1.00 14.58 ? 76   ASP A OD1 1 
ATOM   590  O OD2 . ASP A 1 76  ? 1.515   -5.325  -10.547 1.00 16.09 ? 76   ASP A OD2 1 
ATOM   591  N N   . ASP A 1 77  ? -2.122  -7.949  -9.998  1.00 21.66 ? 77   ASP A N   1 
ATOM   592  C CA  . ASP A 1 77  ? -1.995  -9.399  -10.106 1.00 23.35 ? 77   ASP A CA  1 
ATOM   593  C C   . ASP A 1 77  ? -0.650  -10.092 -9.970  1.00 23.20 ? 77   ASP A C   1 
ATOM   594  O O   . ASP A 1 77  ? -0.394  -11.108 -10.619 1.00 25.79 ? 77   ASP A O   1 
ATOM   595  C CB  . ASP A 1 77  ? -2.729  -9.908  -11.345 1.00 28.37 ? 77   ASP A CB  1 
ATOM   596  C CG  . ASP A 1 77  ? -4.218  -9.705  -11.243 1.00 34.09 ? 77   ASP A CG  1 
ATOM   597  O OD1 . ASP A 1 77  ? -4.840  -10.352 -10.369 1.00 38.76 ? 77   ASP A OD1 1 
ATOM   598  O OD2 . ASP A 1 77  ? -4.758  -8.873  -12.009 1.00 39.97 ? 77   ASP A OD2 1 
ATOM   599  N N   . ARG A 1 78  ? 0.210   -9.558  -9.117  1.00 19.78 ? 78   ARG A N   1 
ATOM   600  C CA  . ARG A 1 78  ? 1.487   -10.197 -8.866  1.00 17.07 ? 78   ARG A CA  1 
ATOM   601  C C   . ARG A 1 78  ? 1.257   -11.023 -7.607  1.00 16.26 ? 78   ARG A C   1 
ATOM   602  O O   . ARG A 1 78  ? 0.487   -10.624 -6.742  1.00 17.20 ? 78   ARG A O   1 
ATOM   603  C CB  . ARG A 1 78  ? 2.562   -9.158  -8.564  1.00 14.96 ? 78   ARG A CB  1 
ATOM   604  C CG  . ARG A 1 78  ? 3.151   -8.455  -9.756  1.00 14.36 ? 78   ARG A CG  1 
ATOM   605  C CD  . ARG A 1 78  ? 4.072   -7.332  -9.276  1.00 15.37 ? 78   ARG A CD  1 
ATOM   606  N NE  . ARG A 1 78  ? 3.309   -6.249  -8.655  1.00 15.29 ? 78   ARG A NE  1 
ATOM   607  C CZ  . ARG A 1 78  ? 3.614   -5.629  -7.520  1.00 13.91 ? 78   ARG A CZ  1 
ATOM   608  N NH1 . ARG A 1 78  ? 4.689   -5.969  -6.815  1.00 12.66 ? 78   ARG A NH1 1 
ATOM   609  N NH2 . ARG A 1 78  ? 2.815   -4.663  -7.089  1.00 14.40 ? 78   ARG A NH2 1 
ATOM   610  N N   . LYS A 1 79  ? 1.848   -12.205 -7.539  1.00 16.26 ? 79   LYS A N   1 
ATOM   611  C CA  . LYS A 1 79  ? 1.749   -13.043 -6.350  1.00 16.13 ? 79   LYS A CA  1 
ATOM   612  C C   . LYS A 1 79  ? 3.097   -12.817 -5.673  1.00 14.27 ? 79   LYS A C   1 
ATOM   613  O O   . LYS A 1 79  ? 4.144   -13.185 -6.212  1.00 14.25 ? 79   LYS A O   1 
ATOM   614  C CB  . LYS A 1 79  ? 1.557   -14.514 -6.720  1.00 18.66 ? 79   LYS A CB  1 
ATOM   615  C CG  . LYS A 1 79  ? 0.171   -14.819 -7.251  1.00 23.61 ? 79   LYS A CG  1 
ATOM   616  C CD  . LYS A 1 79  ? -0.017  -16.292 -7.620  0.00 0.00  ? 79   LYS A CD  1 
ATOM   617  C CE  . LYS A 1 79  ? -1.417  -16.599 -8.157  0.00 0.00  ? 79   LYS A CE  1 
ATOM   618  N NZ  . LYS A 1 79  ? -1.597  -18.014 -8.512  0.00 0.00  ? 79   LYS A NZ  1 
ATOM   619  N N   . VAL A 1 80  ? 3.066   -12.138 -4.532  1.00 11.28 ? 80   VAL A N   1 
ATOM   620  C CA  . VAL A 1 80  ? 4.285   -11.794 -3.817  1.00 9.47  ? 80   VAL A CA  1 
ATOM   621  C C   . VAL A 1 80  ? 4.322   -12.318 -2.384  1.00 8.75  ? 80   VAL A C   1 
ATOM   622  O O   . VAL A 1 80  ? 3.316   -12.799 -1.856  1.00 10.78 ? 80   VAL A O   1 
ATOM   623  C CB  . VAL A 1 80  ? 4.455   -10.237 -3.750  1.00 9.41  ? 80   VAL A CB  1 
ATOM   624  C CG1 . VAL A 1 80  ? 4.382   -9.616  -5.138  1.00 10.27 ? 80   VAL A CG1 1 
ATOM   625  C CG2 . VAL A 1 80  ? 3.381   -9.621  -2.853  1.00 8.46  ? 80   VAL A CG2 1 
ATOM   626  N N   . LYS A 1 81  ? 5.514   -12.272 -1.794  1.00 8.18  ? 81   LYS A N   1 
ATOM   627  C CA  . LYS A 1 81  ? 5.722   -12.650 -0.399  1.00 8.93  ? 81   LYS A CA  1 
ATOM   628  C C   . LYS A 1 81  ? 5.872   -11.301 0.295   1.00 8.79  ? 81   LYS A C   1 
ATOM   629  O O   . LYS A 1 81  ? 6.693   -10.476 -0.114  1.00 9.75  ? 81   LYS A O   1 
ATOM   630  C CB  . LYS A 1 81  ? 7.018   -13.443 -0.205  1.00 10.56 ? 81   LYS A CB  1 
ATOM   631  C CG  . LYS A 1 81  ? 7.023   -14.821 -0.830  1.00 12.75 ? 81   LYS A CG  1 
ATOM   632  C CD  . LYS A 1 81  ? 6.060   -15.765 -0.136  1.00 12.37 ? 81   LYS A CD  1 
ATOM   633  C CE  . LYS A 1 81  ? 6.083   -17.125 -0.811  1.00 13.51 ? 81   LYS A CE  1 
ATOM   634  N NZ  . LYS A 1 81  ? 5.174   -18.106 -0.170  1.00 10.74 ? 81   LYS A NZ  1 
ATOM   635  N N   . SER A 1 82  ? 5.047   -11.050 1.299   1.00 9.36  ? 82   SER A N   1 
ATOM   636  C CA  . SER A 1 82  ? 5.110   -9.784  2.009   1.00 8.80  ? 82   SER A CA  1 
ATOM   637  C C   . SER A 1 82  ? 5.412   -9.960  3.482   1.00 8.97  ? 82   SER A C   1 
ATOM   638  O O   . SER A 1 82  ? 5.079   -10.984 4.087   1.00 8.26  ? 82   SER A O   1 
ATOM   639  C CB  . SER A 1 82  ? 3.794   -9.006  1.860   1.00 10.43 ? 82   SER A CB  1 
ATOM   640  O OG  . SER A 1 82  ? 3.613   -8.507  0.546   1.00 11.77 ? 82   SER A OG  1 
ATOM   641  N N   . ILE A 1 83  ? 6.042   -8.940  4.050   1.00 8.26  ? 83   ILE A N   1 
ATOM   642  C CA  . ILE A 1 83  ? 6.366   -8.929  5.466   1.00 9.62  ? 83   ILE A CA  1 
ATOM   643  C C   . ILE A 1 83  ? 6.211   -7.461  5.891   1.00 8.50  ? 83   ILE A C   1 
ATOM   644  O O   . ILE A 1 83  ? 6.682   -6.556  5.198   1.00 8.78  ? 83   ILE A O   1 
ATOM   645  C CB  . ILE A 1 83  ? 7.794   -9.521  5.715   1.00 11.44 ? 83   ILE A CB  1 
ATOM   646  C CG1 . ILE A 1 83  ? 7.951   -9.984  7.163   1.00 17.09 ? 83   ILE A CG1 1 
ATOM   647  C CG2 . ILE A 1 83  ? 8.876   -8.534  5.316   1.00 15.89 ? 83   ILE A CG2 1 
ATOM   648  C CD1 . ILE A 1 83  ? 8.016   -8.879  8.174   1.00 23.39 ? 83   ILE A CD1 1 
ATOM   649  N N   . ILE A 1 84  ? 5.432   -7.233  6.945   1.00 8.86  ? 84   ILE A N   1 
ATOM   650  C CA  . ILE A 1 84  ? 5.180   -5.891  7.462   1.00 7.82  ? 84   ILE A CA  1 
ATOM   651  C C   . ILE A 1 84  ? 5.586   -5.804  8.935   1.00 9.39  ? 84   ILE A C   1 
ATOM   652  O O   . ILE A 1 84  ? 5.197   -6.651  9.749   1.00 9.14  ? 84   ILE A O   1 
ATOM   653  C CB  . ILE A 1 84  ? 3.682   -5.522  7.316   1.00 8.19  ? 84   ILE A CB  1 
ATOM   654  C CG1 . ILE A 1 84  ? 3.263   -5.654  5.849   1.00 11.21 ? 84   ILE A CG1 1 
ATOM   655  C CG2 . ILE A 1 84  ? 3.434   -4.099  7.803   1.00 9.31  ? 84   ILE A CG2 1 
ATOM   656  C CD1 . ILE A 1 84  ? 1.804   -5.363  5.569   1.00 12.40 ? 84   ILE A CD1 1 
ATOM   657  N N   . THR A 1 85  ? 6.382   -4.793  9.269   1.00 9.42  ? 85   THR A N   1 
ATOM   658  C CA  . THR A 1 85  ? 6.843   -4.580  10.641  1.00 9.09  ? 85   THR A CA  1 
ATOM   659  C C   . THR A 1 85  ? 6.505   -3.159  11.104  1.00 9.95  ? 85   THR A C   1 
ATOM   660  O O   . THR A 1 85  ? 6.166   -2.291  10.294  1.00 11.62 ? 85   THR A O   1 
ATOM   661  C CB  . THR A 1 85  ? 8.373   -4.797  10.760  1.00 8.01  ? 85   THR A CB  1 
ATOM   662  O OG1 . THR A 1 85  ? 9.047   -3.976  9.803   1.00 9.84  ? 85   THR A OG1 1 
ATOM   663  C CG2 . THR A 1 85  ? 8.743   -6.252  10.507  1.00 9.02  ? 85   THR A CG2 1 
ATOM   664  N N   . LEU A 1 86  ? 6.545   -2.941  12.412  1.00 10.31 ? 86   LEU A N   1 
ATOM   665  C CA  . LEU A 1 86  ? 6.262   -1.629  12.983  1.00 10.76 ? 86   LEU A CA  1 
ATOM   666  C C   . LEU A 1 86  ? 7.609   -1.070  13.418  1.00 10.75 ? 86   LEU A C   1 
ATOM   667  O O   . LEU A 1 86  ? 8.230   -1.583  14.352  1.00 10.53 ? 86   LEU A O   1 
ATOM   668  C CB  . LEU A 1 86  ? 5.316   -1.769  14.181  1.00 11.85 ? 86   LEU A CB  1 
ATOM   669  C CG  . LEU A 1 86  ? 4.856   -0.515  14.925  1.00 13.85 ? 86   LEU A CG  1 
ATOM   670  C CD1 . LEU A 1 86  ? 4.224   0.492   13.970  1.00 16.81 ? 86   LEU A CD1 1 
ATOM   671  C CD2 . LEU A 1 86  ? 3.856   -0.935  15.985  1.00 17.68 ? 86   LEU A CD2 1 
ATOM   672  N N   . ASP A 1 87  ? 8.064   -0.041  12.715  1.00 10.49 ? 87   ASP A N   1 
ATOM   673  C CA  . ASP A 1 87  ? 9.354   0.579   12.983  1.00 12.74 ? 87   ASP A CA  1 
ATOM   674  C C   . ASP A 1 87  ? 9.255   2.091   13.071  1.00 13.17 ? 87   ASP A C   1 
ATOM   675  O O   . ASP A 1 87  ? 8.827   2.751   12.122  1.00 12.50 ? 87   ASP A O   1 
ATOM   676  C CB  . ASP A 1 87  ? 10.347  0.208   11.877  1.00 14.01 ? 87   ASP A CB  1 
ATOM   677  C CG  . ASP A 1 87  ? 10.630  -1.272  11.824  1.00 14.17 ? 87   ASP A CG  1 
ATOM   678  O OD1 . ASP A 1 87  ? 11.018  -1.833  12.863  1.00 18.62 ? 87   ASP A OD1 1 
ATOM   679  O OD2 . ASP A 1 87  ? 10.462  -1.871  10.748  1.00 16.89 ? 87   ASP A OD2 1 
ATOM   680  N N   . GLY A 1 88  ? 9.645   2.629   14.223  1.00 14.80 ? 88   GLY A N   1 
ATOM   681  C CA  . GLY A 1 88  ? 9.615   4.067   14.432  1.00 15.13 ? 88   GLY A CA  1 
ATOM   682  C C   . GLY A 1 88  ? 8.244   4.690   14.244  1.00 13.74 ? 88   GLY A C   1 
ATOM   683  O O   . GLY A 1 88  ? 8.136   5.840   13.826  1.00 16.52 ? 88   GLY A O   1 
ATOM   684  N N   . GLY A 1 89  ? 7.201   3.938   14.575  1.00 13.51 ? 89   GLY A N   1 
ATOM   685  C CA  . GLY A 1 89  ? 5.839   4.423   14.435  1.00 14.13 ? 89   GLY A CA  1 
ATOM   686  C C   . GLY A 1 89  ? 5.256   4.279   13.036  1.00 13.70 ? 89   GLY A C   1 
ATOM   687  O O   . GLY A 1 89  ? 4.134   4.726   12.794  1.00 15.55 ? 89   GLY A O   1 
ATOM   688  N N   . ALA A 1 90  ? 6.000   3.640   12.131  1.00 12.39 ? 90   ALA A N   1 
ATOM   689  C CA  . ALA A 1 90  ? 5.563   3.438   10.747  1.00 10.89 ? 90   ALA A CA  1 
ATOM   690  C C   . ALA A 1 90  ? 5.422   1.960   10.397  1.00 10.82 ? 90   ALA A C   1 
ATOM   691  O O   . ALA A 1 90  ? 6.108   1.106   10.964  1.00 10.58 ? 90   ALA A O   1 
ATOM   692  C CB  . ALA A 1 90  ? 6.550   4.085   9.798   1.00 10.42 ? 90   ALA A CB  1 
ATOM   693  N N   . LEU A 1 91  ? 4.483   1.653   9.512   1.00 9.21  ? 91   LEU A N   1 
ATOM   694  C CA  . LEU A 1 91  ? 4.286   0.286   9.055   1.00 9.05  ? 91   LEU A CA  1 
ATOM   695  C C   . LEU A 1 91  ? 5.182   0.161   7.833   1.00 9.95  ? 91   LEU A C   1 
ATOM   696  O O   . LEU A 1 91  ? 5.019   0.899   6.859   1.00 11.52 ? 91   LEU A O   1 
ATOM   697  C CB  . LEU A 1 91  ? 2.830   0.047   8.660   1.00 8.68  ? 91   LEU A CB  1 
ATOM   698  C CG  . LEU A 1 91  ? 1.803   -0.016  9.790   1.00 11.15 ? 91   LEU A CG  1 
ATOM   699  C CD1 . LEU A 1 91  ? 0.386   0.048   9.233   1.00 13.00 ? 91   LEU A CD1 1 
ATOM   700  C CD2 . LEU A 1 91  ? 2.007   -1.310  10.556  1.00 13.11 ? 91   LEU A CD2 1 
ATOM   701  N N   . VAL A 1 92  ? 6.177   -0.711  7.908   1.00 8.96  ? 92   VAL A N   1 
ATOM   702  C CA  . VAL A 1 92  ? 7.088   -0.895  6.789   1.00 9.56  ? 92   VAL A CA  1 
ATOM   703  C C   . VAL A 1 92  ? 6.848   -2.247  6.137   1.00 9.89  ? 92   VAL A C   1 
ATOM   704  O O   . VAL A 1 92  ? 7.019   -3.293  6.768   1.00 9.88  ? 92   VAL A O   1 
ATOM   705  C CB  . VAL A 1 92  ? 8.559   -0.790  7.236   1.00 10.52 ? 92   VAL A CB  1 
ATOM   706  C CG1 . VAL A 1 92  ? 9.473   -0.873  6.024   1.00 10.24 ? 92   VAL A CG1 1 
ATOM   707  C CG2 . VAL A 1 92  ? 8.785   0.504   8.022   1.00 8.80  ? 92   VAL A CG2 1 
ATOM   708  N N   . GLN A 1 93  ? 6.455   -2.221  4.866   1.00 9.34  ? 93   GLN A N   1 
ATOM   709  C CA  . GLN A 1 93  ? 6.176   -3.435  4.108   1.00 9.23  ? 93   GLN A CA  1 
ATOM   710  C C   . GLN A 1 93  ? 7.178   -3.680  2.984   1.00 9.21  ? 93   GLN A C   1 
ATOM   711  O O   . GLN A 1 93  ? 7.512   -2.768  2.226   1.00 9.46  ? 93   GLN A O   1 
ATOM   712  C CB  . GLN A 1 93  ? 4.770   -3.367  3.501   1.00 9.35  ? 93   GLN A CB  1 
ATOM   713  C CG  . GLN A 1 93  ? 4.423   -4.567  2.608   1.00 10.81 ? 93   GLN A CG  1 
ATOM   714  C CD  . GLN A 1 93  ? 3.014   -4.501  2.056   1.00 13.52 ? 93   GLN A CD  1 
ATOM   715  O OE1 . GLN A 1 93  ? 2.364   -3.461  2.103   1.00 14.26 ? 93   GLN A OE1 1 
ATOM   716  N NE2 . GLN A 1 93  ? 2.535   -5.613  1.526   1.00 13.56 ? 93   GLN A NE2 1 
ATOM   717  N N   . VAL A 1 94  ? 7.659   -4.913  2.883   1.00 8.55  ? 94   VAL A N   1 
ATOM   718  C CA  . VAL A 1 94  ? 8.581   -5.282  1.818   1.00 9.04  ? 94   VAL A CA  1 
ATOM   719  C C   . VAL A 1 94  ? 7.897   -6.403  1.039   1.00 8.69  ? 94   VAL A C   1 
ATOM   720  O O   . VAL A 1 94  ? 7.380   -7.351  1.648   1.00 9.24  ? 94   VAL A O   1 
ATOM   721  C CB  . VAL A 1 94  ? 9.946   -5.777  2.371   1.00 10.15 ? 94   VAL A CB  1 
ATOM   722  C CG1 . VAL A 1 94  ? 10.836  -6.236  1.221   1.00 11.50 ? 94   VAL A CG1 1 
ATOM   723  C CG2 . VAL A 1 94  ? 10.638  -4.663  3.163   1.00 11.38 ? 94   VAL A CG2 1 
ATOM   724  N N   . GLN A 1 95  ? 7.788   -6.237  -0.277  1.00 8.14  ? 95   GLN A N   1 
ATOM   725  C CA  . GLN A 1 95  ? 7.186   -7.254  -1.140  1.00 9.18  ? 95   GLN A CA  1 
ATOM   726  C C   . GLN A 1 95  ? 8.296   -7.831  -1.999  1.00 9.49  ? 95   GLN A C   1 
ATOM   727  O O   . GLN A 1 95  ? 9.068   -7.084  -2.593  1.00 10.33 ? 95   GLN A O   1 
ATOM   728  C CB  . GLN A 1 95  ? 6.141   -6.660  -2.080  1.00 10.91 ? 95   GLN A CB  1 
ATOM   729  C CG  . GLN A 1 95  ? 4.874   -6.144  -1.439  1.00 13.26 ? 95   GLN A CG  1 
ATOM   730  C CD  . GLN A 1 95  ? 3.913   -5.621  -2.487  1.00 13.22 ? 95   GLN A CD  1 
ATOM   731  O OE1 . GLN A 1 95  ? 4.321   -5.233  -3.581  1.00 13.34 ? 95   GLN A OE1 1 
ATOM   732  N NE2 . GLN A 1 95  ? 2.634   -5.625  -2.168  1.00 11.64 ? 95   GLN A NE2 1 
ATOM   733  N N   . LYS A 1 96  ? 8.363   -9.154  -2.074  1.00 10.05 ? 96   LYS A N   1 
ATOM   734  C CA  . LYS A 1 96  ? 9.379   -9.840  -2.867  1.00 9.68  ? 96   LYS A CA  1 
ATOM   735  C C   . LYS A 1 96  ? 8.711   -10.785 -3.860  1.00 9.86  ? 96   LYS A C   1 
ATOM   736  O O   . LYS A 1 96  ? 7.762   -11.508 -3.502  1.00 9.42  ? 96   LYS A O   1 
ATOM   737  C CB  . LYS A 1 96  ? 10.303  -10.655 -1.959  0.50 6.21  ? 96   LYS A CB  1 
ATOM   738  C CG  . LYS A 1 96  ? 11.283  -9.850  -1.134  0.50 9.07  ? 96   LYS A CG  1 
ATOM   739  C CD  . LYS A 1 96  ? 12.023  -10.760 -0.155  0.50 12.53 ? 96   LYS A CD  1 
ATOM   740  C CE  . LYS A 1 96  ? 13.261  -10.092 0.423   0.50 14.46 ? 96   LYS A CE  1 
ATOM   741  N NZ  . LYS A 1 96  ? 14.354  -9.973  -0.587  0.50 17.15 ? 96   LYS A NZ  1 
ATOM   742  N N   . TRP A 1 97  ? 9.198   -10.773 -5.102  1.00 10.94 ? 97   TRP A N   1 
ATOM   743  C CA  . TRP A 1 97  ? 8.683   -11.644 -6.164  1.00 12.40 ? 97   TRP A CA  1 
ATOM   744  C C   . TRP A 1 97  ? 9.687   -11.684 -7.320  1.00 14.16 ? 97   TRP A C   1 
ATOM   745  O O   . TRP A 1 97  ? 10.271  -10.661 -7.673  1.00 13.06 ? 97   TRP A O   1 
ATOM   746  C CB  . TRP A 1 97  ? 7.312   -11.164 -6.664  1.00 12.55 ? 97   TRP A CB  1 
ATOM   747  C CG  . TRP A 1 97  ? 7.359   -10.011 -7.621  1.00 12.32 ? 97   TRP A CG  1 
ATOM   748  C CD1 . TRP A 1 97  ? 7.148   -10.060 -8.972  1.00 13.65 ? 97   TRP A CD1 1 
ATOM   749  C CD2 . TRP A 1 97  ? 7.661   -8.647  -7.309  1.00 12.54 ? 97   TRP A CD2 1 
ATOM   750  N NE1 . TRP A 1 97  ? 7.304   -8.811  -9.518  1.00 13.08 ? 97   TRP A NE1 1 
ATOM   751  C CE2 . TRP A 1 97  ? 7.618   -7.923  -8.526  1.00 12.86 ? 97   TRP A CE2 1 
ATOM   752  C CE3 . TRP A 1 97  ? 7.961   -7.960  -6.130  1.00 13.82 ? 97   TRP A CE3 1 
ATOM   753  C CZ2 . TRP A 1 97  ? 7.871   -6.550  -8.590  1.00 14.20 ? 97   TRP A CZ2 1 
ATOM   754  C CZ3 . TRP A 1 97  ? 8.212   -6.590  -6.196  1.00 13.86 ? 97   TRP A CZ3 1 
ATOM   755  C CH2 . TRP A 1 97  ? 8.165   -5.903  -7.419  1.00 13.19 ? 97   TRP A CH2 1 
ATOM   756  N N   . ASP A 1 98  ? 9.930   -12.880 -7.854  1.00 16.53 ? 98   ASP A N   1 
ATOM   757  C CA  . ASP A 1 98  ? 10.863  -13.075 -8.971  1.00 19.82 ? 98   ASP A CA  1 
ATOM   758  C C   . ASP A 1 98  ? 12.239  -12.428 -8.808  1.00 18.52 ? 98   ASP A C   1 
ATOM   759  O O   . ASP A 1 98  ? 12.778  -11.872 -9.762  1.00 18.76 ? 98   ASP A O   1 
ATOM   760  C CB  . ASP A 1 98  ? 10.236  -12.582 -10.277 1.00 25.78 ? 98   ASP A CB  1 
ATOM   761  C CG  . ASP A 1 98  ? 8.914   -13.255 -10.580 1.00 34.30 ? 98   ASP A CG  1 
ATOM   762  O OD1 . ASP A 1 98  ? 8.808   -14.484 -10.352 1.00 39.48 ? 98   ASP A OD1 1 
ATOM   763  O OD2 . ASP A 1 98  ? 7.980   -12.557 -11.040 1.00 38.30 ? 98   ASP A OD2 1 
ATOM   764  N N   . GLY A 1 99  ? 12.809  -12.501 -7.607  1.00 16.42 ? 99   GLY A N   1 
ATOM   765  C CA  . GLY A 1 99  ? 14.118  -11.917 -7.375  1.00 17.57 ? 99   GLY A CA  1 
ATOM   766  C C   . GLY A 1 99  ? 14.130  -10.404 -7.219  1.00 19.09 ? 99   GLY A C   1 
ATOM   767  O O   . GLY A 1 99  ? 15.192  -9.799  -7.073  1.00 21.04 ? 99   GLY A O   1 
ATOM   768  N N   . LYS A 1 100 ? 12.952  -9.789  -7.242  1.00 18.58 ? 100  LYS A N   1 
ATOM   769  C CA  . LYS A 1 100 ? 12.835  -8.341  -7.098  1.00 17.10 ? 100  LYS A CA  1 
ATOM   770  C C   . LYS A 1 100 ? 12.159  -8.007  -5.777  1.00 15.10 ? 100  LYS A C   1 
ATOM   771  O O   . LYS A 1 100 ? 11.570  -8.875  -5.132  1.00 13.62 ? 100  LYS A O   1 
ATOM   772  C CB  . LYS A 1 100 ? 12.004  -7.752  -8.242  1.00 19.20 ? 100  LYS A CB  1 
ATOM   773  C CG  . LYS A 1 100 ? 12.606  -7.960  -9.621  1.00 24.89 ? 100  LYS A CG  1 
ATOM   774  C CD  . LYS A 1 100 ? 11.848  -7.180  -10.691 1.00 30.00 ? 100  LYS A CD  1 
ATOM   775  C CE  . LYS A 1 100 ? 10.417  -7.663  -10.852 1.00 32.40 ? 100  LYS A CE  1 
ATOM   776  N NZ  . LYS A 1 100 ? 10.351  -9.029  -11.437 1.00 36.33 ? 100  LYS A NZ  1 
ATOM   777  N N   . SER A 1 101 ? 12.231  -6.739  -5.391  1.00 15.21 ? 101  SER A N   1 
ATOM   778  C CA  . SER A 1 101 ? 11.604  -6.289  -4.157  1.00 14.59 ? 101  SER A CA  1 
ATOM   779  C C   . SER A 1 101 ? 11.251  -4.808  -4.234  1.00 13.15 ? 101  SER A C   1 
ATOM   780  O O   . SER A 1 101 ? 11.831  -4.060  -5.016  1.00 13.22 ? 101  SER A O   1 
ATOM   781  C CB  . SER A 1 101 ? 12.512  -6.556  -2.945  1.00 14.96 ? 101  SER A CB  1 
ATOM   782  O OG  . SER A 1 101 ? 13.684  -5.765  -2.984  1.00 20.64 ? 101  SER A OG  1 
ATOM   783  N N   . THR A 1 102 ? 10.261  -4.410  -3.450  1.00 10.80 ? 102  THR A N   1 
ATOM   784  C CA  . THR A 1 102 ? 9.831   -3.025  -3.394  1.00 10.03 ? 102  THR A CA  1 
ATOM   785  C C   . THR A 1 102 ? 9.416   -2.794  -1.949  1.00 10.30 ? 102  THR A C   1 
ATOM   786  O O   . THR A 1 102 ? 9.030   -3.746  -1.251  1.00 9.85  ? 102  THR A O   1 
ATOM   787  C CB  . THR A 1 102 ? 8.651   -2.762  -4.346  1.00 10.20 ? 102  THR A CB  1 
ATOM   788  O OG1 . THR A 1 102 ? 8.289   -1.379  -4.283  1.00 12.77 ? 102  THR A OG1 1 
ATOM   789  C CG2 . THR A 1 102 ? 7.446   -3.617  -3.979  1.00 10.09 ? 102  THR A CG2 1 
ATOM   790  N N   . THR A 1 103 ? 9.558   -1.559  -1.478  1.00 9.22  ? 103  THR A N   1 
ATOM   791  C CA  . THR A 1 103 ? 9.188   -1.217  -0.108  1.00 10.49 ? 103  THR A CA  1 
ATOM   792  C C   . THR A 1 103 ? 8.040   -0.205  -0.103  1.00 10.25 ? 103  THR A C   1 
ATOM   793  O O   . THR A 1 103 ? 8.020   0.738   -0.898  1.00 10.47 ? 103  THR A O   1 
ATOM   794  C CB  . THR A 1 103 ? 10.390  -0.643  0.675   1.00 12.04 ? 103  THR A CB  1 
ATOM   795  O OG1 . THR A 1 103 ? 11.489  -1.565  0.616   1.00 17.88 ? 103  THR A OG1 1 
ATOM   796  C CG2 . THR A 1 103 ? 10.017  -0.427  2.139   1.00 16.24 ? 103  THR A CG2 1 
ATOM   797  N N   . ILE A 1 104 ? 7.072   -0.430  0.777   1.00 9.44  ? 104  ILE A N   1 
ATOM   798  C CA  . ILE A 1 104 ? 5.911   0.441   0.915   1.00 9.80  ? 104  ILE A CA  1 
ATOM   799  C C   . ILE A 1 104 ? 5.825   0.836   2.389   1.00 10.10 ? 104  ILE A C   1 
ATOM   800  O O   . ILE A 1 104 ? 5.669   -0.026  3.261   1.00 10.57 ? 104  ILE A O   1 
ATOM   801  C CB  . ILE A 1 104 ? 4.610   -0.290  0.493   1.00 9.33  ? 104  ILE A CB  1 
ATOM   802  C CG1 . ILE A 1 104 ? 4.728   -0.756  -0.965  1.00 12.00 ? 104  ILE A CG1 1 
ATOM   803  C CG2 . ILE A 1 104 ? 3.411   0.624   0.658   1.00 8.31  ? 104  ILE A CG2 1 
ATOM   804  C CD1 . ILE A 1 104 ? 3.653   -1.703  -1.412  1.00 15.73 ? 104  ILE A CD1 1 
ATOM   805  N N   . LYS A 1 105 ? 5.982   2.126   2.667   1.00 8.69  ? 105  LYS A N   1 
ATOM   806  C CA  . LYS A 1 105 ? 5.920   2.630   4.037   1.00 9.40  ? 105  LYS A CA  1 
ATOM   807  C C   . LYS A 1 105 ? 4.644   3.426   4.256   1.00 9.76  ? 105  LYS A C   1 
ATOM   808  O O   . LYS A 1 105 ? 4.298   4.284   3.444   1.00 10.12 ? 105  LYS A O   1 
ATOM   809  C CB  . LYS A 1 105 ? 7.118   3.531   4.336   1.00 13.03 ? 105  LYS A CB  1 
ATOM   810  C CG  . LYS A 1 105 ? 8.473   2.848   4.244   1.00 20.68 ? 105  LYS A CG  1 
ATOM   811  C CD  . LYS A 1 105 ? 9.606   3.836   4.521   1.00 25.86 ? 105  LYS A CD  1 
ATOM   812  C CE  . LYS A 1 105 ? 9.483   4.450   5.914   1.00 29.26 ? 105  LYS A CE  1 
ATOM   813  N NZ  . LYS A 1 105 ? 10.556  5.407   6.216   0.00 0.00  ? 105  LYS A NZ  1 
ATOM   814  N N   . ARG A 1 106 ? 3.933   3.123   5.332   1.00 8.08  ? 106  ARG A N   1 
ATOM   815  C CA  . ARG A 1 106 ? 2.705   3.833   5.660   1.00 7.83  ? 106  ARG A CA  1 
ATOM   816  C C   . ARG A 1 106 ? 3.000   4.536   6.970   1.00 8.45  ? 106  ARG A C   1 
ATOM   817  O O   . ARG A 1 106 ? 3.362   3.899   7.965   1.00 9.08  ? 106  ARG A O   1 
ATOM   818  C CB  . ARG A 1 106 ? 1.541   2.861   5.809   1.00 9.55  ? 106  ARG A CB  1 
ATOM   819  C CG  . ARG A 1 106 ? 1.223   2.109   4.519   1.00 10.37 ? 106  ARG A CG  1 
ATOM   820  C CD  . ARG A 1 106 ? 0.112   1.092   4.705   1.00 12.56 ? 106  ARG A CD  1 
ATOM   821  N NE  . ARG A 1 106 ? -0.252  0.443   3.448   1.00 13.60 ? 106  ARG A NE  1 
ATOM   822  C CZ  . ARG A 1 106 ? 0.323   -0.662  2.980   1.00 14.09 ? 106  ARG A CZ  1 
ATOM   823  N NH1 . ARG A 1 106 ? 1.284   -1.257  3.666   1.00 15.12 ? 106  ARG A NH1 1 
ATOM   824  N NH2 . ARG A 1 106 ? -0.071  -1.181  1.828   1.00 18.61 ? 106  ARG A NH2 1 
ATOM   825  N N   . LYS A 1 107 ? 2.888   5.850   6.965   1.00 8.08  ? 107  LYS A N   1 
ATOM   826  C CA  . LYS A 1 107 ? 3.188   6.609   8.165   1.00 9.87  ? 107  LYS A CA  1 
ATOM   827  C C   . LYS A 1 107 ? 2.233   7.767   8.398   1.00 10.16 ? 107  LYS A C   1 
ATOM   828  O O   . LYS A 1 107 ? 1.502   8.175   7.507   1.00 10.52 ? 107  LYS A O   1 
ATOM   829  C CB  . LYS A 1 107 ? 4.623   7.135   8.084   1.00 13.63 ? 107  LYS A CB  1 
ATOM   830  C CG  . LYS A 1 107 ? 4.879   8.081   6.925   1.00 18.29 ? 107  LYS A CG  1 
ATOM   831  C CD  . LYS A 1 107 ? 6.348   8.469   6.859   1.00 26.15 ? 107  LYS A CD  1 
ATOM   832  C CE  . LYS A 1 107 ? 6.574   9.599   5.864   1.00 31.65 ? 107  LYS A CE  1 
ATOM   833  N NZ  . LYS A 1 107 ? 7.995   10.063  5.830   1.00 33.65 ? 107  LYS A NZ  1 
ATOM   834  N N   . ARG A 1 108 ? 2.188   8.231   9.634   1.00 10.44 ? 108  ARG A N   1 
ATOM   835  C CA  . ARG A 1 108 ? 1.342   9.363   9.988   1.00 9.63  ? 108  ARG A CA  1 
ATOM   836  C C   . ARG A 1 108 ? 2.168   10.635  9.832   1.00 9.70  ? 108  ARG A C   1 
ATOM   837  O O   . ARG A 1 108 ? 3.367   10.651  10.127  1.00 11.85 ? 108  ARG A O   1 
ATOM   838  C CB  . ARG A 1 108 ? 0.842   9.223   11.434  1.00 7.43  ? 108  ARG A CB  1 
ATOM   839  C CG  . ARG A 1 108 ? -0.222  8.136   11.617  1.00 7.09  ? 108  ARG A CG  1 
ATOM   840  C CD  . ARG A 1 108 ? -1.449  8.429   10.759  1.00 9.34  ? 108  ARG A CD  1 
ATOM   841  N NE  . ARG A 1 108 ? -1.914  9.797   10.975  1.00 9.32  ? 108  ARG A NE  1 
ATOM   842  C CZ  . ARG A 1 108 ? -2.707  10.161  11.974  1.00 8.93  ? 108  ARG A CZ  1 
ATOM   843  N NH1 . ARG A 1 108 ? -3.142  9.261   12.837  1.00 8.83  ? 108  ARG A NH1 1 
ATOM   844  N NH2 . ARG A 1 108 ? -2.988  11.441  12.165  1.00 11.23 ? 108  ARG A NH2 1 
ATOM   845  N N   . ASP A 1 109 ? 1.541   11.673  9.297   1.00 10.28 ? 109  ASP A N   1 
ATOM   846  C CA  . ASP A 1 109 ? 2.193   12.970  9.118   1.00 12.65 ? 109  ASP A CA  1 
ATOM   847  C C   . ASP A 1 109 ? 1.114   13.983  9.478   1.00 12.20 ? 109  ASP A C   1 
ATOM   848  O O   . ASP A 1 109 ? 0.209   14.241  8.686   1.00 10.86 ? 109  ASP A O   1 
ATOM   849  C CB  . ASP A 1 109 ? 2.644   13.160  7.664   1.00 16.85 ? 109  ASP A CB  1 
ATOM   850  C CG  . ASP A 1 109 ? 3.575   14.368  7.479   1.00 23.09 ? 109  ASP A CG  1 
ATOM   851  O OD1 . ASP A 1 109 ? 3.523   15.322  8.288   1.00 22.97 ? 109  ASP A OD1 1 
ATOM   852  O OD2 . ASP A 1 109 ? 4.365   14.366  6.509   1.00 27.74 ? 109  ASP A OD2 1 
ATOM   853  N N   . GLY A 1 110 ? 1.195   14.538  10.683  1.00 13.11 ? 110  GLY A N   1 
ATOM   854  C CA  . GLY A 1 110 ? 0.179   15.476  11.123  1.00 13.69 ? 110  GLY A CA  1 
ATOM   855  C C   . GLY A 1 110 ? -1.133  14.720  11.255  1.00 13.77 ? 110  GLY A C   1 
ATOM   856  O O   . GLY A 1 110 ? -1.213  13.714  11.969  1.00 13.50 ? 110  GLY A O   1 
ATOM   857  N N   . ASP A 1 111 ? -2.155  15.182  10.541  1.00 12.94 ? 111  ASP A N   1 
ATOM   858  C CA  . ASP A 1 111 ? -3.462  14.535  10.564  1.00 13.27 ? 111  ASP A CA  1 
ATOM   859  C C   . ASP A 1 111 ? -3.677  13.648  9.335   1.00 12.93 ? 111  ASP A C   1 
ATOM   860  O O   . ASP A 1 111 ? -4.769  13.122  9.130   1.00 14.45 ? 111  ASP A O   1 
ATOM   861  C CB  . ASP A 1 111 ? -4.592  15.575  10.659  1.00 16.63 ? 111  ASP A CB  1 
ATOM   862  C CG  . ASP A 1 111 ? -4.589  16.586  9.509   1.00 20.58 ? 111  ASP A CG  1 
ATOM   863  O OD1 . ASP A 1 111 ? -3.683  16.570  8.647   1.00 22.43 ? 111  ASP A OD1 1 
ATOM   864  O OD2 . ASP A 1 111 ? -5.512  17.426  9.479   1.00 25.44 ? 111  ASP A OD2 1 
ATOM   865  N N   . LYS A 1 112 ? -2.632  13.499  8.525   1.00 12.85 ? 112  LYS A N   1 
ATOM   866  C CA  . LYS A 1 112 ? -2.684  12.702  7.300   1.00 11.51 ? 112  LYS A CA  1 
ATOM   867  C C   . LYS A 1 112 ? -1.986  11.351  7.456   1.00 11.07 ? 112  LYS A C   1 
ATOM   868  O O   . LYS A 1 112 ? -1.261  11.103  8.428   1.00 9.95  ? 112  LYS A O   1 
ATOM   869  C CB  . LYS A 1 112 ? -1.960  13.439  6.159   1.00 13.34 ? 112  LYS A CB  1 
ATOM   870  C CG  . LYS A 1 112 ? -2.347  14.891  5.918   1.00 18.42 ? 112  LYS A CG  1 
ATOM   871  C CD  . LYS A 1 112 ? -3.732  15.018  5.308   1.00 24.33 ? 112  LYS A CD  1 
ATOM   872  C CE  . LYS A 1 112 ? -3.997  16.443  4.826   1.00 25.73 ? 112  LYS A CE  1 
ATOM   873  N NZ  . LYS A 1 112 ? -3.823  17.457  5.908   1.00 26.20 ? 112  LYS A NZ  1 
ATOM   874  N N   . LEU A 1 113 ? -2.223  10.480  6.482   1.00 8.91  ? 113  LEU A N   1 
ATOM   875  C CA  . LEU A 1 113 ? -1.575  9.176   6.425   1.00 8.89  ? 113  LEU A CA  1 
ATOM   876  C C   . LEU A 1 113 ? -0.847  9.266   5.088   1.00 9.44  ? 113  LEU A C   1 
ATOM   877  O O   . LEU A 1 113 ? -1.459  9.578   4.061   1.00 10.75 ? 113  LEU A O   1 
ATOM   878  C CB  . LEU A 1 113 ? -2.598  8.036   6.392   1.00 10.14 ? 113  LEU A CB  1 
ATOM   879  C CG  . LEU A 1 113 ? -2.097  6.612   6.695   1.00 13.89 ? 113  LEU A CG  1 
ATOM   880  C CD1 . LEU A 1 113 ? -3.253  5.644   6.626   1.00 18.22 ? 113  LEU A CD1 1 
ATOM   881  C CD2 . LEU A 1 113 ? -1.024  6.168   5.746   1.00 16.07 ? 113  LEU A CD2 1 
ATOM   882  N N   . VAL A 1 114 ? 0.460   9.054   5.116   1.00 8.62  ? 114  VAL A N   1 
ATOM   883  C CA  . VAL A 1 114 ? 1.275   9.120   3.915   1.00 9.90  ? 114  VAL A CA  1 
ATOM   884  C C   . VAL A 1 114 ? 1.801   7.737   3.540   1.00 10.60 ? 114  VAL A C   1 
ATOM   885  O O   . VAL A 1 114 ? 2.269   6.981   4.398   1.00 10.38 ? 114  VAL A O   1 
ATOM   886  C CB  . VAL A 1 114 ? 2.456   10.092  4.115   1.00 11.53 ? 114  VAL A CB  1 
ATOM   887  C CG1 . VAL A 1 114 ? 3.322   10.130  2.871   1.00 13.66 ? 114  VAL A CG1 1 
ATOM   888  C CG2 . VAL A 1 114 ? 1.937   11.485  4.426   1.00 12.56 ? 114  VAL A CG2 1 
ATOM   889  N N   . VAL A 1 115 ? 1.681   7.395   2.261   1.00 9.50  ? 115  VAL A N   1 
ATOM   890  C CA  . VAL A 1 115 ? 2.161   6.116   1.760   1.00 8.56  ? 115  VAL A CA  1 
ATOM   891  C C   . VAL A 1 115 ? 3.283   6.403   0.771   1.00 10.72 ? 115  VAL A C   1 
ATOM   892  O O   . VAL A 1 115 ? 3.103   7.180   -0.168  1.00 11.15 ? 115  VAL A O   1 
ATOM   893  C CB  . VAL A 1 115 ? 1.040   5.337   1.039   1.00 9.39  ? 115  VAL A CB  1 
ATOM   894  C CG1 . VAL A 1 115 ? 1.543   3.973   0.599   1.00 9.57  ? 115  VAL A CG1 1 
ATOM   895  C CG2 . VAL A 1 115 ? -0.143  5.178   1.955   1.00 8.71  ? 115  VAL A CG2 1 
ATOM   896  N N   . GLU A 1 116 ? 4.459   5.839   1.025   1.00 9.93  ? 116  GLU A N   1 
ATOM   897  C CA  . GLU A 1 116 ? 5.589   6.021   0.128   1.00 9.75  ? 116  GLU A CA  1 
ATOM   898  C C   . GLU A 1 116 ? 5.976   4.663   -0.433  1.00 9.38  ? 116  GLU A C   1 
ATOM   899  O O   . GLU A 1 116 ? 6.184   3.705   0.315   1.00 8.70  ? 116  GLU A O   1 
ATOM   900  C CB  . GLU A 1 116 ? 6.790   6.645   0.849   1.00 11.44 ? 116  GLU A CB  1 
ATOM   901  C CG  . GLU A 1 116 ? 7.905   7.032   -0.123  1.00 20.60 ? 116  GLU A CG  1 
ATOM   902  C CD  . GLU A 1 116 ? 9.194   7.478   0.551   1.00 27.80 ? 116  GLU A CD  1 
ATOM   903  O OE1 . GLU A 1 116 ? 9.569   6.899   1.593   1.00 31.55 ? 116  GLU A OE1 1 
ATOM   904  O OE2 . GLU A 1 116 ? 9.855   8.391   0.006   1.00 30.83 ? 116  GLU A OE2 1 
HETATM 905  N N   . OCS A 1 117 ? 6.065   4.576   -1.752  1.00 10.54 ? 117  OCS A N   1 
HETATM 906  C CA  . OCS A 1 117 ? 6.426   3.330   -2.419  1.00 12.71 ? 117  OCS A CA  1 
HETATM 907  C CB  . OCS A 1 117 ? 5.340   2.939   -3.416  1.00 16.89 ? 117  OCS A CB  1 
HETATM 908  S SG  . OCS A 1 117 ? 3.658   2.921   -2.731  1.00 21.52 ? 117  OCS A SG  1 
HETATM 909  C C   . OCS A 1 117 ? 7.735   3.546   -3.155  1.00 12.20 ? 117  OCS A C   1 
HETATM 910  O O   . OCS A 1 117 ? 7.877   4.523   -3.892  1.00 12.39 ? 117  OCS A O   1 
HETATM 911  O OD1 . OCS A 1 117 ? 3.126   4.223   -3.015  1.00 27.16 ? 117  OCS A OD1 1 
HETATM 912  O OD2 . OCS A 1 117 ? 2.944   1.957   -3.522  1.00 29.74 ? 117  OCS A OD2 1 
ATOM   913  N N   . VAL A 1 118 ? 8.686   2.637   -2.966  1.00 9.87  ? 118  VAL A N   1 
ATOM   914  C CA  . VAL A 1 118 ? 9.991   2.758   -3.602  1.00 10.85 ? 118  VAL A CA  1 
ATOM   915  C C   . VAL A 1 118 ? 10.321  1.529   -4.438  1.00 12.25 ? 118  VAL A C   1 
ATOM   916  O O   . VAL A 1 118 ? 10.196  0.402   -3.965  1.00 11.55 ? 118  VAL A O   1 
ATOM   917  C CB  . VAL A 1 118 ? 11.108  2.934   -2.551  1.00 11.44 ? 118  VAL A CB  1 
ATOM   918  C CG1 . VAL A 1 118 ? 12.415  3.298   -3.240  1.00 14.12 ? 118  VAL A CG1 1 
ATOM   919  C CG2 . VAL A 1 118 ? 10.716  3.994   -1.516  1.00 12.47 ? 118  VAL A CG2 1 
ATOM   920  N N   . MET A 1 119 ? 10.738  1.751   -5.681  1.00 12.72 ? 119  MET A N   1 
ATOM   921  C CA  . MET A 1 119 ? 11.112  0.664   -6.583  1.00 15.01 ? 119  MET A CA  1 
ATOM   922  C C   . MET A 1 119 ? 12.287  1.138   -7.428  1.00 17.41 ? 119  MET A C   1 
ATOM   923  O O   . MET A 1 119 ? 12.147  2.063   -8.227  1.00 17.04 ? 119  MET A O   1 
ATOM   924  C CB  . MET A 1 119 ? 9.946   0.276   -7.492  1.00 13.85 ? 119  MET A CB  1 
ATOM   925  C CG  . MET A 1 119 ? 10.273  -0.829  -8.475  1.00 17.65 ? 119  MET A CG  1 
ATOM   926  S SD  . MET A 1 119 ? 10.710  -2.376  -7.677  1.00 19.82 ? 119  MET A SD  1 
ATOM   927  C CE  . MET A 1 119 ? 10.866  -3.473  -9.080  1.00 18.74 ? 119  MET A CE  1 
ATOM   928  N N   . LYS A 1 120 ? 13.456  0.556   -7.180  1.00 19.32 ? 120  LYS A N   1 
ATOM   929  C CA  . LYS A 1 120 ? 14.679  0.891   -7.915  1.00 23.20 ? 120  LYS A CA  1 
ATOM   930  C C   . LYS A 1 120 ? 14.966  2.395   -8.027  1.00 23.78 ? 120  LYS A C   1 
ATOM   931  O O   . LYS A 1 120 ? 15.174  2.913   -9.123  1.00 25.78 ? 120  LYS A O   1 
ATOM   932  C CB  . LYS A 1 120 ? 14.634  0.266   -9.314  1.00 24.46 ? 120  LYS A CB  1 
ATOM   933  C CG  . LYS A 1 120 ? 14.540  -1.249  -9.304  1.00 28.58 ? 120  LYS A CG  1 
ATOM   934  C CD  . LYS A 1 120 ? 14.496  -1.854  -10.709 0.00 0.00  ? 120  LYS A CD  1 
ATOM   935  C CE  . LYS A 1 120 ? 14.402  -3.381  -10.699 0.00 0.00  ? 120  LYS A CE  1 
ATOM   936  N NZ  . LYS A 1 120 ? 14.359  -3.963  -12.048 0.00 0.00  ? 120  LYS A NZ  1 
ATOM   937  N N   . GLY A 1 121 ? 14.968  3.097   -6.900  1.00 23.31 ? 121  GLY A N   1 
ATOM   938  C CA  . GLY A 1 121 ? 15.241  4.522   -6.947  1.00 23.92 ? 121  GLY A CA  1 
ATOM   939  C C   . GLY A 1 121 ? 14.035  5.403   -7.212  1.00 22.43 ? 121  GLY A C   1 
ATOM   940  O O   . GLY A 1 121 ? 14.038  6.574   -6.835  1.00 26.54 ? 121  GLY A O   1 
ATOM   941  N N   . VAL A 1 122 ? 13.011  4.866   -7.869  1.00 19.04 ? 122  VAL A N   1 
ATOM   942  C CA  . VAL A 1 122 ? 11.800  5.639   -8.145  1.00 15.36 ? 122  VAL A CA  1 
ATOM   943  C C   . VAL A 1 122 ? 10.906  5.627   -6.902  1.00 13.01 ? 122  VAL A C   1 
ATOM   944  O O   . VAL A 1 122 ? 10.563  4.570   -6.391  1.00 13.10 ? 122  VAL A O   1 
ATOM   945  C CB  . VAL A 1 122 ? 11.020  5.048   -9.340  1.00 15.62 ? 122  VAL A CB  1 
ATOM   946  C CG1 . VAL A 1 122 ? 9.717   5.802   -9.555  1.00 15.03 ? 122  VAL A CG1 1 
ATOM   947  C CG2 . VAL A 1 122 ? 11.877  5.107   -10.595 1.00 18.51 ? 122  VAL A CG2 1 
ATOM   948  N N   . THR A 1 123 ? 10.527  6.806   -6.429  1.00 11.30 ? 123  THR A N   1 
ATOM   949  C CA  . THR A 1 123 ? 9.685   6.926   -5.248  1.00 11.68 ? 123  THR A CA  1 
ATOM   950  C C   . THR A 1 123 ? 8.367   7.651   -5.527  1.00 14.09 ? 123  THR A C   1 
ATOM   951  O O   . THR A 1 123 ? 8.360   8.740   -6.111  1.00 15.37 ? 123  THR A O   1 
ATOM   952  C CB  . THR A 1 123 ? 10.423  7.681   -4.117  1.00 12.08 ? 123  THR A CB  1 
ATOM   953  O OG1 . THR A 1 123 ? 10.861  8.963   -4.593  1.00 17.76 ? 123  THR A OG1 1 
ATOM   954  C CG2 . THR A 1 123 ? 11.622  6.905   -3.662  1.00 10.59 ? 123  THR A CG2 1 
ATOM   955  N N   . SER A 1 124 ? 7.264   7.059   -5.073  1.00 12.64 ? 124  SER A N   1 
ATOM   956  C CA  . SER A 1 124 ? 5.941   7.639   -5.229  1.00 11.10 ? 124  SER A CA  1 
ATOM   957  C C   . SER A 1 124 ? 5.415   7.965   -3.835  1.00 11.37 ? 124  SER A C   1 
ATOM   958  O O   . SER A 1 124 ? 5.664   7.211   -2.888  1.00 12.34 ? 124  SER A O   1 
ATOM   959  C CB  . SER A 1 124 ? 5.004   6.640   -5.904  1.00 10.99 ? 124  SER A CB  1 
ATOM   960  O OG  . SER A 1 124 ? 3.696   7.168   -6.019  1.00 14.28 ? 124  SER A OG  1 
ATOM   961  N N   . THR A 1 125 ? 4.699   9.080   -3.710  1.00 10.01 ? 125  THR A N   1 
ATOM   962  C CA  . THR A 1 125 ? 4.127   9.499   -2.431  1.00 10.22 ? 125  THR A CA  1 
ATOM   963  C C   . THR A 1 125 ? 2.633   9.766   -2.608  1.00 10.04 ? 125  THR A C   1 
ATOM   964  O O   . THR A 1 125 ? 2.228   10.536  -3.485  1.00 11.27 ? 125  THR A O   1 
ATOM   965  C CB  . THR A 1 125 ? 4.797   10.801  -1.914  1.00 11.32 ? 125  THR A CB  1 
ATOM   966  O OG1 . THR A 1 125 ? 6.217   10.622  -1.840  1.00 14.02 ? 125  THR A OG1 1 
ATOM   967  C CG2 . THR A 1 125 ? 4.265   11.181  -0.537  1.00 12.79 ? 125  THR A CG2 1 
ATOM   968  N N   . ARG A 1 126 ? 1.812   9.104   -1.803  1.00 7.99  ? 126  ARG A N   1 
ATOM   969  C CA  . ARG A 1 126 ? 0.369   9.290   -1.860  1.00 10.19 ? 126  ARG A CA  1 
ATOM   970  C C   . ARG A 1 126 ? -0.126  9.714   -0.490  1.00 11.39 ? 126  ARG A C   1 
ATOM   971  O O   . ARG A 1 126 ? 0.186   9.068   0.513   1.00 11.64 ? 126  ARG A O   1 
ATOM   972  C CB  . ARG A 1 126 ? -0.315  8.012   -2.341  1.00 12.03 ? 126  ARG A CB  1 
ATOM   973  C CG  . ARG A 1 126 ? -0.245  7.897   -3.855  1.00 16.87 ? 126  ARG A CG  1 
ATOM   974  C CD  . ARG A 1 126 ? -0.337  6.475   -4.336  1.00 18.74 ? 126  ARG A CD  1 
ATOM   975  N NE  . ARG A 1 126 ? -1.703  5.979   -4.450  1.00 19.02 ? 126  ARG A NE  1 
ATOM   976  C CZ  . ARG A 1 126 ? -2.528  6.255   -5.462  1.00 21.01 ? 126  ARG A CZ  1 
ATOM   977  N NH1 . ARG A 1 126 ? -2.148  7.053   -6.457  1.00 19.40 ? 126  ARG A NH1 1 
ATOM   978  N NH2 . ARG A 1 126 ? -3.708  5.647   -5.529  1.00 19.72 ? 126  ARG A NH2 1 
ATOM   979  N N   . VAL A 1 127 ? -0.863  10.819  -0.447  1.00 9.82  ? 127  VAL A N   1 
ATOM   980  C CA  . VAL A 1 127 ? -1.361  11.355  0.810   1.00 8.24  ? 127  VAL A CA  1 
ATOM   981  C C   . VAL A 1 127 ? -2.845  11.106  0.967   1.00 8.08  ? 127  VAL A C   1 
ATOM   982  O O   . VAL A 1 127 ? -3.618  11.312  0.033   1.00 9.57  ? 127  VAL A O   1 
ATOM   983  C CB  . VAL A 1 127 ? -1.075  12.875  0.908   1.00 9.15  ? 127  VAL A CB  1 
ATOM   984  C CG1 . VAL A 1 127 ? -1.532  13.424  2.263   1.00 11.81 ? 127  VAL A CG1 1 
ATOM   985  C CG2 . VAL A 1 127 ? 0.410   13.145  0.692   1.00 9.21  ? 127  VAL A CG2 1 
ATOM   986  N N   . TYR A 1 128 ? -3.236  10.659  2.158   1.00 6.68  ? 128  TYR A N   1 
ATOM   987  C CA  . TYR A 1 128 ? -4.623  10.365  2.485   1.00 8.00  ? 128  TYR A CA  1 
ATOM   988  C C   . TYR A 1 128 ? -5.074  11.190  3.681   1.00 9.60  ? 128  TYR A C   1 
ATOM   989  O O   . TYR A 1 128 ? -4.269  11.535  4.546   1.00 8.12  ? 128  TYR A O   1 
ATOM   990  C CB  . TYR A 1 128 ? -4.781  8.887   2.888   1.00 8.75  ? 128  TYR A CB  1 
ATOM   991  C CG  . TYR A 1 128 ? -4.616  7.884   1.770   1.00 9.18  ? 128  TYR A CG  1 
ATOM   992  C CD1 . TYR A 1 128 ? -3.354  7.595   1.234   1.00 10.85 ? 128  TYR A CD1 1 
ATOM   993  C CD2 . TYR A 1 128 ? -5.722  7.221   1.244   1.00 10.47 ? 128  TYR A CD2 1 
ATOM   994  C CE1 . TYR A 1 128 ? -3.207  6.679   0.195   1.00 11.18 ? 128  TYR A CE1 1 
ATOM   995  C CE2 . TYR A 1 128 ? -5.588  6.309   0.209   1.00 10.39 ? 128  TYR A CE2 1 
ATOM   996  C CZ  . TYR A 1 128 ? -4.329  6.036   -0.308  1.00 12.35 ? 128  TYR A CZ  1 
ATOM   997  O OH  . TYR A 1 128 ? -4.227  5.117   -1.327  1.00 16.20 ? 128  TYR A OH  1 
ATOM   998  N N   . GLU A 1 129 ? -6.367  11.495  3.728   1.00 9.28  ? 129  GLU A N   1 
ATOM   999  C CA  . GLU A 1 129 ? -6.927  12.206  4.868   1.00 11.09 ? 129  GLU A CA  1 
ATOM   1000 C C   . GLU A 1 129 ? -8.103  11.352  5.339   1.00 8.39  ? 129  GLU A C   1 
ATOM   1001 O O   . GLU A 1 129 ? -8.590  10.516  4.587   1.00 10.00 ? 129  GLU A O   1 
ATOM   1002 C CB  . GLU A 1 129 ? -7.365  13.631  4.502   1.00 13.07 ? 129  GLU A CB  1 
ATOM   1003 C CG  . GLU A 1 129 ? -8.603  13.751  3.620   1.00 20.25 ? 129  GLU A CG  1 
ATOM   1004 C CD  . GLU A 1 129 ? -8.957  15.205  3.288   1.00 23.96 ? 129  GLU A CD  1 
ATOM   1005 O OE1 . GLU A 1 129 ? -8.091  16.102  3.472   1.00 23.67 ? 129  GLU A OE1 1 
ATOM   1006 O OE2 . GLU A 1 129 ? -10.101 15.439  2.831   1.00 23.83 ? 129  GLU A OE2 1 
ATOM   1007 N N   . ARG A 1 130 ? -8.510  11.504  6.595   1.00 10.56 ? 130  ARG A N   1 
ATOM   1008 C CA  . ARG A 1 130 ? -9.623  10.715  7.121   1.00 11.95 ? 130  ARG A CA  1 
ATOM   1009 C C   . ARG A 1 130 ? -10.899 11.012  6.356   1.00 12.03 ? 130  ARG A C   1 
ATOM   1010 O O   . ARG A 1 130 ? -11.172 12.163  6.010   1.00 12.84 ? 130  ARG A O   1 
ATOM   1011 C CB  . ARG A 1 130 ? -9.839  10.976  8.619   1.00 15.58 ? 130  ARG A CB  1 
ATOM   1012 C CG  . ARG A 1 130 ? -8.733  10.435  9.504   1.00 17.06 ? 130  ARG A CG  1 
ATOM   1013 C CD  . ARG A 1 130 ? -9.081  10.514  10.985  1.00 21.46 ? 130  ARG A CD  1 
ATOM   1014 N NE  . ARG A 1 130 ? -7.994  10.011  11.830  1.00 21.89 ? 130  ARG A NE  1 
ATOM   1015 C CZ  . ARG A 1 130 ? -7.790  8.727   12.113  1.00 21.69 ? 130  ARG A CZ  1 
ATOM   1016 N NH1 . ARG A 1 130 ? -8.597  7.788   11.624  1.00 18.20 ? 130  ARG A NH1 1 
ATOM   1017 N NH2 . ARG A 1 130 ? -6.773  8.377   12.895  1.00 22.42 ? 130  ARG A NH2 1 
ATOM   1018 N N   . ALA A 1 131 ? -11.651 9.965   6.053   1.00 11.93 ? 131  ALA A N   1 
ATOM   1019 C CA  . ALA A 1 131 ? -12.900 10.120  5.330   1.00 14.44 ? 131  ALA A CA  1 
ATOM   1020 C C   . ALA A 1 131 ? -14.026 10.550  6.278   1.00 16.49 ? 131  ALA A C   1 
ATOM   1021 O O   . ALA A 1 131 ? -13.930 10.263  7.490   1.00 17.91 ? 131  ALA A O   1 
ATOM   1022 C CB  . ALA A 1 131 ? -13.254 8.826   4.618   1.00 13.75 ? 131  ALA A CB  1 
ATOM   1023 O OXT . ALA A 1 131 ? -14.991 11.184  5.802   1.00 18.91 ? 131  ALA A OXT 1 
HETATM 1024 C C1  . HDS B 2 .   ? -0.429  2.067   -3.217  0.60 30.00 ? 133  HDS A C1  1 
HETATM 1025 C C2  . HDS B 2 .   ? -0.366  0.636   -2.647  0.60 31.22 ? 133  HDS A C2  1 
HETATM 1026 C C3  . HDS B 2 .   ? 0.583   -0.255  -3.434  0.60 31.69 ? 133  HDS A C3  1 
HETATM 1027 C C4  . HDS B 2 .   ? 0.199   -0.309  -4.904  0.60 32.62 ? 133  HDS A C4  1 
HETATM 1028 C C5  . HDS B 2 .   ? 1.011   -1.347  -5.653  0.60 31.97 ? 133  HDS A C5  1 
HETATM 1029 C C6  . HDS B 2 .   ? 0.848   -1.228  -7.165  0.60 32.70 ? 133  HDS A C6  1 
HETATM 1030 C C7  . HDS B 2 .   ? -0.568  -1.537  -7.629  0.60 32.06 ? 133  HDS A C7  1 
HETATM 1031 C C8  . HDS B 2 .   ? -0.677  -1.367  -9.135  0.60 32.90 ? 133  HDS A C8  1 
HETATM 1032 C C9  . HDS B 2 .   ? -2.031  -1.803  -9.666  0.60 33.05 ? 133  HDS A C9  1 
HETATM 1033 C C10 . HDS B 2 .   ? -3.159  -0.900  -9.204  0.60 34.57 ? 133  HDS A C10 1 
HETATM 1034 C C11 . HDS B 2 .   ? -4.490  -1.437  -9.701  0.60 34.61 ? 133  HDS A C11 1 
HETATM 1035 C C12 . HDS B 2 .   ? -5.655  -0.532  -9.324  0.60 35.24 ? 133  HDS A C12 1 
HETATM 1036 C C13 . HDS B 2 .   ? -6.986  -1.167  -9.705  0.60 35.20 ? 133  HDS A C13 1 
HETATM 1037 C C14 . HDS B 2 .   ? -7.003  -1.576  -11.167 0.60 35.03 ? 133  HDS A C14 1 
HETATM 1038 C C15 . HDS B 2 .   ? -8.253  -2.354  -11.512 0.60 34.77 ? 133  HDS A C15 1 
HETATM 1039 C C16 . HDS B 2 .   ? -8.163  -2.929  -12.903 0.60 34.54 ? 133  HDS A C16 1 
HETATM 1040 S S1  . HDS B 2 .   ? -1.828  2.939   -2.437  0.60 29.05 ? 133  HDS A S1  1 
HETATM 1041 O O1S . HDS B 2 .   ? -2.209  2.136   -1.311  0.60 30.86 ? 133  HDS A O1S 1 
HETATM 1042 O O2S . HDS B 2 .   ? -2.962  3.023   -3.292  0.60 30.44 ? 133  HDS A O2S 1 
HETATM 1043 O O3S . HDS B 2 .   ? -1.512  4.201   -1.888  0.60 29.74 ? 133  HDS A O3S 1 
HETATM 1044 C C1  . PPI C 3 .   ? 0.819   10.628  -10.306 0.93 27.78 ? 134  PPI A C1  1 
HETATM 1045 C C2  . PPI C 3 .   ? 0.191   11.985  -10.596 0.93 31.28 ? 134  PPI A C2  1 
HETATM 1046 C C3  . PPI C 3 .   ? 1.104   13.160  -10.244 0.93 35.49 ? 134  PPI A C3  1 
HETATM 1047 O O1  . PPI C 3 .   ? 0.942   10.268  -9.116  0.93 22.16 ? 134  PPI A O1  1 
HETATM 1048 O O2  . PPI C 3 .   ? 1.189   9.913   -11.263 0.93 28.12 ? 134  PPI A O2  1 
HETATM 1049 O O   . HOH D 4 .   ? 12.096  -3.969  6.602   1.00 30.65 ? 1003 HOH A O   1 
HETATM 1050 O O   . HOH D 4 .   ? -11.199 7.334   9.902   1.00 26.22 ? 1007 HOH A O   1 
HETATM 1051 O O   . HOH D 4 .   ? 7.275   10.937  -4.329  1.00 24.80 ? 1014 HOH A O   1 
HETATM 1052 O O   . HOH D 4 .   ? 5.633   12.189  -12.470 1.00 42.29 ? 1015 HOH A O   1 
HETATM 1053 O O   . HOH D 4 .   ? -1.494  6.373   -13.912 0.80 19.73 ? 1017 HOH A O   1 
HETATM 1054 O O   . HOH D 4 .   ? 4.268   9.275   -12.496 1.00 26.50 ? 1018 HOH A O   1 
HETATM 1055 O O   . HOH D 4 .   ? 3.831   -0.415  -20.530 1.00 37.67 ? 1030 HOH A O   1 
HETATM 1056 O O   . HOH D 4 .   ? -14.602 8.965   1.197   1.00 52.19 ? 1039 HOH A O   1 
HETATM 1057 O O   . HOH D 4 .   ? -9.812  -3.123  7.158   0.80 19.76 ? 1041 HOH A O   1 
HETATM 1058 O O   . HOH D 4 .   ? -11.571 0.742   10.732  1.00 22.03 ? 1042 HOH A O   1 
HETATM 1059 O O   . HOH D 4 .   ? -10.082 -6.317  11.658  1.00 21.67 ? 1043 HOH A O   1 
HETATM 1060 O O   . HOH D 4 .   ? 1.991   -16.634 7.229   1.00 21.22 ? 1044 HOH A O   1 
HETATM 1061 O O   . HOH D 4 .   ? -12.340 -7.420  12.887  1.00 25.73 ? 1045 HOH A O   1 
HETATM 1062 O O   . HOH D 4 .   ? 0.537   -8.199  14.775  1.00 18.50 ? 1047 HOH A O   1 
HETATM 1063 O O   . HOH D 4 .   ? -7.778  -7.854  11.574  1.00 17.00 ? 1048 HOH A O   1 
HETATM 1064 O O   . HOH D 4 .   ? -7.833  -0.602  -4.960  1.00 43.15 ? 1053 HOH A O   1 
HETATM 1065 O O   . HOH D 4 .   ? -17.472 -2.816  1.073   1.00 50.58 ? 1054 HOH A O   1 
HETATM 1066 O O   . HOH D 4 .   ? -15.586 -0.718  -4.187  1.00 28.84 ? 1055 HOH A O   1 
HETATM 1067 O O   . HOH D 4 .   ? -4.864  -4.178  0.514   1.00 24.23 ? 1060 HOH A O   1 
HETATM 1068 O O   . HOH D 4 .   ? -8.208  -11.275 4.407   1.00 31.43 ? 1061 HOH A O   1 
HETATM 1069 O O   . HOH D 4 .   ? -1.645  -13.551 7.100   1.00 34.37 ? 1063 HOH A O   1 
HETATM 1070 O O   . HOH D 4 .   ? 1.068   -12.813 8.658   1.00 14.95 ? 1065 HOH A O   1 
HETATM 1071 O O   . HOH D 4 .   ? 3.905   -9.401  8.236   1.00 9.86  ? 1068 HOH A O   1 
HETATM 1072 O O   . HOH D 4 .   ? -0.001  -16.589 3.414   1.00 15.23 ? 1071 HOH A O   1 
HETATM 1073 O O   . HOH D 4 .   ? -3.093  -6.219  -1.845  1.00 24.88 ? 1072 HOH A O   1 
HETATM 1074 O O   . HOH D 4 .   ? -3.974  -11.026 -1.047  1.00 22.88 ? 1073 HOH A O   1 
HETATM 1075 O O   . HOH D 4 .   ? -2.318  -4.355  -4.229  1.00 20.26 ? 1075 HOH A O   1 
HETATM 1076 O O   . HOH D 4 .   ? 3.941   -12.759 -9.695  1.00 34.01 ? 1079 HOH A O   1 
HETATM 1077 O O   . HOH D 4 .   ? 8.786   -10.316 1.934   1.00 25.53 ? 1081 HOH A O   1 
HETATM 1078 O O   . HOH D 4 .   ? 9.413   -5.118  7.178   1.00 15.55 ? 1085 HOH A O   1 
HETATM 1079 O O   . HOH D 4 .   ? 9.456   7.883   13.092  1.00 41.74 ? 1088 HOH A O   1 
HETATM 1080 O O   . HOH D 4 .   ? 7.533   1.566   16.281  1.00 36.50 ? 1089 HOH A O   1 
HETATM 1081 O O   . HOH D 4 .   ? 3.596   -2.869  -4.964  1.00 20.37 ? 1095 HOH A O   1 
HETATM 1082 O O   . HOH D 4 .   ? 13.053  -11.688 -4.314  1.00 38.64 ? 1100 HOH A O   1 
HETATM 1083 O O   . HOH D 4 .   ? 13.507  -1.811  -5.197  1.00 38.39 ? 1101 HOH A O   1 
HETATM 1084 O O   . HOH D 4 .   ? 8.885   2.809   0.924   1.00 38.46 ? 1103 HOH A O   1 
HETATM 1085 O O   . HOH D 4 .   ? -2.478  0.032   0.933   1.00 54.93 ? 1106 HOH A O   1 
HETATM 1086 O O   . HOH D 4 .   ? 0.131   16.893  7.370   1.00 36.64 ? 1109 HOH A O   1 
HETATM 1087 O O   . HOH D 4 .   ? -7.157  13.734  8.084   1.00 15.70 ? 1111 HOH A O   1 
HETATM 1088 O O   . HOH D 4 .   ? 8.255   8.100   3.651   1.00 34.55 ? 1116 HOH A O   1 
HETATM 1089 O O   . HOH D 4 .   ? 9.878   11.669  -5.440  1.00 25.57 ? 1123 HOH A O   1 
HETATM 1090 O O   . HOH D 4 .   ? 1.664   13.397  -2.859  1.00 25.27 ? 1125 HOH A O   1 
HETATM 1091 O O   . HOH D 4 .   ? -5.978  2.947   -1.220  1.00 53.69 ? 1128 HOH A O   1 
HETATM 1092 O O   . HOH D 4 .   ? -6.178  12.334  11.653  1.00 17.67 ? 1130 HOH A O   1 
HETATM 1093 O O   . HOH D 4 .   ? -13.302 2.701   9.619   1.00 38.91 ? 2007 HOH A O   1 
HETATM 1094 O O   . HOH D 4 .   ? 9.411   5.113   -13.938 1.00 35.17 ? 2018 HOH A O   1 
HETATM 1095 O O   . HOH D 4 .   ? -9.739  -1.508  14.472  0.80 17.82 ? 2044 HOH A O   1 
HETATM 1096 O O   . HOH D 4 .   ? -4.103  -2.074  -3.427  1.00 36.12 ? 2060 HOH A O   1 
HETATM 1097 O O   . HOH D 4 .   ? -7.550  -11.118 -0.067  1.00 73.22 ? 2061 HOH A O   1 
HETATM 1098 O O   . HOH D 4 .   ? -4.242  -11.990 3.846   1.00 23.07 ? 2063 HOH A O   1 
HETATM 1099 O O   . HOH D 4 .   ? 3.005   -15.659 -3.115  1.00 38.81 ? 2071 HOH A O   1 
HETATM 1100 O O   . HOH D 4 .   ? -0.033  -3.765  -0.253  1.00 25.87 ? 2072 HOH A O   1 
HETATM 1101 O O   . HOH D 4 .   ? 10.547  3.915   9.958   1.00 34.91 ? 2087 HOH A O   1 
HETATM 1102 O O   . HOH D 4 .   ? 2.045   5.063   14.715  1.00 37.52 ? 2089 HOH A O   1 
HETATM 1103 O O   . HOH D 4 .   ? 0.194   -4.263  -3.424  1.00 53.20 ? 2095 HOH A O   1 
HETATM 1104 O O   . HOH D 4 .   ? 14.300  -4.923  -6.818  1.00 26.56 ? 2101 HOH A O   1 
HETATM 1105 O O   . HOH D 4 .   ? 13.019  -3.290  -1.137  1.00 30.19 ? 2103 HOH A O   1 
HETATM 1106 O O   . HOH D 4 .   ? 3.497   -0.413  4.955   1.00 11.55 ? 2106 HOH A O   1 
HETATM 1107 O O   . HOH D 4 .   ? -1.450  18.158  10.375  1.00 45.70 ? 2111 HOH A O   1 
HETATM 1108 O O   . HOH D 4 .   ? 11.162  9.009   -8.114  1.00 42.49 ? 2123 HOH A O   1 
HETATM 1109 O O   . HOH D 4 .   ? -9.756  14.754  7.145   1.00 46.66 ? 2130 HOH A O   1 
HETATM 1110 O O   . HOH D 4 .   ? 3.920   7.206   11.647  1.00 19.83 ? 3089 HOH A O   1 
HETATM 1111 O O   . HOH D 4 .   ? -2.752  -11.493 1.550   1.00 55.67 ? 4071 HOH A O   1 
HETATM 1112 O O   . HOH D 4 .   ? 1.692   3.964   18.959  1.00 58.48 ? 8003 HOH A O   1 
HETATM 1113 O O   . HOH D 4 .   ? 12.816  -1.674  4.278   1.00 50.36 ? 9003 HOH A O   1 
HETATM 1114 O O   . HOH D 4 .   ? 4.230   9.772   -15.304 1.00 32.09 ? 9015 HOH A O   1 
HETATM 1115 O O   . HOH D 4 .   ? -12.180 -0.157  13.570  1.00 32.08 ? 9065 HOH A O   1 
HETATM 1116 O O   . HOH D 4 .   ? -1.968  -15.618 5.289   1.00 29.48 ? 9071 HOH A O   1 
# 
